data_4R68
#
_entry.id   4R68
#
_cell.length_a   77.642
_cell.length_b   81.070
_cell.length_c   102.476
_cell.angle_alpha   90.00
_cell.angle_beta   98.75
_cell.angle_gamma   90.00
#
_symmetry.space_group_name_H-M   'P 1 21 1'
#
loop_
_entity.id
_entity.type
_entity.pdbx_description
1 polymer 'L-lactate dehydrogenase A chain'
2 non-polymer '1,4-DIHYDRONICOTINAMIDE ADENINE DINUCLEOTIDE'
3 non-polymer '4-(2-HYDROXYETHYL)-1-PIPERAZINE ETHANESULFONIC ACID'
4 non-polymer '(1S)-1-phenylethyl (4-chloro-3-{[(4S)-4-(2,6-dichlorophenyl)-2-hydroxy-6-oxocyclohex-1-en-1-yl]sulfanyl}phenyl)acetate'
5 non-polymer 'SULFATE ION'
6 water water
#
_entity_poly.entity_id   1
_entity_poly.type   'polypeptide(L)'
_entity_poly.pdbx_seq_one_letter_code
;ATLKDQLIYNLLKEEQTPQNKITVVGVGAVGMACAISILMKDLADELALVDVIEDKLKGEMMDLQHGSLFLRTPKIVSGK
DYNVTANSKLVIITAGARQQEGESRLNLVQRNVNIFKFIIPNVVKYSPNCKLLIVSNPVDILTYVAWKISGFPKNRVIGS
GCNLDSARFRYLMGERLGVHPLSCHGWVLGEHGDSSVPVWSGMNVAGVSLKTLHPDLGTDKDKEQWKEVHKQVVESAYEV
IKLKGYTSWAIGLSVADLAESIMKNLRRVHPVSTMIKGLYGIKDDVFLSVPCILGQNGISDLVKVTLTSEEEARLKKSAD
TLWGIQKELQF
;
_entity_poly.pdbx_strand_id   A,B,C,D
#
# COMPACT_ATOMS: atom_id res chain seq x y z
N ALA A 1 7.82 41.35 5.43
CA ALA A 1 7.13 40.07 5.32
C ALA A 1 8.11 38.97 4.94
N THR A 2 7.98 37.82 5.61
CA THR A 2 8.77 36.64 5.30
C THR A 2 8.22 36.00 4.03
N LEU A 3 9.04 35.19 3.37
CA LEU A 3 8.61 34.53 2.14
C LEU A 3 7.42 33.59 2.41
N LYS A 4 7.47 32.90 3.55
CA LYS A 4 6.40 32.00 3.94
C LYS A 4 5.06 32.74 4.04
N ASP A 5 5.08 33.92 4.65
CA ASP A 5 3.85 34.69 4.78
C ASP A 5 3.39 35.31 3.46
N GLN A 6 4.33 35.67 2.59
CA GLN A 6 3.96 36.16 1.27
C GLN A 6 3.32 35.03 0.47
N LEU A 7 3.83 33.82 0.64
CA LEU A 7 3.37 32.66 -0.13
C LEU A 7 2.07 32.06 0.42
N ILE A 8 1.94 32.07 1.74
CA ILE A 8 0.89 31.32 2.40
C ILE A 8 0.08 32.17 3.37
N TYR A 9 -1.23 32.18 3.20
CA TYR A 9 -2.13 32.76 4.20
C TYR A 9 -2.56 31.71 5.20
N ASN A 10 -2.34 31.98 6.49
CA ASN A 10 -2.68 31.03 7.54
C ASN A 10 -4.12 31.19 8.04
N LEU A 11 -4.89 30.09 8.10
CA LEU A 11 -6.27 30.16 8.61
C LEU A 11 -6.34 29.99 10.12
N LEU A 12 -5.46 29.15 10.67
CA LEU A 12 -5.42 28.97 12.12
C LEU A 12 -4.09 28.38 12.50
N LYS A 13 -3.64 28.67 13.71
CA LYS A 13 -2.29 28.32 14.08
C LYS A 13 -2.25 26.98 14.78
N GLU A 14 -3.16 26.09 14.40
CA GLU A 14 -3.05 24.68 14.80
C GLU A 14 -3.23 24.66 16.34
N GLU A 15 -2.89 23.62 17.11
CA GLU A 15 -2.38 22.30 16.70
C GLU A 15 -3.00 21.22 17.60
N GLN A 16 -3.49 20.15 16.98
CA GLN A 16 -4.12 19.08 17.72
C GLN A 16 -3.13 18.20 18.47
N THR A 17 -3.52 17.84 19.69
CA THR A 17 -2.90 16.72 20.40
C THR A 17 -2.79 15.56 19.41
N PRO A 18 -1.66 14.83 19.46
CA PRO A 18 -1.42 13.72 18.53
C PRO A 18 -2.61 12.76 18.45
N GLN A 19 -2.97 12.31 17.26
CA GLN A 19 -4.15 11.48 17.05
C GLN A 19 -3.86 9.99 16.82
N ASN A 20 -2.78 9.70 16.12
CA ASN A 20 -2.46 8.31 15.80
C ASN A 20 -0.99 8.05 16.00
N LYS A 21 -0.52 8.28 17.22
CA LYS A 21 0.90 8.36 17.51
C LYS A 21 1.47 7.04 18.01
N ILE A 22 2.68 6.72 17.57
CA ILE A 22 3.40 5.57 18.04
C ILE A 22 4.76 6.01 18.56
N THR A 23 5.17 5.49 19.70
CA THR A 23 6.52 5.66 20.20
C THR A 23 7.28 4.33 20.14
N VAL A 24 8.53 4.38 19.66
CA VAL A 24 9.43 3.25 19.76
C VAL A 24 10.56 3.61 20.71
N VAL A 25 10.74 2.80 21.75
CA VAL A 25 11.75 3.06 22.75
C VAL A 25 12.91 2.08 22.59
N GLY A 26 14.08 2.63 22.32
CA GLY A 26 15.26 1.85 22.05
C GLY A 26 15.44 1.79 20.56
N VAL A 27 16.48 2.45 20.05
CA VAL A 27 16.67 2.53 18.61
C VAL A 27 17.88 1.72 18.15
N GLY A 28 17.95 0.48 18.63
CA GLY A 28 18.93 -0.45 18.12
C GLY A 28 18.36 -1.03 16.84
N ALA A 29 18.92 -2.14 16.38
CA ALA A 29 18.48 -2.77 15.14
C ALA A 29 17.00 -3.14 15.15
N VAL A 30 16.56 -3.74 16.25
CA VAL A 30 15.16 -4.12 16.41
C VAL A 30 14.23 -2.89 16.38
N GLY A 31 14.55 -1.89 17.20
CA GLY A 31 13.72 -0.71 17.28
C GLY A 31 13.62 0.02 15.95
N MET A 32 14.76 0.18 15.29
CA MET A 32 14.75 0.87 14.01
C MET A 32 14.09 0.05 12.89
N ALA A 33 14.20 -1.27 12.96
CA ALA A 33 13.50 -2.08 11.98
C ALA A 33 11.98 -2.00 12.22
N CYS A 34 11.55 -1.88 13.48
CA CYS A 34 10.13 -1.67 13.75
C CYS A 34 9.72 -0.30 13.23
N ALA A 35 10.62 0.67 13.34
CA ALA A 35 10.32 2.03 12.94
C ALA A 35 10.08 2.10 11.43
N ILE A 36 11.02 1.55 10.67
CA ILE A 36 10.90 1.62 9.23
C ILE A 36 9.67 0.86 8.74
N SER A 37 9.37 -0.28 9.37
CA SER A 37 8.24 -1.07 8.94
C SER A 37 6.94 -0.35 9.24
N ILE A 38 6.85 0.24 10.43
CA ILE A 38 5.69 1.04 10.80
C ILE A 38 5.53 2.22 9.84
N LEU A 39 6.65 2.83 9.47
CA LEU A 39 6.59 4.01 8.60
C LEU A 39 6.13 3.64 7.20
N MET A 40 6.59 2.50 6.70
CA MET A 40 6.26 2.01 5.37
CA MET A 40 6.23 2.10 5.34
C MET A 40 4.84 1.49 5.25
N LYS A 41 4.17 1.31 6.40
CA LYS A 41 2.80 0.83 6.41
C LYS A 41 1.77 1.87 6.83
N ASP A 42 2.18 3.12 6.95
CA ASP A 42 1.26 4.22 7.18
C ASP A 42 0.38 3.98 8.39
N LEU A 43 0.97 3.49 9.48
CA LEU A 43 0.19 3.14 10.66
C LEU A 43 0.01 4.30 11.63
N ALA A 44 0.88 5.31 11.53
CA ALA A 44 0.89 6.42 12.49
C ALA A 44 0.97 7.77 11.81
N ASP A 45 0.40 8.80 12.43
CA ASP A 45 0.56 10.16 11.92
C ASP A 45 1.64 10.92 12.67
N GLU A 46 2.12 10.34 13.77
CA GLU A 46 3.29 10.86 14.46
C GLU A 46 4.07 9.69 15.04
N LEU A 47 5.39 9.70 14.84
CA LEU A 47 6.28 8.68 15.38
C LEU A 47 7.34 9.32 16.29
N ALA A 48 7.51 8.75 17.48
CA ALA A 48 8.54 9.21 18.40
C ALA A 48 9.56 8.11 18.74
N LEU A 49 10.83 8.50 18.76
CA LEU A 49 11.94 7.60 19.12
C LEU A 49 12.57 8.05 20.43
N VAL A 50 12.84 7.10 21.32
CA VAL A 50 13.54 7.38 22.57
C VAL A 50 14.70 6.41 22.70
N ASP A 51 15.81 6.89 23.27
CA ASP A 51 16.94 6.04 23.63
C ASP A 51 17.78 6.82 24.65
N VAL A 52 18.78 6.18 25.24
CA VAL A 52 19.66 6.91 26.16
C VAL A 52 20.95 7.34 25.49
N ILE A 53 21.22 6.79 24.31
CA ILE A 53 22.38 7.22 23.54
C ILE A 53 21.95 8.34 22.61
N GLU A 54 22.39 9.55 22.92
CA GLU A 54 21.81 10.71 22.27
C GLU A 54 22.22 10.97 20.83
N ASP A 55 23.49 10.80 20.48
CA ASP A 55 23.90 11.04 19.10
CA ASP A 55 23.91 11.04 19.10
C ASP A 55 23.27 10.04 18.15
N LYS A 56 23.33 8.76 18.49
CA LYS A 56 22.68 7.69 17.75
C LYS A 56 21.19 8.00 17.57
N LEU A 57 20.51 8.35 18.66
CA LEU A 57 19.09 8.71 18.62
C LEU A 57 18.83 9.82 17.62
N LYS A 58 19.59 10.91 17.73
CA LYS A 58 19.41 12.03 16.82
C LYS A 58 19.69 11.67 15.36
N GLY A 59 20.77 10.92 15.14
CA GLY A 59 21.12 10.51 13.78
C GLY A 59 20.05 9.64 13.14
N GLU A 60 19.53 8.68 13.90
CA GLU A 60 18.46 7.84 13.39
C GLU A 60 17.21 8.64 13.01
N MET A 61 16.83 9.59 13.87
CA MET A 61 15.69 10.46 13.59
C MET A 61 15.90 11.29 12.33
N MET A 62 17.08 11.88 12.18
CA MET A 62 17.35 12.70 11.00
C MET A 62 17.27 11.85 9.73
N ASP A 63 17.78 10.63 9.81
CA ASP A 63 17.82 9.72 8.67
C ASP A 63 16.40 9.39 8.25
N LEU A 64 15.54 9.08 9.22
CA LEU A 64 14.12 8.84 8.92
C LEU A 64 13.48 10.08 8.33
N GLN A 65 13.68 11.24 8.96
CA GLN A 65 13.13 12.51 8.47
C GLN A 65 13.53 12.82 7.05
N HIS A 66 14.77 12.50 6.71
CA HIS A 66 15.25 12.73 5.36
C HIS A 66 14.50 11.90 4.32
N GLY A 67 13.91 10.78 4.75
CA GLY A 67 13.06 9.99 3.88
C GLY A 67 11.61 10.47 3.77
N SER A 68 11.27 11.59 4.40
CA SER A 68 9.88 12.07 4.48
C SER A 68 9.18 12.17 3.12
N LEU A 69 9.92 12.62 2.11
CA LEU A 69 9.38 12.80 0.77
C LEU A 69 8.71 11.50 0.31
N PHE A 70 9.22 10.37 0.78
CA PHE A 70 8.74 9.08 0.32
C PHE A 70 7.82 8.41 1.31
N LEU A 71 7.47 9.13 2.37
CA LEU A 71 6.63 8.59 3.42
C LEU A 71 5.36 9.40 3.55
N ARG A 72 4.42 8.91 4.36
CA ARG A 72 3.17 9.60 4.64
C ARG A 72 2.92 9.64 6.15
N THR A 73 3.99 9.86 6.89
CA THR A 73 3.94 10.02 8.34
C THR A 73 4.65 11.34 8.58
N PRO A 74 3.87 12.41 8.79
CA PRO A 74 4.40 13.76 8.61
C PRO A 74 5.19 14.31 9.79
N LYS A 75 5.10 13.71 10.97
CA LYS A 75 5.87 14.19 12.10
C LYS A 75 6.70 13.08 12.72
N ILE A 76 8.02 13.24 12.69
CA ILE A 76 8.94 12.28 13.29
C ILE A 76 9.83 13.01 14.29
N VAL A 77 9.77 12.58 15.54
CA VAL A 77 10.51 13.30 16.58
C VAL A 77 11.29 12.33 17.42
N SER A 78 12.21 12.87 18.23
CA SER A 78 12.95 12.02 19.14
C SER A 78 13.50 12.82 20.31
N GLY A 79 13.84 12.12 21.39
CA GLY A 79 14.40 12.77 22.55
C GLY A 79 14.70 11.76 23.64
N LYS A 80 15.70 12.07 24.45
CA LYS A 80 15.98 11.34 25.69
C LYS A 80 14.82 11.60 26.66
N ASP A 81 14.20 12.76 26.53
CA ASP A 81 13.13 13.19 27.43
C ASP A 81 11.82 12.62 26.92
N TYR A 82 11.02 12.05 27.82
CA TYR A 82 9.80 11.36 27.40
C TYR A 82 8.64 12.28 27.00
N ASN A 83 8.81 13.59 27.14
CA ASN A 83 7.78 14.51 26.67
C ASN A 83 7.55 14.43 25.17
N VAL A 84 8.56 13.95 24.45
CA VAL A 84 8.44 13.70 23.01
C VAL A 84 7.45 12.57 22.73
N THR A 85 7.14 11.79 23.76
CA THR A 85 6.31 10.61 23.58
C THR A 85 4.85 10.86 23.95
N ALA A 86 4.53 12.07 24.41
CA ALA A 86 3.20 12.37 24.94
C ALA A 86 2.10 11.96 24.00
N ASN A 87 1.03 11.41 24.58
CA ASN A 87 -0.17 11.07 23.83
C ASN A 87 0.00 10.01 22.73
N SER A 88 0.87 9.03 22.96
CA SER A 88 1.00 7.91 22.04
C SER A 88 -0.17 6.92 22.24
N LYS A 89 -0.73 6.41 21.15
CA LYS A 89 -1.72 5.34 21.24
C LYS A 89 -1.03 4.06 21.61
N LEU A 90 0.19 3.91 21.13
CA LEU A 90 0.91 2.66 21.22
C LEU A 90 2.39 2.91 21.49
N VAL A 91 2.93 2.27 22.52
CA VAL A 91 4.33 2.42 22.82
C VAL A 91 5.01 1.08 22.78
N ILE A 92 6.04 0.99 21.94
CA ILE A 92 6.74 -0.26 21.66
C ILE A 92 8.10 -0.25 22.32
N ILE A 93 8.33 -1.19 23.23
CA ILE A 93 9.58 -1.22 24.00
C ILE A 93 10.56 -2.23 23.45
N THR A 94 11.66 -1.73 22.89
CA THR A 94 12.67 -2.62 22.34
C THR A 94 14.02 -2.31 22.96
N ALA A 95 14.02 -1.64 24.10
CA ALA A 95 15.25 -1.27 24.78
C ALA A 95 15.76 -2.45 25.59
N GLY A 96 17.08 -2.57 25.73
CA GLY A 96 17.66 -3.61 26.55
C GLY A 96 19.19 -3.52 26.71
N ALA A 97 19.72 -4.30 27.65
CA ALA A 97 21.16 -4.36 27.88
C ALA A 97 21.84 -5.32 26.91
N ARG A 98 23.13 -5.09 26.68
CA ARG A 98 23.92 -6.04 25.90
C ARG A 98 24.36 -7.19 26.77
N GLN A 99 23.94 -8.40 26.39
CA GLN A 99 24.32 -9.61 27.10
C GLN A 99 25.80 -9.90 26.89
N GLN A 100 26.53 -9.97 28.01
CA GLN A 100 27.98 -10.13 27.96
C GLN A 100 28.41 -11.60 28.02
N GLU A 101 29.49 -11.91 27.31
CA GLU A 101 30.03 -13.26 27.26
C GLU A 101 30.18 -13.88 28.65
N GLY A 102 29.42 -14.93 28.91
CA GLY A 102 29.49 -15.62 30.17
C GLY A 102 28.45 -15.16 31.16
N GLU A 103 27.65 -14.17 30.78
CA GLU A 103 26.55 -13.76 31.64
C GLU A 103 25.38 -14.72 31.47
N SER A 104 24.80 -15.15 32.58
CA SER A 104 23.60 -16.00 32.52
C SER A 104 22.44 -15.19 31.97
N ARG A 105 21.53 -15.86 31.26
CA ARG A 105 20.28 -15.21 30.85
C ARG A 105 19.49 -14.85 32.12
N LEU A 106 19.81 -15.54 33.21
CA LEU A 106 19.21 -15.25 34.51
C LEU A 106 19.41 -13.80 34.97
N ASN A 107 20.64 -13.41 35.28
CA ASN A 107 20.84 -12.04 35.74
C ASN A 107 20.80 -11.01 34.60
N LEU A 108 20.73 -11.48 33.36
CA LEU A 108 20.43 -10.58 32.25
C LEU A 108 19.07 -9.97 32.50
N VAL A 109 18.13 -10.81 32.95
CA VAL A 109 16.77 -10.36 33.26
C VAL A 109 16.76 -9.14 34.17
N GLN A 110 17.39 -9.27 35.34
CA GLN A 110 17.40 -8.18 36.31
C GLN A 110 18.06 -6.92 35.76
N ARG A 111 19.09 -7.06 34.93
CA ARG A 111 19.67 -5.88 34.29
C ARG A 111 18.62 -5.19 33.41
N ASN A 112 17.79 -5.99 32.75
CA ASN A 112 16.76 -5.42 31.92
C ASN A 112 15.62 -4.84 32.74
N VAL A 113 15.34 -5.44 33.89
CA VAL A 113 14.34 -4.90 34.81
C VAL A 113 14.73 -3.49 35.27
N ASN A 114 16.00 -3.31 35.59
CA ASN A 114 16.51 -2.00 35.98
C ASN A 114 16.29 -0.95 34.90
N ILE A 115 16.44 -1.37 33.64
CA ILE A 115 16.15 -0.49 32.51
C ILE A 115 14.66 -0.13 32.52
N PHE A 116 13.81 -1.14 32.65
CA PHE A 116 12.35 -0.91 32.69
C PHE A 116 11.88 -0.05 33.87
N LYS A 117 12.57 -0.16 35.02
CA LYS A 117 12.24 0.66 36.17
C LYS A 117 12.30 2.15 35.83
N PHE A 118 13.16 2.49 34.89
CA PHE A 118 13.27 3.87 34.45
C PHE A 118 12.29 4.15 33.30
N ILE A 119 12.20 3.20 32.36
CA ILE A 119 11.40 3.40 31.16
C ILE A 119 9.90 3.45 31.42
N ILE A 120 9.38 2.44 32.11
CA ILE A 120 7.93 2.30 32.24
C ILE A 120 7.21 3.49 32.92
N PRO A 121 7.69 3.93 34.10
CA PRO A 121 7.05 5.10 34.71
C PRO A 121 7.07 6.33 33.81
N ASN A 122 8.15 6.50 33.04
CA ASN A 122 8.22 7.62 32.11
C ASN A 122 7.16 7.52 31.00
N VAL A 123 6.92 6.31 30.50
CA VAL A 123 5.93 6.11 29.45
C VAL A 123 4.53 6.40 29.99
N VAL A 124 4.27 5.91 31.19
CA VAL A 124 2.97 6.07 31.84
C VAL A 124 2.70 7.55 32.14
N LYS A 125 3.73 8.26 32.57
CA LYS A 125 3.62 9.70 32.84
C LYS A 125 3.08 10.50 31.65
N TYR A 126 3.51 10.15 30.44
CA TYR A 126 3.20 10.95 29.25
C TYR A 126 2.13 10.35 28.31
N SER A 127 1.87 9.06 28.43
CA SER A 127 0.78 8.44 27.69
C SER A 127 0.09 7.40 28.58
N PRO A 128 -0.65 7.87 29.61
CA PRO A 128 -1.23 7.00 30.63
C PRO A 128 -2.28 6.05 30.08
N ASN A 129 -2.76 6.31 28.87
CA ASN A 129 -3.77 5.47 28.25
C ASN A 129 -3.30 4.68 27.03
N CYS A 130 -1.99 4.58 26.84
CA CYS A 130 -1.45 3.83 25.69
C CYS A 130 -1.58 2.32 25.85
N LYS A 131 -1.32 1.59 24.77
CA LYS A 131 -1.05 0.17 24.86
C LYS A 131 0.46 -0.03 24.87
N LEU A 132 0.94 -0.94 25.70
CA LEU A 132 2.34 -1.30 25.70
C LEU A 132 2.54 -2.58 24.91
N LEU A 133 3.53 -2.59 24.03
CA LEU A 133 3.89 -3.77 23.25
C LEU A 133 5.36 -4.03 23.56
N ILE A 134 5.62 -5.15 24.25
CA ILE A 134 6.97 -5.43 24.75
C ILE A 134 7.72 -6.39 23.82
N VAL A 135 8.92 -5.98 23.40
CA VAL A 135 9.76 -6.81 22.53
C VAL A 135 11.00 -7.32 23.26
N SER A 136 11.55 -6.48 24.14
CA SER A 136 12.80 -6.75 24.86
C SER A 136 12.82 -8.11 25.55
N ASN A 137 13.97 -8.77 25.54
CA ASN A 137 14.08 -10.14 26.06
C ASN A 137 14.56 -10.19 27.51
N PRO A 138 14.19 -11.25 28.24
CA PRO A 138 13.27 -12.30 27.79
C PRO A 138 11.85 -11.78 27.84
N VAL A 139 11.18 -11.86 26.69
CA VAL A 139 10.01 -11.03 26.44
C VAL A 139 8.81 -11.34 27.33
N ASP A 140 8.61 -12.61 27.69
CA ASP A 140 7.49 -12.99 28.54
C ASP A 140 7.67 -12.46 29.96
N ILE A 141 8.90 -12.45 30.45
CA ILE A 141 9.14 -11.92 31.78
C ILE A 141 9.07 -10.39 31.76
N LEU A 142 9.72 -9.77 30.78
CA LEU A 142 9.73 -8.32 30.71
C LEU A 142 8.34 -7.77 30.41
N THR A 143 7.49 -8.55 29.75
CA THR A 143 6.11 -8.12 29.57
C THR A 143 5.38 -8.14 30.92
N TYR A 144 5.68 -9.14 31.74
CA TYR A 144 5.13 -9.19 33.10
C TYR A 144 5.63 -7.99 33.88
N VAL A 145 6.88 -7.61 33.66
CA VAL A 145 7.50 -6.51 34.40
C VAL A 145 6.86 -5.16 34.05
N ALA A 146 6.63 -4.93 32.76
CA ALA A 146 5.95 -3.71 32.33
C ALA A 146 4.54 -3.67 32.89
N TRP A 147 3.87 -4.81 32.91
CA TRP A 147 2.54 -4.89 33.50
C TRP A 147 2.54 -4.44 34.97
N LYS A 148 3.44 -4.99 35.78
CA LYS A 148 3.50 -4.67 37.21
C LYS A 148 3.86 -3.20 37.49
N ILE A 149 4.90 -2.71 36.83
CA ILE A 149 5.35 -1.34 37.01
C ILE A 149 4.36 -0.32 36.47
N SER A 150 3.73 -0.64 35.32
CA SER A 150 2.81 0.32 34.72
C SER A 150 1.49 0.48 35.47
N GLY A 151 1.01 -0.61 36.07
CA GLY A 151 -0.29 -0.56 36.70
C GLY A 151 -1.44 -0.68 35.70
N PHE A 152 -1.09 -0.91 34.44
CA PHE A 152 -2.06 -1.06 33.37
C PHE A 152 -2.93 -2.29 33.53
N PRO A 153 -4.18 -2.25 33.05
CA PRO A 153 -4.97 -3.47 32.99
C PRO A 153 -4.34 -4.43 31.97
N LYS A 154 -4.53 -5.73 32.16
CA LYS A 154 -3.84 -6.72 31.34
C LYS A 154 -4.10 -6.59 29.83
N ASN A 155 -5.27 -6.10 29.44
CA ASN A 155 -5.56 -5.92 28.00
C ASN A 155 -4.60 -4.96 27.30
N ARG A 156 -4.03 -4.01 28.05
CA ARG A 156 -3.16 -2.98 27.47
C ARG A 156 -1.66 -3.28 27.53
N VAL A 157 -1.31 -4.49 27.96
CA VAL A 157 0.10 -4.91 27.99
C VAL A 157 0.28 -6.17 27.17
N ILE A 158 0.88 -6.01 26.00
CA ILE A 158 1.04 -7.09 25.04
C ILE A 158 2.51 -7.47 24.85
N GLY A 159 2.81 -8.75 24.90
CA GLY A 159 4.17 -9.20 24.63
C GLY A 159 4.31 -9.67 23.18
N SER A 160 5.38 -9.26 22.50
CA SER A 160 5.65 -9.79 21.17
C SER A 160 5.55 -11.31 21.17
N GLY A 161 6.07 -11.92 22.25
CA GLY A 161 5.89 -13.33 22.52
C GLY A 161 6.26 -14.23 21.36
N CYS A 162 5.37 -15.14 21.00
CA CYS A 162 5.62 -16.10 19.94
C CYS A 162 5.25 -15.60 18.53
N ASN A 163 5.06 -14.30 18.38
CA ASN A 163 4.75 -13.74 17.07
C ASN A 163 5.87 -14.07 16.07
N LEU A 164 7.11 -13.80 16.46
CA LEU A 164 8.23 -14.08 15.56
C LEU A 164 8.47 -15.58 15.33
N ASP A 165 8.40 -16.37 16.39
CA ASP A 165 8.52 -17.81 16.28
C ASP A 165 7.53 -18.37 15.25
N SER A 166 6.27 -17.95 15.37
CA SER A 166 5.21 -18.40 14.48
C SER A 166 5.45 -17.96 13.04
N ALA A 167 6.02 -16.77 12.85
CA ALA A 167 6.28 -16.29 11.50
C ALA A 167 7.42 -17.08 10.85
N ARG A 168 8.42 -17.44 11.64
CA ARG A 168 9.52 -18.25 11.14
C ARG A 168 8.99 -19.64 10.79
N PHE A 169 8.16 -20.18 11.67
CA PHE A 169 7.62 -21.51 11.49
C PHE A 169 6.86 -21.61 10.19
N ARG A 170 5.96 -20.65 10.00
CA ARG A 170 5.15 -20.59 8.79
C ARG A 170 5.98 -20.33 7.53
N TYR A 171 7.08 -19.59 7.65
CA TYR A 171 8.01 -19.50 6.52
C TYR A 171 8.58 -20.89 6.17
N LEU A 172 9.05 -21.59 7.18
CA LEU A 172 9.66 -22.92 6.96
C LEU A 172 8.65 -23.92 6.40
N MET A 173 7.47 -23.95 7.02
CA MET A 173 6.37 -24.77 6.53
C MET A 173 6.05 -24.44 5.08
N GLY A 174 5.99 -23.14 4.77
CA GLY A 174 5.71 -22.70 3.41
C GLY A 174 6.78 -23.17 2.44
N GLU A 175 8.03 -23.15 2.89
CA GLU A 175 9.14 -23.67 2.07
C GLU A 175 8.97 -25.15 1.72
N ARG A 176 8.73 -25.98 2.72
CA ARG A 176 8.51 -27.40 2.48
C ARG A 176 7.36 -27.65 1.52
N LEU A 177 6.27 -26.92 1.67
CA LEU A 177 5.07 -27.27 0.95
C LEU A 177 5.00 -26.64 -0.44
N GLY A 178 5.81 -25.61 -0.66
CA GLY A 178 5.72 -24.84 -1.88
C GLY A 178 4.43 -24.03 -1.91
N VAL A 179 4.12 -23.41 -0.77
CA VAL A 179 2.92 -22.58 -0.62
C VAL A 179 3.30 -21.29 0.10
N HIS A 180 2.65 -20.18 -0.23
CA HIS A 180 2.96 -18.92 0.43
C HIS A 180 2.64 -19.03 1.91
N PRO A 181 3.50 -18.47 2.77
CA PRO A 181 3.28 -18.52 4.23
C PRO A 181 1.89 -18.05 4.64
N LEU A 182 1.29 -17.12 3.89
CA LEU A 182 -0.05 -16.65 4.22
C LEU A 182 -1.07 -17.79 4.21
N SER A 183 -0.84 -18.79 3.36
CA SER A 183 -1.79 -19.89 3.24
C SER A 183 -1.38 -21.11 4.07
N CYS A 184 -0.24 -21.01 4.75
CA CYS A 184 0.25 -22.07 5.63
C CYS A 184 0.00 -21.70 7.07
N HIS A 185 -1.02 -22.30 7.69
CA HIS A 185 -1.40 -21.91 9.04
C HIS A 185 -0.75 -22.86 10.04
N GLY A 186 -0.42 -22.33 11.21
CA GLY A 186 0.29 -23.11 12.21
C GLY A 186 0.68 -22.18 13.34
N TRP A 187 0.52 -22.65 14.57
CA TRP A 187 0.71 -21.78 15.71
C TRP A 187 1.82 -22.27 16.62
N VAL A 188 2.74 -21.38 16.96
CA VAL A 188 3.76 -21.67 17.93
C VAL A 188 3.40 -20.88 19.15
N LEU A 189 3.21 -21.56 20.28
CA LEU A 189 2.63 -20.93 21.45
C LEU A 189 3.50 -21.11 22.70
N GLY A 190 3.05 -20.51 23.80
CA GLY A 190 3.76 -20.59 25.05
C GLY A 190 4.85 -19.57 25.25
N GLU A 191 5.99 -20.06 25.69
CA GLU A 191 7.13 -19.23 26.04
C GLU A 191 7.95 -18.97 24.80
N HIS A 192 8.18 -17.70 24.52
CA HIS A 192 8.97 -17.31 23.37
C HIS A 192 10.36 -17.95 23.42
N GLY A 193 10.84 -18.45 22.29
CA GLY A 193 12.21 -18.89 22.20
C GLY A 193 12.42 -20.40 22.29
N ASP A 194 13.48 -20.79 23.01
CA ASP A 194 13.85 -22.19 23.17
C ASP A 194 12.66 -23.10 23.53
N SER A 195 11.86 -22.68 24.50
CA SER A 195 10.83 -23.56 25.05
C SER A 195 9.45 -23.39 24.42
N SER A 196 9.38 -22.82 23.23
CA SER A 196 8.08 -22.57 22.62
C SER A 196 7.44 -23.91 22.21
N VAL A 197 6.12 -23.89 21.98
CA VAL A 197 5.38 -25.10 21.68
C VAL A 197 4.73 -25.05 20.31
N PRO A 198 5.18 -25.88 19.38
CA PRO A 198 4.49 -25.97 18.10
C PRO A 198 3.17 -26.76 18.27
N VAL A 199 2.03 -26.15 17.94
CA VAL A 199 0.76 -26.85 18.12
C VAL A 199 0.38 -27.64 16.85
N TRP A 200 0.78 -28.91 16.83
CA TRP A 200 0.69 -29.73 15.61
C TRP A 200 -0.74 -29.90 15.10
N SER A 201 -1.71 -29.90 16.00
CA SER A 201 -3.11 -30.12 15.63
C SER A 201 -3.75 -28.98 14.83
N GLY A 202 -3.14 -27.79 14.84
CA GLY A 202 -3.73 -26.64 14.17
C GLY A 202 -3.09 -26.36 12.83
N MET A 203 -2.00 -27.07 12.56
CA MET A 203 -1.23 -26.86 11.36
C MET A 203 -2.02 -27.36 10.16
N ASN A 204 -2.28 -26.47 9.21
CA ASN A 204 -3.17 -26.83 8.10
C ASN A 204 -3.03 -25.91 6.91
N VAL A 205 -3.39 -26.44 5.75
CA VAL A 205 -3.61 -25.64 4.57
C VAL A 205 -5.07 -25.83 4.18
N ALA A 206 -5.76 -24.71 3.94
CA ALA A 206 -7.14 -24.74 3.47
C ALA A 206 -8.04 -25.59 4.36
N GLY A 207 -7.79 -25.53 5.67
CA GLY A 207 -8.60 -26.28 6.62
C GLY A 207 -8.33 -27.78 6.65
N VAL A 208 -7.32 -28.24 5.92
CA VAL A 208 -6.96 -29.64 5.96
C VAL A 208 -5.85 -29.88 6.97
N SER A 209 -6.17 -30.60 8.04
CA SER A 209 -5.24 -30.81 9.14
C SER A 209 -4.07 -31.72 8.77
N LEU A 210 -2.85 -31.23 8.98
CA LEU A 210 -1.68 -32.04 8.65
C LEU A 210 -1.50 -33.19 9.64
N LYS A 211 -1.86 -32.96 10.90
CA LYS A 211 -1.75 -33.99 11.94
C LYS A 211 -2.70 -35.15 11.65
N THR A 212 -3.87 -34.83 11.11
CA THR A 212 -4.87 -35.84 10.80
C THR A 212 -4.41 -36.70 9.64
N LEU A 213 -3.89 -36.04 8.60
CA LEU A 213 -3.32 -36.75 7.47
C LEU A 213 -2.10 -37.55 7.87
N HIS A 214 -1.35 -37.03 8.83
CA HIS A 214 -0.02 -37.54 9.15
C HIS A 214 0.16 -37.62 10.66
N PRO A 215 -0.24 -38.75 11.25
CA PRO A 215 -0.24 -38.92 12.72
C PRO A 215 1.12 -38.79 13.36
N ASP A 216 2.19 -39.03 12.60
CA ASP A 216 3.54 -38.92 13.16
C ASP A 216 4.04 -37.46 13.21
N LEU A 217 3.28 -36.55 12.60
CA LEU A 217 3.60 -35.12 12.64
C LEU A 217 3.86 -34.65 14.06
N GLY A 218 5.09 -34.23 14.32
CA GLY A 218 5.42 -33.74 15.65
C GLY A 218 6.13 -34.75 16.53
N THR A 219 6.11 -36.02 16.13
CA THR A 219 6.80 -37.05 16.90
C THR A 219 8.24 -37.26 16.42
N ASP A 220 9.03 -37.93 17.25
CA ASP A 220 10.41 -38.29 16.89
C ASP A 220 10.45 -39.37 15.82
N LYS A 221 9.51 -40.30 15.88
CA LYS A 221 9.44 -41.42 14.92
C LYS A 221 9.03 -41.00 13.51
N ASP A 222 8.68 -39.73 13.33
CA ASP A 222 8.25 -39.21 12.03
C ASP A 222 9.37 -39.27 11.01
N LYS A 223 9.16 -40.07 9.98
CA LYS A 223 10.11 -40.25 8.90
C LYS A 223 10.46 -38.94 8.21
N GLU A 224 9.50 -38.02 8.15
CA GLU A 224 9.73 -36.76 7.44
C GLU A 224 10.31 -35.66 8.34
N GLN A 225 10.46 -35.96 9.63
CA GLN A 225 11.11 -35.05 10.57
C GLN A 225 10.45 -33.68 10.61
N TRP A 226 9.12 -33.64 10.62
CA TRP A 226 8.44 -32.35 10.68
C TRP A 226 8.75 -31.62 11.98
N LYS A 227 9.10 -32.37 13.02
CA LYS A 227 9.56 -31.80 14.28
C LYS A 227 10.78 -30.93 14.07
N GLU A 228 11.55 -31.22 13.02
CA GLU A 228 12.75 -30.45 12.73
C GLU A 228 12.42 -29.04 12.31
N VAL A 229 11.21 -28.83 11.79
CA VAL A 229 10.77 -27.50 11.40
C VAL A 229 10.74 -26.57 12.61
N HIS A 230 10.10 -26.99 13.69
CA HIS A 230 10.11 -26.19 14.90
C HIS A 230 11.52 -26.06 15.46
N LYS A 231 12.29 -27.13 15.35
CA LYS A 231 13.67 -27.11 15.80
C LYS A 231 14.45 -26.05 15.02
N GLN A 232 14.13 -25.92 13.73
CA GLN A 232 14.83 -24.98 12.85
C GLN A 232 14.47 -23.55 13.19
N VAL A 233 13.24 -23.34 13.64
CA VAL A 233 12.85 -22.04 14.14
C VAL A 233 13.81 -21.61 15.23
N VAL A 234 14.03 -22.47 16.23
CA VAL A 234 14.92 -22.03 17.31
C VAL A 234 16.38 -22.04 16.87
N GLU A 235 16.76 -22.99 16.04
CA GLU A 235 18.14 -22.99 15.54
C GLU A 235 18.44 -21.78 14.65
N SER A 236 17.44 -21.34 13.88
CA SER A 236 17.66 -20.21 12.98
C SER A 236 17.92 -18.92 13.75
N ALA A 237 17.43 -18.85 14.98
CA ALA A 237 17.69 -17.67 15.81
C ALA A 237 19.18 -17.54 16.13
N TYR A 238 19.75 -18.60 16.70
CA TYR A 238 21.17 -18.62 17.00
C TYR A 238 21.99 -18.50 15.72
N GLU A 239 21.48 -19.05 14.62
CA GLU A 239 22.23 -18.99 13.38
C GLU A 239 22.32 -17.56 12.83
N VAL A 240 21.20 -16.85 12.81
CA VAL A 240 21.21 -15.47 12.36
C VAL A 240 22.12 -14.59 13.23
N ILE A 241 22.12 -14.82 14.54
CA ILE A 241 23.00 -14.04 15.41
C ILE A 241 24.45 -14.34 15.05
N LYS A 242 24.74 -15.61 14.81
CA LYS A 242 26.09 -16.05 14.43
C LYS A 242 26.55 -15.42 13.11
N LEU A 243 25.63 -15.26 12.18
CA LEU A 243 26.00 -14.86 10.82
C LEU A 243 26.08 -13.34 10.63
N LYS A 244 25.10 -12.60 11.13
CA LYS A 244 25.07 -11.15 10.92
C LYS A 244 25.18 -10.34 12.22
N GLY A 245 25.13 -11.02 13.36
CA GLY A 245 25.40 -10.34 14.61
C GLY A 245 24.19 -9.86 15.38
N TYR A 246 23.03 -9.91 14.74
CA TYR A 246 21.78 -9.43 15.34
C TYR A 246 20.63 -9.78 14.42
N THR A 247 19.39 -9.71 14.92
CA THR A 247 18.22 -9.87 14.07
C THR A 247 17.48 -8.54 13.99
N SER A 248 16.85 -8.28 12.86
CA SER A 248 16.17 -7.00 12.71
C SER A 248 14.97 -7.07 11.78
N TRP A 249 15.18 -7.47 10.53
CA TRP A 249 14.10 -7.33 9.55
C TRP A 249 12.83 -8.08 9.91
N ALA A 250 12.95 -9.37 10.26
CA ALA A 250 11.76 -10.17 10.52
C ALA A 250 11.05 -9.74 11.79
N ILE A 251 11.79 -9.45 12.86
CA ILE A 251 11.12 -8.96 14.07
C ILE A 251 10.42 -7.62 13.79
N GLY A 252 11.10 -6.73 13.10
CA GLY A 252 10.50 -5.46 12.71
C GLY A 252 9.20 -5.61 11.96
N LEU A 253 9.22 -6.46 10.95
CA LEU A 253 8.06 -6.72 10.13
C LEU A 253 6.91 -7.30 10.96
N SER A 254 7.25 -8.18 11.90
CA SER A 254 6.23 -8.84 12.71
CA SER A 254 6.23 -8.85 12.72
C SER A 254 5.57 -7.87 13.69
N VAL A 255 6.37 -6.97 14.27
CA VAL A 255 5.86 -5.96 15.19
C VAL A 255 4.92 -5.00 14.47
N ALA A 256 5.28 -4.60 13.25
CA ALA A 256 4.41 -3.73 12.46
C ALA A 256 3.04 -4.39 12.21
N ASP A 257 3.06 -5.69 11.93
CA ASP A 257 1.83 -6.42 11.76
C ASP A 257 0.94 -6.30 12.99
N LEU A 258 1.51 -6.50 14.18
CA LEU A 258 0.74 -6.32 15.42
C LEU A 258 0.23 -4.88 15.51
N ALA A 259 1.14 -3.93 15.26
CA ALA A 259 0.80 -2.51 15.35
C ALA A 259 -0.37 -2.19 14.42
N GLU A 260 -0.39 -2.83 13.26
CA GLU A 260 -1.45 -2.59 12.29
C GLU A 260 -2.81 -2.98 12.86
N SER A 261 -2.91 -4.13 13.52
CA SER A 261 -4.19 -4.55 14.11
C SER A 261 -4.60 -3.63 15.25
N ILE A 262 -3.62 -3.18 16.04
CA ILE A 262 -3.93 -2.29 17.16
C ILE A 262 -4.41 -0.90 16.68
N MET A 263 -3.66 -0.29 15.76
CA MET A 263 -3.97 1.07 15.32
C MET A 263 -5.25 1.13 14.48
N LYS A 264 -5.56 0.03 13.81
CA LYS A 264 -6.70 -0.03 12.92
C LYS A 264 -7.87 -0.83 13.51
N ASN A 265 -7.75 -1.23 14.77
CA ASN A 265 -8.78 -2.01 15.45
C ASN A 265 -9.27 -3.21 14.64
N LEU A 266 -8.34 -3.98 14.07
CA LEU A 266 -8.72 -4.99 13.10
C LEU A 266 -9.41 -6.22 13.71
N ARG A 267 -9.10 -6.49 14.97
CA ARG A 267 -9.58 -7.71 15.63
C ARG A 267 -9.13 -8.99 14.88
N ARG A 268 -7.94 -8.93 14.29
CA ARG A 268 -7.27 -10.11 13.79
C ARG A 268 -6.71 -10.90 14.98
N VAL A 269 -6.41 -12.17 14.75
CA VAL A 269 -5.88 -13.05 15.79
C VAL A 269 -4.37 -13.30 15.62
N HIS A 270 -3.60 -13.00 16.68
CA HIS A 270 -2.13 -13.08 16.63
C HIS A 270 -1.62 -13.90 17.80
N PRO A 271 -0.50 -14.62 17.60
CA PRO A 271 0.16 -15.30 18.71
C PRO A 271 1.04 -14.31 19.46
N VAL A 272 0.53 -13.78 20.57
CA VAL A 272 1.27 -12.82 21.37
C VAL A 272 1.16 -13.19 22.84
N SER A 273 2.02 -12.61 23.67
CA SER A 273 2.07 -12.97 25.08
C SER A 273 1.10 -12.16 25.91
N THR A 274 0.26 -12.87 26.66
CA THR A 274 -0.74 -12.24 27.49
C THR A 274 -0.81 -12.93 28.85
N MET A 275 -1.37 -12.23 29.84
CA MET A 275 -1.46 -12.75 31.21
C MET A 275 -2.38 -13.95 31.22
N ILE A 276 -1.81 -15.10 31.57
CA ILE A 276 -2.42 -16.39 31.28
C ILE A 276 -2.95 -17.10 32.53
N LYS A 277 -2.96 -16.41 33.67
CA LYS A 277 -3.41 -17.02 34.90
C LYS A 277 -4.85 -17.49 34.75
N GLY A 278 -5.14 -18.71 35.20
CA GLY A 278 -6.47 -19.27 35.06
C GLY A 278 -6.60 -20.29 33.95
N LEU A 279 -5.63 -20.30 33.04
CA LEU A 279 -5.66 -21.25 31.94
C LEU A 279 -4.57 -22.31 32.05
N TYR A 280 -4.90 -23.51 31.59
CA TYR A 280 -3.96 -24.60 31.47
C TYR A 280 -3.37 -25.00 32.82
N GLY A 281 -4.16 -24.84 33.87
CA GLY A 281 -3.69 -25.17 35.21
C GLY A 281 -2.65 -24.19 35.69
N ILE A 282 -2.45 -23.11 34.95
CA ILE A 282 -1.47 -22.12 35.34
C ILE A 282 -2.08 -21.21 36.40
N LYS A 283 -1.44 -21.19 37.57
CA LYS A 283 -2.00 -20.46 38.70
C LYS A 283 -1.20 -19.22 39.08
N ASP A 284 -0.21 -18.86 38.28
CA ASP A 284 0.59 -17.68 38.58
C ASP A 284 0.46 -16.55 37.56
N ASP A 285 0.74 -15.34 38.02
CA ASP A 285 0.79 -14.16 37.17
C ASP A 285 1.95 -14.26 36.17
N VAL A 286 1.75 -15.03 35.10
CA VAL A 286 2.76 -15.10 34.06
C VAL A 286 2.16 -14.81 32.71
N PHE A 287 3.01 -14.41 31.77
CA PHE A 287 2.57 -14.07 30.43
C PHE A 287 3.08 -15.11 29.45
N LEU A 288 2.17 -15.74 28.71
CA LEU A 288 2.55 -16.70 27.68
C LEU A 288 1.74 -16.44 26.40
N SER A 289 2.26 -16.91 25.28
CA SER A 289 1.61 -16.69 23.99
C SER A 289 0.45 -17.64 23.71
N VAL A 290 -0.73 -17.06 23.46
CA VAL A 290 -1.88 -17.80 22.95
C VAL A 290 -2.42 -16.94 21.81
N PRO A 291 -3.31 -17.48 20.97
CA PRO A 291 -3.88 -16.61 19.95
C PRO A 291 -4.73 -15.54 20.61
N CYS A 292 -4.39 -14.27 20.41
CA CYS A 292 -5.16 -13.17 20.97
C CYS A 292 -5.78 -12.31 19.87
N ILE A 293 -6.97 -11.77 20.15
CA ILE A 293 -7.62 -10.79 19.29
C ILE A 293 -7.09 -9.40 19.62
N LEU A 294 -6.49 -8.75 18.63
CA LEU A 294 -5.86 -7.45 18.84
C LEU A 294 -6.71 -6.38 18.19
N GLY A 295 -6.94 -5.28 18.91
CA GLY A 295 -7.66 -4.15 18.39
C GLY A 295 -7.33 -2.90 19.20
N GLN A 296 -8.19 -1.90 19.12
CA GLN A 296 -7.89 -0.59 19.71
C GLN A 296 -7.67 -0.62 21.21
N ASN A 297 -8.26 -1.60 21.89
CA ASN A 297 -8.04 -1.73 23.33
C ASN A 297 -7.03 -2.81 23.67
N GLY A 298 -6.19 -3.14 22.69
CA GLY A 298 -5.16 -4.14 22.90
C GLY A 298 -5.79 -5.51 22.79
N ILE A 299 -5.60 -6.34 23.81
CA ILE A 299 -6.11 -7.70 23.79
C ILE A 299 -7.47 -7.78 24.46
N SER A 300 -8.51 -7.95 23.67
CA SER A 300 -9.87 -7.91 24.19
C SER A 300 -10.38 -9.32 24.43
N ASP A 301 -9.85 -10.26 23.66
CA ASP A 301 -10.27 -11.67 23.73
C ASP A 301 -9.08 -12.58 23.44
N LEU A 302 -9.16 -13.81 23.93
CA LEU A 302 -8.18 -14.81 23.54
C LEU A 302 -8.86 -16.11 23.09
N VAL A 303 -8.27 -16.78 22.10
CA VAL A 303 -8.77 -18.05 21.63
C VAL A 303 -8.35 -19.16 22.59
N LYS A 304 -9.30 -19.98 23.02
CA LYS A 304 -8.99 -21.09 23.90
C LYS A 304 -8.57 -22.31 23.09
N VAL A 305 -7.26 -22.42 22.88
CA VAL A 305 -6.74 -23.53 22.11
C VAL A 305 -6.84 -24.82 22.90
N THR A 306 -7.37 -25.85 22.25
CA THR A 306 -7.35 -27.21 22.81
C THR A 306 -5.93 -27.75 22.73
N LEU A 307 -5.30 -27.98 23.87
CA LEU A 307 -3.94 -28.50 23.91
C LEU A 307 -3.92 -29.98 24.29
N THR A 308 -2.96 -30.75 23.78
CA THR A 308 -2.75 -32.10 24.28
C THR A 308 -2.20 -32.03 25.69
N SER A 309 -2.19 -33.17 26.36
CA SER A 309 -1.66 -33.26 27.71
C SER A 309 -0.22 -32.78 27.82
N GLU A 310 0.63 -33.15 26.86
CA GLU A 310 2.02 -32.73 27.00
C GLU A 310 2.28 -31.31 26.52
N GLU A 311 1.41 -30.78 25.68
CA GLU A 311 1.45 -29.36 25.36
C GLU A 311 1.11 -28.57 26.63
N GLU A 312 0.05 -28.99 27.31
CA GLU A 312 -0.32 -28.37 28.57
CA GLU A 312 -0.35 -28.40 28.58
C GLU A 312 0.82 -28.43 29.58
N ALA A 313 1.42 -29.60 29.73
CA ALA A 313 2.57 -29.77 30.62
C ALA A 313 3.73 -28.85 30.25
N ARG A 314 3.86 -28.56 28.97
CA ARG A 314 4.95 -27.68 28.54
C ARG A 314 4.70 -26.22 28.90
N LEU A 315 3.47 -25.74 28.72
CA LEU A 315 3.11 -24.39 29.14
C LEU A 315 3.31 -24.22 30.64
N LYS A 316 2.81 -25.19 31.39
CA LYS A 316 2.86 -25.15 32.84
C LYS A 316 4.30 -25.11 33.35
N LYS A 317 5.19 -25.82 32.67
CA LYS A 317 6.60 -25.83 33.05
C LYS A 317 7.26 -24.48 32.80
N SER A 318 6.89 -23.85 31.68
CA SER A 318 7.38 -22.50 31.39
C SER A 318 6.84 -21.55 32.45
N ALA A 319 5.54 -21.66 32.72
CA ALA A 319 4.92 -20.87 33.77
C ALA A 319 5.73 -20.99 35.06
N ASP A 320 5.93 -22.22 35.51
CA ASP A 320 6.70 -22.48 36.74
C ASP A 320 8.11 -21.87 36.70
N THR A 321 8.77 -21.95 35.56
CA THR A 321 10.12 -21.40 35.43
C THR A 321 10.10 -19.87 35.44
N LEU A 322 9.24 -19.30 34.61
CA LEU A 322 9.10 -17.84 34.54
C LEU A 322 8.72 -17.24 35.89
N TRP A 323 7.72 -17.83 36.55
CA TRP A 323 7.32 -17.36 37.87
C TRP A 323 8.46 -17.47 38.88
N GLY A 324 9.18 -18.58 38.84
CA GLY A 324 10.33 -18.79 39.72
C GLY A 324 11.30 -17.63 39.62
N ILE A 325 11.52 -17.16 38.39
CA ILE A 325 12.37 -15.99 38.15
C ILE A 325 11.72 -14.70 38.62
N GLN A 326 10.48 -14.48 38.23
CA GLN A 326 9.81 -13.20 38.50
C GLN A 326 9.72 -12.87 39.98
N LYS A 327 9.44 -13.87 40.81
CA LYS A 327 9.22 -13.63 42.23
C LYS A 327 10.52 -13.30 42.96
N GLU A 328 11.65 -13.44 42.25
CA GLU A 328 12.94 -13.07 42.81
C GLU A 328 13.40 -11.71 42.30
N LEU A 329 12.68 -11.13 41.35
CA LEU A 329 13.08 -9.85 40.76
C LEU A 329 12.93 -8.70 41.75
N GLN A 330 13.82 -7.73 41.65
CA GLN A 330 13.74 -6.55 42.50
C GLN A 330 13.19 -5.33 41.75
N PHE A 331 12.12 -4.75 42.25
CA PHE A 331 11.46 -3.64 41.56
C PHE A 331 11.79 -2.26 42.15
N ALA B 1 5.12 -41.91 -0.47
CA ALA B 1 4.46 -40.62 -0.61
C ALA B 1 4.80 -39.69 0.56
N THR B 2 4.96 -38.42 0.26
CA THR B 2 5.21 -37.43 1.29
C THR B 2 3.90 -36.81 1.74
N LEU B 3 3.93 -36.11 2.88
CA LEU B 3 2.78 -35.37 3.34
C LEU B 3 2.43 -34.33 2.29
N LYS B 4 3.45 -33.77 1.64
CA LYS B 4 3.24 -32.77 0.60
C LYS B 4 2.37 -33.33 -0.53
N ASP B 5 2.67 -34.54 -0.97
CA ASP B 5 1.91 -35.21 -2.04
C ASP B 5 0.57 -35.74 -1.54
N GLN B 6 0.50 -36.07 -0.26
CA GLN B 6 -0.77 -36.47 0.35
C GLN B 6 -1.70 -35.26 0.39
N LEU B 7 -1.14 -34.11 0.76
CA LEU B 7 -1.88 -32.87 0.93
C LEU B 7 -2.18 -32.17 -0.40
N ILE B 8 -1.22 -32.18 -1.30
CA ILE B 8 -1.30 -31.38 -2.51
C ILE B 8 -1.09 -32.20 -3.77
N TYR B 9 -2.07 -32.14 -4.69
CA TYR B 9 -1.95 -32.78 -5.99
C TYR B 9 -1.40 -31.79 -7.01
N ASN B 10 -0.24 -32.11 -7.57
CA ASN B 10 0.36 -31.22 -8.57
C ASN B 10 -0.28 -31.34 -9.96
N LEU B 11 -0.59 -30.21 -10.59
CA LEU B 11 -1.11 -30.19 -11.96
C LEU B 11 0.01 -30.17 -12.98
N LEU B 12 1.00 -29.31 -12.78
CA LEU B 12 2.19 -29.29 -13.62
C LEU B 12 3.39 -28.90 -12.79
N LYS B 13 4.60 -29.08 -13.32
CA LYS B 13 5.78 -28.92 -12.49
C LYS B 13 6.81 -27.87 -12.93
N GLU B 14 6.68 -27.35 -14.15
CA GLU B 14 7.79 -26.60 -14.76
C GLU B 14 8.30 -25.44 -13.92
N GLU B 15 9.62 -25.44 -13.72
CA GLU B 15 10.30 -24.33 -13.12
C GLU B 15 10.08 -23.10 -13.98
N GLN B 16 9.62 -22.03 -13.35
CA GLN B 16 9.36 -20.81 -14.06
C GLN B 16 10.42 -19.79 -13.72
N THR B 17 10.45 -18.69 -14.46
CA THR B 17 11.43 -17.67 -14.22
C THR B 17 10.74 -16.46 -13.63
N PRO B 18 11.44 -15.73 -12.75
CA PRO B 18 10.81 -14.54 -12.20
C PRO B 18 10.59 -13.50 -13.29
N GLN B 19 9.46 -12.80 -13.20
CA GLN B 19 9.10 -11.80 -14.17
C GLN B 19 9.57 -10.40 -13.78
N ASN B 20 9.93 -10.21 -12.51
CA ASN B 20 10.26 -8.89 -12.00
C ASN B 20 11.35 -8.99 -10.94
N LYS B 21 12.53 -9.42 -11.38
CA LYS B 21 13.60 -9.71 -10.46
C LYS B 21 14.42 -8.46 -10.28
N ILE B 22 14.89 -8.26 -9.06
CA ILE B 22 15.76 -7.14 -8.71
C ILE B 22 16.93 -7.72 -7.92
N THR B 23 18.14 -7.29 -8.26
CA THR B 23 19.32 -7.64 -7.48
C THR B 23 19.88 -6.43 -6.73
N VAL B 24 20.24 -6.65 -5.48
CA VAL B 24 21.05 -5.67 -4.76
C VAL B 24 22.43 -6.26 -4.54
N VAL B 25 23.45 -5.54 -5.00
CA VAL B 25 24.83 -5.93 -4.78
C VAL B 25 25.45 -5.08 -3.69
N GLY B 26 25.90 -5.73 -2.63
CA GLY B 26 26.48 -5.05 -1.47
C GLY B 26 25.39 -4.99 -0.43
N VAL B 27 25.55 -5.71 0.68
CA VAL B 27 24.50 -5.77 1.68
C VAL B 27 24.93 -5.07 2.96
N GLY B 28 25.63 -3.95 2.80
CA GLY B 28 25.91 -3.07 3.94
C GLY B 28 24.67 -2.30 4.36
N ALA B 29 24.89 -1.19 5.07
CA ALA B 29 23.81 -0.35 5.57
C ALA B 29 22.88 0.13 4.46
N VAL B 30 23.47 0.59 3.36
CA VAL B 30 22.71 1.11 2.24
C VAL B 30 21.96 0.00 1.51
N GLY B 31 22.66 -1.08 1.19
CA GLY B 31 22.09 -2.17 0.43
C GLY B 31 20.84 -2.74 1.09
N MET B 32 20.96 -3.03 2.38
CA MET B 32 19.84 -3.64 3.09
C MET B 32 18.70 -2.65 3.26
N ALA B 33 19.00 -1.36 3.38
CA ALA B 33 17.92 -0.36 3.40
C ALA B 33 17.13 -0.34 2.10
N CYS B 34 17.83 -0.48 0.98
CA CYS B 34 17.18 -0.55 -0.31
C CYS B 34 16.31 -1.80 -0.37
N ALA B 35 16.88 -2.89 0.11
CA ALA B 35 16.21 -4.17 0.08
C ALA B 35 14.87 -4.11 0.81
N ILE B 36 14.89 -3.65 2.06
CA ILE B 36 13.68 -3.67 2.86
C ILE B 36 12.64 -2.73 2.28
N SER B 37 13.09 -1.62 1.69
CA SER B 37 12.19 -0.65 1.07
C SER B 37 11.57 -1.23 -0.19
N ILE B 38 12.38 -1.94 -0.97
CA ILE B 38 11.88 -2.59 -2.19
C ILE B 38 10.91 -3.72 -1.85
N LEU B 39 11.22 -4.50 -0.82
CA LEU B 39 10.31 -5.54 -0.35
C LEU B 39 8.97 -4.96 0.11
N MET B 40 9.00 -3.83 0.80
CA MET B 40 7.77 -3.29 1.40
C MET B 40 6.93 -2.52 0.41
N LYS B 41 7.47 -2.30 -0.78
CA LYS B 41 6.71 -1.61 -1.82
C LYS B 41 6.20 -2.59 -2.90
N ASP B 42 6.41 -3.88 -2.69
CA ASP B 42 5.94 -4.89 -3.63
C ASP B 42 6.43 -4.64 -5.06
N LEU B 43 7.73 -4.43 -5.23
CA LEU B 43 8.23 -4.10 -6.56
C LEU B 43 8.76 -5.30 -7.31
N ALA B 44 9.10 -6.37 -6.59
CA ALA B 44 9.78 -7.51 -7.21
C ALA B 44 9.12 -8.81 -6.84
N ASP B 45 9.17 -9.79 -7.73
CA ASP B 45 8.69 -11.13 -7.39
C ASP B 45 9.89 -11.98 -6.96
N GLU B 46 11.08 -11.44 -7.17
CA GLU B 46 12.27 -12.11 -6.68
C GLU B 46 13.35 -11.10 -6.31
N LEU B 47 13.95 -11.29 -5.14
CA LEU B 47 15.04 -10.42 -4.70
C LEU B 47 16.31 -11.23 -4.49
N ALA B 48 17.38 -10.83 -5.16
CA ALA B 48 18.69 -11.46 -4.96
C ALA B 48 19.66 -10.49 -4.28
N LEU B 49 20.44 -11.02 -3.36
CA LEU B 49 21.47 -10.27 -2.65
C LEU B 49 22.84 -10.82 -3.00
N VAL B 50 23.81 -9.95 -3.18
CA VAL B 50 25.18 -10.40 -3.48
C VAL B 50 26.17 -9.58 -2.65
N ASP B 51 27.12 -10.26 -2.04
CA ASP B 51 28.20 -9.61 -1.31
C ASP B 51 29.43 -10.54 -1.29
N VAL B 52 30.55 -10.09 -0.73
CA VAL B 52 31.72 -10.96 -0.60
C VAL B 52 31.88 -11.47 0.82
N ILE B 53 31.19 -10.84 1.77
CA ILE B 53 31.20 -11.30 3.15
C ILE B 53 30.15 -12.38 3.28
N GLU B 54 30.60 -13.62 3.37
CA GLU B 54 29.67 -14.73 3.17
C GLU B 54 28.68 -14.96 4.31
N ASP B 55 29.12 -14.84 5.55
CA ASP B 55 28.20 -15.06 6.68
C ASP B 55 27.12 -13.97 6.80
N LYS B 56 27.53 -12.70 6.73
CA LYS B 56 26.58 -11.60 6.74
C LYS B 56 25.56 -11.73 5.60
N LEU B 57 26.03 -12.07 4.41
CA LEU B 57 25.16 -12.26 3.26
C LEU B 57 24.04 -13.26 3.60
N LYS B 58 24.43 -14.44 4.08
CA LYS B 58 23.46 -15.49 4.40
C LYS B 58 22.50 -15.04 5.49
N GLY B 59 23.04 -14.42 6.54
CA GLY B 59 22.24 -13.92 7.65
C GLY B 59 21.23 -12.86 7.23
N GLU B 60 21.64 -11.93 6.38
CA GLU B 60 20.74 -10.89 5.90
C GLU B 60 19.61 -11.50 5.08
N MET B 61 19.97 -12.41 4.18
CA MET B 61 18.99 -13.19 3.42
C MET B 61 18.00 -13.93 4.31
N MET B 62 18.50 -14.65 5.32
CA MET B 62 17.63 -15.41 6.21
C MET B 62 16.65 -14.50 6.95
N ASP B 63 17.18 -13.39 7.45
CA ASP B 63 16.40 -12.44 8.21
C ASP B 63 15.22 -11.92 7.36
N LEU B 64 15.51 -11.51 6.12
CA LEU B 64 14.45 -11.09 5.22
C LEU B 64 13.45 -12.24 4.99
N GLN B 65 13.98 -13.42 4.68
CA GLN B 65 13.16 -14.61 4.42
C GLN B 65 12.16 -14.84 5.54
N HIS B 66 12.60 -14.58 6.78
CA HIS B 66 11.78 -14.84 7.95
C HIS B 66 10.59 -13.88 8.07
N GLY B 67 10.64 -12.78 7.33
CA GLY B 67 9.50 -11.88 7.28
C GLY B 67 8.58 -12.13 6.09
N SER B 68 8.76 -13.26 5.41
CA SER B 68 7.99 -13.57 4.20
C SER B 68 6.48 -13.51 4.44
N LEU B 69 6.06 -13.88 5.64
CA LEU B 69 4.65 -13.91 5.97
C LEU B 69 4.01 -12.54 5.83
N PHE B 70 4.80 -11.49 6.05
CA PHE B 70 4.28 -10.13 6.04
C PHE B 70 4.57 -9.40 4.73
N LEU B 71 5.06 -10.14 3.74
CA LEU B 71 5.50 -9.56 2.47
C LEU B 71 4.81 -10.25 1.29
N ARG B 72 4.97 -9.68 0.10
CA ARG B 72 4.46 -10.32 -1.10
CA ARG B 72 4.46 -10.27 -1.14
C ARG B 72 5.59 -10.51 -2.14
N THR B 73 6.76 -10.87 -1.64
CA THR B 73 7.89 -11.19 -2.53
C THR B 73 8.26 -12.63 -2.25
N PRO B 74 7.88 -13.54 -3.16
CA PRO B 74 7.84 -14.97 -2.90
C PRO B 74 9.20 -15.66 -2.82
N LYS B 75 10.23 -15.07 -3.43
CA LYS B 75 11.55 -15.68 -3.38
C LYS B 75 12.64 -14.67 -3.11
N ILE B 76 13.49 -15.00 -2.14
CA ILE B 76 14.66 -14.20 -1.81
C ILE B 76 15.84 -15.14 -1.77
N VAL B 77 16.86 -14.81 -2.58
CA VAL B 77 18.06 -15.63 -2.70
C VAL B 77 19.32 -14.79 -2.54
N SER B 78 20.43 -15.45 -2.22
CA SER B 78 21.70 -14.76 -2.05
C SER B 78 22.85 -15.69 -2.40
N GLY B 79 24.02 -15.11 -2.67
CA GLY B 79 25.20 -15.88 -2.99
C GLY B 79 26.32 -14.98 -3.46
N LYS B 80 27.56 -15.47 -3.45
CA LYS B 80 28.63 -14.65 -4.00
C LYS B 80 28.77 -14.91 -5.50
N ASP B 81 28.12 -15.96 -5.98
CA ASP B 81 28.15 -16.31 -7.39
C ASP B 81 27.02 -15.58 -8.12
N TYR B 82 27.33 -14.90 -9.22
CA TYR B 82 26.34 -14.05 -9.88
C TYR B 82 25.25 -14.81 -10.64
N ASN B 83 25.32 -16.13 -10.67
CA ASN B 83 24.21 -16.89 -11.25
C ASN B 83 22.91 -16.71 -10.47
N VAL B 84 23.01 -16.26 -9.21
CA VAL B 84 21.81 -15.99 -8.43
C VAL B 84 21.08 -14.73 -8.93
N THR B 85 21.76 -13.94 -9.77
CA THR B 85 21.22 -12.67 -10.24
C THR B 85 20.68 -12.73 -11.67
N ALA B 86 20.63 -13.93 -12.23
CA ALA B 86 20.26 -14.10 -13.64
C ALA B 86 18.88 -13.48 -13.96
N ASN B 87 18.85 -12.67 -15.02
CA ASN B 87 17.61 -12.09 -15.55
C ASN B 87 16.92 -11.07 -14.63
N SER B 88 17.72 -10.29 -13.90
CA SER B 88 17.23 -9.17 -13.11
C SER B 88 16.73 -8.07 -14.04
N LYS B 89 15.57 -7.51 -13.74
CA LYS B 89 15.12 -6.32 -14.48
C LYS B 89 15.96 -5.11 -14.06
N LEU B 90 16.34 -5.11 -12.78
CA LEU B 90 17.03 -3.96 -12.20
C LEU B 90 18.13 -4.47 -11.25
N VAL B 91 19.33 -3.94 -11.41
CA VAL B 91 20.43 -4.30 -10.51
C VAL B 91 20.97 -3.05 -9.82
N ILE B 92 20.88 -3.03 -8.50
CA ILE B 92 21.29 -1.88 -7.72
C ILE B 92 22.66 -2.15 -7.12
N ILE B 93 23.64 -1.31 -7.44
CA ILE B 93 24.99 -1.50 -6.91
C ILE B 93 25.24 -0.56 -5.72
N THR B 94 25.37 -1.15 -4.54
CA THR B 94 25.67 -0.39 -3.33
C THR B 94 26.98 -0.84 -2.68
N ALA B 95 27.79 -1.60 -3.42
CA ALA B 95 29.06 -2.11 -2.90
C ALA B 95 30.07 -0.98 -2.81
N GLY B 96 30.91 -1.01 -1.80
CA GLY B 96 31.87 0.07 -1.61
C GLY B 96 32.94 -0.28 -0.60
N ALA B 97 34.17 0.15 -0.87
CA ALA B 97 35.25 -0.04 0.08
C ALA B 97 35.10 0.98 1.20
N ARG B 98 35.71 0.68 2.35
CA ARG B 98 35.68 1.54 3.52
C ARG B 98 36.90 2.48 3.49
N GLN B 99 36.62 3.79 3.46
CA GLN B 99 37.69 4.79 3.41
C GLN B 99 38.49 4.74 4.72
N GLN B 100 39.81 4.65 4.59
CA GLN B 100 40.67 4.49 5.75
C GLN B 100 41.18 5.85 6.25
N GLU B 101 41.71 5.86 7.47
CA GLU B 101 42.30 7.08 8.00
C GLU B 101 43.47 7.48 7.13
N GLY B 102 43.54 8.76 6.78
CA GLY B 102 44.61 9.24 5.95
C GLY B 102 44.47 8.85 4.50
N GLU B 103 43.33 8.23 4.16
CA GLU B 103 43.02 7.94 2.77
C GLU B 103 42.16 9.05 2.18
N SER B 104 42.54 9.52 1.00
CA SER B 104 41.81 10.60 0.34
C SER B 104 40.68 10.04 -0.53
N ARG B 105 39.68 10.86 -0.83
CA ARG B 105 38.62 10.46 -1.75
C ARG B 105 39.16 10.01 -3.12
N LEU B 106 40.16 10.72 -3.62
CA LEU B 106 40.81 10.35 -4.87
C LEU B 106 41.30 8.90 -4.83
N ASN B 107 42.00 8.55 -3.76
CA ASN B 107 42.46 7.19 -3.50
C ASN B 107 41.31 6.19 -3.44
N LEU B 108 40.23 6.59 -2.78
CA LEU B 108 39.06 5.74 -2.63
C LEU B 108 38.50 5.34 -4.00
N VAL B 109 38.49 6.31 -4.92
CA VAL B 109 37.96 6.11 -6.26
C VAL B 109 38.53 4.86 -6.93
N GLN B 110 39.85 4.78 -7.03
CA GLN B 110 40.47 3.64 -7.70
C GLN B 110 40.08 2.33 -7.00
N ARG B 111 40.00 2.37 -5.66
CA ARG B 111 39.57 1.19 -4.92
C ARG B 111 38.12 0.79 -5.25
N ASN B 112 37.24 1.76 -5.41
CA ASN B 112 35.89 1.40 -5.82
C ASN B 112 35.83 0.96 -7.29
N VAL B 113 36.66 1.56 -8.12
CA VAL B 113 36.81 1.12 -9.50
C VAL B 113 37.23 -0.35 -9.55
N ASN B 114 38.18 -0.75 -8.70
CA ASN B 114 38.65 -2.11 -8.77
C ASN B 114 37.52 -3.06 -8.40
N ILE B 115 36.73 -2.66 -7.40
CA ILE B 115 35.53 -3.43 -7.05
C ILE B 115 34.59 -3.53 -8.26
N PHE B 116 34.39 -2.42 -8.96
CA PHE B 116 33.49 -2.42 -10.12
C PHE B 116 34.02 -3.25 -11.29
N LYS B 117 35.34 -3.31 -11.45
CA LYS B 117 35.93 -4.16 -12.49
C LYS B 117 35.57 -5.64 -12.31
N PHE B 118 35.30 -6.05 -11.07
CA PHE B 118 34.86 -7.42 -10.77
C PHE B 118 33.36 -7.56 -10.87
N ILE B 119 32.64 -6.60 -10.29
CA ILE B 119 31.20 -6.68 -10.20
C ILE B 119 30.50 -6.49 -11.56
N ILE B 120 30.85 -5.43 -12.27
CA ILE B 120 30.09 -5.09 -13.48
C ILE B 120 30.07 -6.19 -14.55
N PRO B 121 31.24 -6.75 -14.91
CA PRO B 121 31.23 -7.84 -15.90
C PRO B 121 30.34 -9.00 -15.46
N ASN B 122 30.35 -9.33 -14.17
CA ASN B 122 29.51 -10.41 -13.68
C ASN B 122 28.03 -10.12 -13.80
N VAL B 123 27.65 -8.87 -13.50
CA VAL B 123 26.26 -8.46 -13.67
C VAL B 123 25.80 -8.56 -15.13
N VAL B 124 26.58 -7.96 -16.03
CA VAL B 124 26.25 -7.91 -17.46
C VAL B 124 26.10 -9.31 -18.06
N LYS B 125 26.92 -10.22 -17.55
CA LYS B 125 26.96 -11.64 -17.92
C LYS B 125 25.61 -12.33 -17.72
N TYR B 126 25.01 -12.13 -16.54
CA TYR B 126 23.77 -12.83 -16.20
C TYR B 126 22.47 -12.03 -16.42
N SER B 127 22.59 -10.72 -16.60
CA SER B 127 21.44 -9.86 -16.91
C SER B 127 21.83 -8.78 -17.90
N PRO B 128 21.98 -9.15 -19.18
CA PRO B 128 22.49 -8.25 -20.23
C PRO B 128 21.51 -7.14 -20.60
N ASN B 129 20.26 -7.28 -20.17
CA ASN B 129 19.23 -6.29 -20.45
C ASN B 129 18.71 -5.55 -19.23
N CYS B 130 19.46 -5.60 -18.13
CA CYS B 130 18.98 -4.98 -16.91
C CYS B 130 19.22 -3.46 -16.95
N LYS B 131 18.48 -2.74 -16.12
CA LYS B 131 18.84 -1.37 -15.76
C LYS B 131 19.88 -1.43 -14.64
N LEU B 132 20.96 -0.69 -14.79
CA LEU B 132 21.93 -0.58 -13.71
C LEU B 132 21.67 0.68 -12.91
N LEU B 133 21.48 0.53 -11.61
CA LEU B 133 21.33 1.71 -10.75
C LEU B 133 22.52 1.79 -9.80
N ILE B 134 23.32 2.83 -9.95
CA ILE B 134 24.56 2.96 -9.19
C ILE B 134 24.43 3.88 -7.97
N VAL B 135 24.76 3.35 -6.80
CA VAL B 135 24.71 4.13 -5.57
C VAL B 135 26.10 4.39 -5.02
N SER B 136 27.01 3.43 -5.21
CA SER B 136 28.38 3.51 -4.70
C SER B 136 29.07 4.86 -5.02
N ASN B 137 29.86 5.35 -4.06
CA ASN B 137 30.53 6.65 -4.19
C ASN B 137 31.98 6.61 -4.68
N PRO B 138 32.45 7.71 -5.31
CA PRO B 138 31.67 8.91 -5.66
C PRO B 138 30.75 8.60 -6.84
N VAL B 139 29.45 8.74 -6.63
CA VAL B 139 28.44 8.11 -7.48
C VAL B 139 28.46 8.50 -8.97
N ASP B 140 28.76 9.77 -9.26
CA ASP B 140 28.83 10.21 -10.64
C ASP B 140 30.00 9.54 -11.37
N ILE B 141 31.13 9.41 -10.70
CA ILE B 141 32.28 8.73 -11.27
C ILE B 141 32.00 7.25 -11.48
N LEU B 142 31.37 6.62 -10.50
CA LEU B 142 31.17 5.18 -10.58
C LEU B 142 30.08 4.82 -11.56
N THR B 143 29.14 5.74 -11.77
CA THR B 143 28.15 5.56 -12.82
C THR B 143 28.85 5.51 -14.17
N TYR B 144 29.71 6.50 -14.44
CA TYR B 144 30.55 6.46 -15.64
C TYR B 144 31.32 5.13 -15.75
N VAL B 145 32.04 4.78 -14.69
CA VAL B 145 32.76 3.52 -14.67
C VAL B 145 31.86 2.33 -15.01
N ALA B 146 30.66 2.31 -14.44
CA ALA B 146 29.71 1.22 -14.69
C ALA B 146 29.32 1.22 -16.16
N TRP B 147 29.16 2.42 -16.71
CA TRP B 147 28.78 2.56 -18.11
C TRP B 147 29.93 2.08 -19.01
N LYS B 148 31.14 2.54 -18.72
CA LYS B 148 32.33 2.14 -19.46
C LYS B 148 32.51 0.63 -19.50
N ILE B 149 32.57 0.01 -18.33
CA ILE B 149 32.81 -1.43 -18.25
C ILE B 149 31.69 -2.25 -18.91
N SER B 150 30.44 -1.86 -18.67
CA SER B 150 29.31 -2.66 -19.13
C SER B 150 29.12 -2.67 -20.64
N GLY B 151 29.43 -1.56 -21.28
CA GLY B 151 29.06 -1.40 -22.68
C GLY B 151 27.58 -1.10 -22.88
N PHE B 152 26.84 -0.92 -21.79
CA PHE B 152 25.40 -0.61 -21.89
C PHE B 152 25.14 0.71 -22.60
N PRO B 153 23.96 0.84 -23.27
CA PRO B 153 23.56 2.17 -23.76
C PRO B 153 23.22 3.06 -22.58
N LYS B 154 23.41 4.37 -22.69
CA LYS B 154 23.31 5.23 -21.52
C LYS B 154 21.97 5.20 -20.80
N ASN B 155 20.91 4.83 -21.51
CA ASN B 155 19.58 4.80 -20.90
C ASN B 155 19.45 3.77 -19.80
N ARG B 156 20.30 2.74 -19.85
CA ARG B 156 20.24 1.65 -18.87
C ARG B 156 21.31 1.76 -17.77
N VAL B 157 22.00 2.89 -17.70
CA VAL B 157 22.95 3.14 -16.60
C VAL B 157 22.54 4.40 -15.83
N ILE B 158 22.09 4.21 -14.60
CA ILE B 158 21.49 5.29 -13.84
C ILE B 158 22.24 5.49 -12.53
N GLY B 159 22.69 6.71 -12.29
CA GLY B 159 23.35 7.00 -11.02
C GLY B 159 22.36 7.59 -10.04
N SER B 160 22.42 7.17 -8.77
CA SER B 160 21.52 7.72 -7.75
C SER B 160 21.63 9.25 -7.72
N GLY B 161 22.84 9.75 -7.96
CA GLY B 161 23.04 11.16 -8.26
C GLY B 161 22.51 12.09 -7.18
N CYS B 162 21.77 13.12 -7.59
CA CYS B 162 21.25 14.09 -6.64
C CYS B 162 19.86 13.76 -6.14
N ASN B 163 19.48 12.48 -6.20
CA ASN B 163 18.18 12.06 -5.72
C ASN B 163 18.08 12.22 -4.21
N LEU B 164 19.11 11.78 -3.48
CA LEU B 164 19.10 11.98 -2.03
C LEU B 164 19.26 13.47 -1.66
N ASP B 165 20.17 14.17 -2.35
CA ASP B 165 20.36 15.61 -2.10
C ASP B 165 19.01 16.32 -2.25
N SER B 166 18.25 15.93 -3.27
CA SER B 166 16.97 16.56 -3.53
C SER B 166 15.93 16.20 -2.48
N ALA B 167 15.97 14.97 -1.97
CA ALA B 167 15.01 14.55 -0.96
C ALA B 167 15.26 15.31 0.35
N ARG B 168 16.53 15.48 0.69
CA ARG B 168 16.91 16.22 1.89
C ARG B 168 16.57 17.70 1.71
N PHE B 169 16.73 18.19 0.49
CA PHE B 169 16.44 19.60 0.25
C PHE B 169 14.96 19.88 0.46
N ARG B 170 14.14 18.98 -0.08
CA ARG B 170 12.71 19.17 -0.04
C ARG B 170 12.17 18.93 1.36
N TYR B 171 12.82 18.07 2.12
CA TYR B 171 12.44 17.91 3.52
C TYR B 171 12.66 19.24 4.26
N LEU B 172 13.84 19.83 4.08
CA LEU B 172 14.18 21.08 4.78
C LEU B 172 13.29 22.23 4.32
N MET B 173 13.05 22.31 3.01
CA MET B 173 12.11 23.26 2.45
C MET B 173 10.71 23.14 3.08
N GLY B 174 10.19 21.91 3.13
CA GLY B 174 8.91 21.67 3.79
C GLY B 174 8.87 22.12 5.23
N GLU B 175 9.94 21.90 5.98
CA GLU B 175 9.97 22.36 7.37
C GLU B 175 9.92 23.87 7.45
N ARG B 176 10.61 24.55 6.53
CA ARG B 176 10.59 26.00 6.57
C ARG B 176 9.19 26.56 6.24
N LEU B 177 8.49 25.90 5.32
CA LEU B 177 7.24 26.44 4.82
C LEU B 177 6.03 25.84 5.52
N GLY B 178 6.23 24.79 6.30
CA GLY B 178 5.12 24.09 6.94
C GLY B 178 4.26 23.30 5.96
N VAL B 179 4.90 22.78 4.91
CA VAL B 179 4.19 22.06 3.86
C VAL B 179 4.83 20.68 3.66
N HIS B 180 4.03 19.66 3.38
CA HIS B 180 4.59 18.34 3.12
C HIS B 180 5.59 18.43 1.97
N PRO B 181 6.75 17.74 2.12
CA PRO B 181 7.79 17.76 1.08
C PRO B 181 7.24 17.34 -0.28
N LEU B 182 6.21 16.51 -0.30
CA LEU B 182 5.55 16.15 -1.56
C LEU B 182 5.05 17.39 -2.32
N SER B 183 4.66 18.44 -1.59
CA SER B 183 4.09 19.63 -2.20
C SER B 183 5.11 20.76 -2.34
N CYS B 184 6.33 20.51 -1.86
CA CYS B 184 7.40 21.49 -1.99
C CYS B 184 8.37 21.08 -3.06
N HIS B 185 8.31 21.76 -4.20
CA HIS B 185 9.10 21.35 -5.35
C HIS B 185 10.41 22.11 -5.45
N GLY B 186 11.47 21.39 -5.80
CA GLY B 186 12.78 21.99 -5.81
C GLY B 186 13.79 20.94 -6.23
N TRP B 187 14.74 21.37 -7.06
CA TRP B 187 15.64 20.43 -7.69
C TRP B 187 17.09 20.75 -7.35
N VAL B 188 17.79 19.77 -6.78
CA VAL B 188 19.22 19.88 -6.58
C VAL B 188 19.89 19.07 -7.68
N LEU B 189 20.72 19.71 -8.48
CA LEU B 189 21.24 19.05 -9.68
C LEU B 189 22.76 19.11 -9.74
N GLY B 190 23.31 18.52 -10.80
CA GLY B 190 24.73 18.54 -11.05
C GLY B 190 25.44 17.40 -10.36
N GLU B 191 26.61 17.70 -9.79
CA GLU B 191 27.42 16.70 -9.12
C GLU B 191 26.88 16.39 -7.74
N HIS B 192 26.61 15.11 -7.46
CA HIS B 192 26.12 14.70 -6.14
C HIS B 192 27.06 15.15 -5.01
N GLY B 193 26.47 15.65 -3.93
CA GLY B 193 27.25 15.95 -2.74
C GLY B 193 27.67 17.40 -2.58
N ASP B 194 28.91 17.57 -2.12
CA ASP B 194 29.45 18.90 -1.80
C ASP B 194 29.17 19.97 -2.85
N SER B 195 29.27 19.59 -4.12
CA SER B 195 29.25 20.55 -5.23
C SER B 195 27.93 20.59 -5.99
N SER B 196 26.88 20.04 -5.39
CA SER B 196 25.57 20.01 -6.03
C SER B 196 25.00 21.41 -6.17
N VAL B 197 24.03 21.56 -7.07
CA VAL B 197 23.50 22.87 -7.42
C VAL B 197 22.01 22.98 -7.16
N PRO B 198 21.61 23.85 -6.24
CA PRO B 198 20.18 24.08 -5.97
C PRO B 198 19.59 25.04 -7.00
N VAL B 199 18.69 24.55 -7.84
CA VAL B 199 18.14 25.40 -8.90
C VAL B 199 17.01 26.26 -8.34
N TRP B 200 17.37 27.47 -7.88
CA TRP B 200 16.42 28.38 -7.24
C TRP B 200 15.20 28.68 -8.11
N SER B 201 15.40 28.80 -9.42
CA SER B 201 14.32 29.23 -10.31
C SER B 201 13.20 28.21 -10.39
N GLY B 202 13.48 26.97 -9.99
CA GLY B 202 12.49 25.91 -10.08
C GLY B 202 11.76 25.63 -8.78
N MET B 203 12.16 26.29 -7.70
CA MET B 203 11.50 26.07 -6.41
C MET B 203 10.16 26.75 -6.38
N ASN B 204 9.14 26.00 -5.96
CA ASN B 204 7.77 26.49 -6.03
C ASN B 204 6.85 25.64 -5.18
N VAL B 205 5.73 26.23 -4.77
CA VAL B 205 4.65 25.48 -4.19
C VAL B 205 3.43 25.82 -5.04
N ALA B 206 2.71 24.78 -5.46
CA ALA B 206 1.52 24.95 -6.30
C ALA B 206 1.80 25.81 -7.54
N GLY B 207 3.03 25.72 -8.05
CA GLY B 207 3.41 26.45 -9.25
C GLY B 207 3.76 27.92 -9.02
N VAL B 208 3.80 28.35 -7.76
CA VAL B 208 4.16 29.72 -7.45
C VAL B 208 5.66 29.80 -7.17
N SER B 209 6.40 30.42 -8.09
CA SER B 209 7.86 30.48 -7.97
C SER B 209 8.32 31.29 -6.75
N LEU B 210 9.10 30.64 -5.89
CA LEU B 210 9.68 31.31 -4.72
C LEU B 210 10.66 32.41 -5.13
N LYS B 211 11.43 32.17 -6.19
CA LYS B 211 12.38 33.16 -6.68
C LYS B 211 11.66 34.40 -7.22
N THR B 212 10.55 34.19 -7.93
CA THR B 212 9.77 35.33 -8.41
C THR B 212 9.23 36.17 -7.23
N LEU B 213 8.84 35.47 -6.17
CA LEU B 213 8.21 36.07 -5.00
C LEU B 213 9.26 36.73 -4.10
N HIS B 214 10.49 36.23 -4.19
CA HIS B 214 11.59 36.61 -3.30
C HIS B 214 12.86 36.62 -4.16
N PRO B 215 13.10 37.72 -4.87
CA PRO B 215 14.20 37.76 -5.85
C PRO B 215 15.58 37.44 -5.26
N ASP B 216 15.84 37.76 -3.99
CA ASP B 216 17.16 37.48 -3.42
C ASP B 216 17.32 36.01 -2.97
N LEU B 217 16.29 35.20 -3.21
CA LEU B 217 16.33 33.77 -2.90
C LEU B 217 17.63 33.10 -3.34
N GLY B 218 18.41 32.62 -2.38
CA GLY B 218 19.61 31.87 -2.70
C GLY B 218 20.84 32.72 -2.94
N THR B 219 20.70 34.02 -2.78
CA THR B 219 21.84 34.91 -2.95
C THR B 219 22.28 35.36 -1.57
N ASP B 220 23.44 36.01 -1.53
CA ASP B 220 24.01 36.51 -0.27
C ASP B 220 23.15 37.62 0.32
N LYS B 221 22.44 38.33 -0.54
CA LYS B 221 21.58 39.42 -0.11
C LYS B 221 20.39 38.94 0.69
N ASP B 222 20.12 37.64 0.63
CA ASP B 222 18.92 37.06 1.23
C ASP B 222 18.92 37.20 2.75
N LYS B 223 17.95 37.95 3.27
CA LYS B 223 17.84 38.14 4.70
C LYS B 223 17.45 36.85 5.43
N GLU B 224 16.73 35.98 4.73
CA GLU B 224 16.31 34.70 5.30
C GLU B 224 17.31 33.58 5.02
N GLN B 225 18.37 33.89 4.27
CA GLN B 225 19.45 32.94 4.03
C GLN B 225 18.96 31.58 3.56
N TRP B 226 18.16 31.57 2.51
CA TRP B 226 17.67 30.34 1.94
C TRP B 226 18.81 29.50 1.40
N LYS B 227 19.92 30.16 1.06
CA LYS B 227 21.11 29.46 0.58
C LYS B 227 21.58 28.44 1.62
N GLU B 228 21.32 28.74 2.89
CA GLU B 228 21.72 27.86 3.98
C GLU B 228 20.92 26.56 3.98
N VAL B 229 19.78 26.54 3.28
CA VAL B 229 19.01 25.31 3.18
C VAL B 229 19.80 24.29 2.36
N HIS B 230 20.38 24.73 1.25
CA HIS B 230 21.26 23.84 0.50
C HIS B 230 22.50 23.49 1.31
N LYS B 231 22.99 24.45 2.09
CA LYS B 231 24.19 24.20 2.88
C LYS B 231 23.88 23.15 3.95
N GLN B 232 22.65 23.15 4.47
CA GLN B 232 22.25 22.18 5.47
C GLN B 232 22.15 20.77 4.88
N VAL B 233 21.67 20.64 3.64
CA VAL B 233 21.69 19.36 2.96
C VAL B 233 23.09 18.75 2.98
N VAL B 234 24.08 19.54 2.60
CA VAL B 234 25.46 19.06 2.61
C VAL B 234 25.94 18.71 4.03
N GLU B 235 25.81 19.66 4.95
CA GLU B 235 26.16 19.44 6.36
C GLU B 235 25.39 18.27 7.00
N SER B 236 24.17 18.03 6.58
CA SER B 236 23.37 16.95 7.15
C SER B 236 24.00 15.58 6.85
N ALA B 237 24.61 15.45 5.68
CA ALA B 237 25.30 14.20 5.32
C ALA B 237 26.41 13.88 6.32
N TYR B 238 27.31 14.85 6.51
CA TYR B 238 28.39 14.71 7.48
C TYR B 238 27.86 14.47 8.90
N GLU B 239 26.78 15.17 9.26
CA GLU B 239 26.24 15.04 10.62
C GLU B 239 25.65 13.66 10.88
N VAL B 240 24.90 13.13 9.93
CA VAL B 240 24.36 11.76 10.10
C VAL B 240 25.49 10.73 10.23
N ILE B 241 26.50 10.83 9.36
CA ILE B 241 27.69 9.99 9.53
C ILE B 241 28.25 10.11 10.95
N LYS B 242 28.43 11.34 11.42
CA LYS B 242 28.99 11.56 12.76
C LYS B 242 28.11 10.95 13.86
N LEU B 243 26.80 11.14 13.76
CA LEU B 243 25.88 10.69 14.81
C LEU B 243 25.65 9.17 14.85
N LYS B 244 25.45 8.54 13.70
CA LYS B 244 25.12 7.11 13.67
C LYS B 244 26.06 6.23 12.82
N GLY B 245 27.06 6.86 12.20
CA GLY B 245 28.13 6.09 11.58
C GLY B 245 27.94 5.73 10.13
N TYR B 246 26.76 6.01 9.58
CA TYR B 246 26.42 5.69 8.20
C TYR B 246 25.05 6.30 7.93
N THR B 247 24.64 6.42 6.66
CA THR B 247 23.25 6.78 6.33
C THR B 247 22.56 5.60 5.62
N SER B 248 21.33 5.29 6.03
CA SER B 248 20.66 4.11 5.47
C SER B 248 19.20 4.36 5.06
N TRP B 249 18.35 4.74 6.00
CA TRP B 249 16.92 4.85 5.70
C TRP B 249 16.58 5.80 4.55
N ALA B 250 17.11 7.02 4.57
CA ALA B 250 16.76 7.97 3.52
C ALA B 250 17.23 7.49 2.16
N ILE B 251 18.45 6.98 2.07
CA ILE B 251 18.95 6.53 0.77
C ILE B 251 18.13 5.33 0.26
N GLY B 252 17.91 4.34 1.13
CA GLY B 252 17.10 3.19 0.76
C GLY B 252 15.71 3.54 0.22
N LEU B 253 15.04 4.46 0.87
CA LEU B 253 13.73 4.91 0.41
C LEU B 253 13.81 5.65 -0.93
N SER B 254 14.89 6.41 -1.13
CA SER B 254 15.04 7.17 -2.37
C SER B 254 15.30 6.20 -3.53
N VAL B 255 16.06 5.16 -3.25
CA VAL B 255 16.35 4.14 -4.25
C VAL B 255 15.10 3.34 -4.59
N ALA B 256 14.28 3.02 -3.60
CA ALA B 256 13.04 2.31 -3.86
C ALA B 256 12.07 3.15 -4.72
N ASP B 257 12.12 4.46 -4.52
CA ASP B 257 11.29 5.36 -5.32
C ASP B 257 11.68 5.27 -6.79
N LEU B 258 12.98 5.25 -7.08
CA LEU B 258 13.44 5.12 -8.47
C LEU B 258 13.07 3.74 -9.03
N ALA B 259 13.28 2.71 -8.22
CA ALA B 259 12.96 1.34 -8.59
C ALA B 259 11.49 1.23 -8.95
N GLU B 260 10.65 1.91 -8.18
CA GLU B 260 9.23 1.87 -8.46
C GLU B 260 8.90 2.39 -9.86
N SER B 261 9.47 3.52 -10.26
CA SER B 261 9.20 4.07 -11.59
C SER B 261 9.76 3.16 -12.69
N ILE B 262 10.91 2.57 -12.45
CA ILE B 262 11.54 1.71 -13.42
C ILE B 262 10.73 0.41 -13.63
N MET B 263 10.45 -0.31 -12.54
CA MET B 263 9.73 -1.58 -12.64
C MET B 263 8.29 -1.42 -13.12
N LYS B 264 7.66 -0.30 -12.78
CA LYS B 264 6.24 -0.10 -13.12
C LYS B 264 6.06 0.78 -14.36
N ASN B 265 7.16 1.10 -15.03
CA ASN B 265 7.14 1.92 -16.23
C ASN B 265 6.37 3.23 -16.05
N LEU B 266 6.61 3.90 -14.94
CA LEU B 266 5.78 5.05 -14.59
C LEU B 266 6.04 6.29 -15.43
N ARG B 267 7.27 6.46 -15.89
CA ARG B 267 7.64 7.71 -16.58
C ARG B 267 7.46 8.93 -15.68
N ARG B 268 7.77 8.76 -14.40
CA ARG B 268 7.91 9.90 -13.51
C ARG B 268 9.27 10.56 -13.74
N VAL B 269 9.41 11.80 -13.28
CA VAL B 269 10.69 12.51 -13.41
C VAL B 269 11.42 12.58 -12.07
N HIS B 270 12.70 12.20 -12.08
CA HIS B 270 13.51 12.13 -10.86
C HIS B 270 14.87 12.76 -11.10
N PRO B 271 15.49 13.31 -10.05
CA PRO B 271 16.85 13.81 -10.22
C PRO B 271 17.88 12.66 -10.10
N VAL B 272 18.34 12.13 -11.22
CA VAL B 272 19.35 11.07 -11.20
C VAL B 272 20.49 11.42 -12.14
N SER B 273 21.61 10.72 -11.99
CA SER B 273 22.78 11.04 -12.79
C SER B 273 22.78 10.31 -14.11
N THR B 274 22.98 11.06 -15.18
CA THR B 274 22.97 10.51 -16.52
C THR B 274 24.09 11.12 -17.34
N MET B 275 24.39 10.53 -18.50
CA MET B 275 25.42 11.04 -19.39
C MET B 275 24.99 12.41 -19.91
N ILE B 276 25.70 13.47 -19.55
CA ILE B 276 25.26 14.81 -19.94
C ILE B 276 26.13 15.52 -20.99
N LYS B 277 27.11 14.81 -21.54
CA LYS B 277 27.87 15.30 -22.68
C LYS B 277 26.90 15.82 -23.75
N GLY B 278 27.09 17.04 -24.20
CA GLY B 278 26.22 17.62 -25.21
C GLY B 278 25.32 18.69 -24.62
N LEU B 279 25.28 18.78 -23.29
CA LEU B 279 24.50 19.81 -22.62
C LEU B 279 25.41 20.78 -21.88
N TYR B 280 24.97 22.03 -21.77
CA TYR B 280 25.67 23.03 -20.95
C TYR B 280 27.13 23.21 -21.36
N GLY B 281 27.43 22.94 -22.63
CA GLY B 281 28.79 23.11 -23.13
C GLY B 281 29.77 22.04 -22.69
N ILE B 282 29.27 20.97 -22.08
CA ILE B 282 30.13 19.88 -21.65
C ILE B 282 30.39 18.89 -22.78
N LYS B 283 31.67 18.65 -23.04
CA LYS B 283 32.09 17.78 -24.14
C LYS B 283 32.57 16.41 -23.66
N ASP B 284 32.80 16.27 -22.36
CA ASP B 284 33.41 15.07 -21.81
C ASP B 284 32.40 13.98 -21.43
N ASP B 285 32.84 12.72 -21.44
CA ASP B 285 32.00 11.63 -21.00
C ASP B 285 31.85 11.68 -19.49
N VAL B 286 30.89 12.46 -19.02
CA VAL B 286 30.68 12.58 -17.59
C VAL B 286 29.20 12.47 -17.26
N PHE B 287 28.92 11.96 -16.08
CA PHE B 287 27.54 11.80 -15.64
C PHE B 287 27.24 12.87 -14.59
N LEU B 288 26.13 13.58 -14.79
CA LEU B 288 25.67 14.55 -13.80
C LEU B 288 24.16 14.42 -13.69
N SER B 289 23.62 14.95 -12.61
CA SER B 289 22.18 14.86 -12.38
C SER B 289 21.36 15.95 -13.06
N VAL B 290 20.42 15.51 -13.88
CA VAL B 290 19.36 16.37 -14.40
C VAL B 290 18.06 15.63 -14.13
N PRO B 291 16.90 16.29 -14.28
CA PRO B 291 15.69 15.50 -14.10
C PRO B 291 15.51 14.54 -15.27
N CYS B 292 15.34 13.25 -14.99
CA CYS B 292 15.20 12.25 -16.05
C CYS B 292 13.86 11.55 -15.93
N ILE B 293 13.30 11.15 -17.07
CA ILE B 293 12.09 10.34 -17.09
C ILE B 293 12.46 8.89 -16.93
N LEU B 294 11.91 8.23 -15.92
CA LEU B 294 12.27 6.86 -15.61
C LEU B 294 11.16 5.87 -15.93
N GLY B 295 11.49 4.84 -16.72
CA GLY B 295 10.54 3.79 -17.05
C GLY B 295 11.20 2.45 -17.27
N GLN B 296 10.53 1.55 -17.98
CA GLN B 296 11.04 0.17 -18.12
C GLN B 296 12.32 0.10 -18.97
N ASN B 297 12.61 1.14 -19.75
CA ASN B 297 13.89 1.23 -20.47
C ASN B 297 14.92 2.17 -19.80
N GLY B 298 14.80 2.36 -18.49
CA GLY B 298 15.71 3.24 -17.77
C GLY B 298 15.39 4.69 -18.04
N ILE B 299 16.40 5.46 -18.42
CA ILE B 299 16.19 6.86 -18.75
C ILE B 299 15.89 7.02 -20.24
N SER B 300 14.61 7.11 -20.59
CA SER B 300 14.20 7.23 -21.98
C SER B 300 14.35 8.67 -22.48
N ASP B 301 14.30 9.62 -21.54
CA ASP B 301 14.26 11.04 -21.85
C ASP B 301 14.85 11.81 -20.70
N LEU B 302 15.34 13.00 -20.96
CA LEU B 302 15.69 13.89 -19.86
C LEU B 302 15.05 15.26 -20.08
N VAL B 303 14.77 15.96 -18.99
CA VAL B 303 14.21 17.31 -19.07
C VAL B 303 15.35 18.29 -19.25
N LYS B 304 15.22 19.22 -20.20
CA LYS B 304 16.27 20.21 -20.41
C LYS B 304 16.02 21.44 -19.55
N VAL B 305 16.60 21.43 -18.36
CA VAL B 305 16.42 22.50 -17.41
C VAL B 305 17.16 23.76 -17.83
N THR B 306 16.46 24.89 -17.79
CA THR B 306 17.09 26.15 -18.12
C THR B 306 17.92 26.65 -16.92
N LEU B 307 19.24 26.60 -17.07
CA LEU B 307 20.17 27.03 -16.01
C LEU B 307 20.66 28.44 -16.27
N THR B 308 20.92 29.19 -15.21
CA THR B 308 21.52 30.51 -15.33
C THR B 308 22.98 30.30 -15.66
N SER B 309 23.69 31.37 -16.00
CA SER B 309 25.12 31.29 -16.29
C SER B 309 25.95 30.68 -15.17
N GLU B 310 25.67 31.10 -13.94
CA GLU B 310 26.37 30.56 -12.78
C GLU B 310 26.13 29.06 -12.65
N GLU B 311 24.86 28.67 -12.75
CA GLU B 311 24.48 27.26 -12.69
C GLU B 311 25.19 26.43 -13.76
N GLU B 312 25.20 26.91 -15.00
CA GLU B 312 25.91 26.21 -16.07
C GLU B 312 27.39 26.08 -15.76
N ALA B 313 28.01 27.17 -15.32
CA ALA B 313 29.42 27.19 -14.99
C ALA B 313 29.74 26.19 -13.88
N ARG B 314 28.78 26.00 -12.96
CA ARG B 314 29.00 25.08 -11.86
C ARG B 314 28.91 23.63 -12.37
N LEU B 315 27.97 23.36 -13.26
CA LEU B 315 27.92 22.04 -13.88
C LEU B 315 29.17 21.79 -14.73
N LYS B 316 29.59 22.78 -15.52
CA LYS B 316 30.78 22.61 -16.33
C LYS B 316 32.03 22.42 -15.47
N LYS B 317 32.06 23.05 -14.30
CA LYS B 317 33.19 22.89 -13.41
C LYS B 317 33.25 21.46 -12.92
N SER B 318 32.10 20.95 -12.45
CA SER B 318 32.00 19.57 -12.02
C SER B 318 32.46 18.59 -13.11
N ALA B 319 32.02 18.83 -14.34
CA ALA B 319 32.35 17.95 -15.45
C ALA B 319 33.85 17.93 -15.69
N ASP B 320 34.49 19.09 -15.62
CA ASP B 320 35.92 19.17 -15.84
C ASP B 320 36.68 18.41 -14.76
N THR B 321 36.23 18.58 -13.53
CA THR B 321 36.87 17.91 -12.40
C THR B 321 36.65 16.41 -12.49
N LEU B 322 35.44 16.00 -12.83
CA LEU B 322 35.14 14.58 -12.92
C LEU B 322 35.98 13.95 -14.01
N TRP B 323 36.00 14.58 -15.18
CA TRP B 323 36.81 14.05 -16.26
C TRP B 323 38.29 13.92 -15.90
N GLY B 324 38.82 14.94 -15.21
CA GLY B 324 40.20 14.96 -14.77
C GLY B 324 40.58 13.76 -13.92
N ILE B 325 39.63 13.26 -13.14
CA ILE B 325 39.84 12.05 -12.35
C ILE B 325 39.69 10.84 -13.26
N GLN B 326 38.61 10.81 -14.02
CA GLN B 326 38.29 9.69 -14.90
C GLN B 326 39.36 9.32 -15.92
N LYS B 327 40.06 10.33 -16.44
CA LYS B 327 41.11 10.12 -17.45
C LYS B 327 42.28 9.35 -16.87
N GLU B 328 42.47 9.47 -15.56
CA GLU B 328 43.58 8.79 -14.88
C GLU B 328 43.22 7.44 -14.26
N LEU B 329 41.98 6.99 -14.43
CA LEU B 329 41.52 5.74 -13.83
C LEU B 329 42.01 4.52 -14.58
N GLN B 330 42.45 3.50 -13.85
CA GLN B 330 42.88 2.24 -14.45
C GLN B 330 41.73 1.24 -14.52
N PHE B 331 41.27 0.96 -15.74
CA PHE B 331 40.19 0.01 -15.95
C PHE B 331 40.67 -1.43 -16.12
N ALA C 1 11.57 24.46 -32.33
CA ALA C 1 10.95 23.17 -32.06
C ALA C 1 9.63 23.32 -31.30
N THR C 2 8.98 22.20 -31.03
CA THR C 2 7.77 22.20 -30.20
C THR C 2 8.11 22.51 -28.74
N LEU C 3 7.09 22.76 -27.93
CA LEU C 3 7.32 22.91 -26.50
C LEU C 3 7.95 21.64 -25.94
N LYS C 4 7.37 20.49 -26.31
CA LYS C 4 7.84 19.18 -25.86
C LYS C 4 9.33 18.96 -26.18
N ASP C 5 9.74 19.39 -27.37
CA ASP C 5 11.12 19.20 -27.79
C ASP C 5 12.05 20.22 -27.13
N GLN C 6 11.51 21.40 -26.81
CA GLN C 6 12.28 22.36 -26.03
C GLN C 6 12.46 21.83 -24.61
N LEU C 7 11.43 21.18 -24.09
CA LEU C 7 11.41 20.74 -22.71
C LEU C 7 12.15 19.42 -22.49
N ILE C 8 12.00 18.50 -23.44
CA ILE C 8 12.40 17.12 -23.21
C ILE C 8 13.35 16.59 -24.27
N TYR C 9 14.54 16.17 -23.86
CA TYR C 9 15.47 15.50 -24.78
C TYR C 9 15.23 14.00 -24.78
N ASN C 10 15.02 13.42 -25.95
CA ASN C 10 14.77 11.99 -26.05
C ASN C 10 16.02 11.15 -26.27
N LEU C 11 16.19 10.07 -25.49
CA LEU C 11 17.33 9.17 -25.64
C LEU C 11 16.98 7.94 -26.49
N LEU C 12 15.75 7.45 -26.38
CA LEU C 12 15.26 6.41 -27.26
C LEU C 12 13.75 6.43 -27.41
N LYS C 13 13.26 6.04 -28.58
CA LYS C 13 11.84 5.93 -28.80
C LYS C 13 11.39 4.49 -28.55
N GLU C 14 12.35 3.57 -28.67
CA GLU C 14 12.11 2.12 -28.59
C GLU C 14 11.08 1.67 -27.55
N GLU C 15 9.79 1.73 -27.92
CA GLU C 15 8.76 1.29 -27.01
C GLU C 15 8.77 -0.23 -26.93
N GLN C 16 8.11 -0.78 -25.90
CA GLN C 16 8.29 -2.19 -25.54
C GLN C 16 6.92 -2.88 -25.36
N THR C 17 6.92 -4.20 -25.44
CA THR C 17 5.74 -4.97 -25.10
C THR C 17 5.38 -4.68 -23.63
N PRO C 18 4.10 -4.45 -23.34
CA PRO C 18 3.69 -4.28 -21.94
C PRO C 18 4.00 -5.56 -21.17
N GLN C 19 4.56 -5.42 -19.97
CA GLN C 19 5.15 -6.55 -19.27
C GLN C 19 4.20 -7.17 -18.26
N ASN C 20 3.21 -6.40 -17.84
CA ASN C 20 2.29 -6.86 -16.80
C ASN C 20 0.89 -6.42 -17.13
N LYS C 21 0.42 -6.81 -18.31
CA LYS C 21 -0.85 -6.36 -18.83
C LYS C 21 -2.03 -7.21 -18.39
N ILE C 22 -3.15 -6.56 -18.07
CA ILE C 22 -4.38 -7.24 -17.73
C ILE C 22 -5.50 -6.69 -18.61
N THR C 23 -6.37 -7.57 -19.11
CA THR C 23 -7.55 -7.14 -19.83
C THR C 23 -8.81 -7.52 -19.08
N VAL C 24 -9.81 -6.64 -19.09
CA VAL C 24 -11.13 -6.99 -18.60
C VAL C 24 -12.12 -6.92 -19.76
N VAL C 25 -12.71 -8.07 -20.09
CA VAL C 25 -13.75 -8.12 -21.11
C VAL C 25 -15.10 -8.05 -20.41
N GLY C 26 -15.93 -7.10 -20.83
CA GLY C 26 -17.20 -6.85 -20.19
C GLY C 26 -17.10 -5.74 -19.16
N VAL C 27 -17.65 -4.57 -19.49
CA VAL C 27 -17.56 -3.40 -18.61
C VAL C 27 -18.87 -3.09 -17.89
N GLY C 28 -19.61 -4.14 -17.55
CA GLY C 28 -20.75 -4.01 -16.66
C GLY C 28 -20.25 -3.67 -15.26
N ALA C 29 -21.17 -3.68 -14.30
CA ALA C 29 -20.83 -3.34 -12.93
C ALA C 29 -19.77 -4.28 -12.35
N VAL C 30 -19.76 -5.52 -12.82
CA VAL C 30 -18.79 -6.50 -12.33
C VAL C 30 -17.40 -6.23 -12.90
N GLY C 31 -17.30 -6.11 -14.21
CA GLY C 31 -16.02 -5.83 -14.84
C GLY C 31 -15.39 -4.55 -14.31
N MET C 32 -16.16 -3.46 -14.22
CA MET C 32 -15.61 -2.19 -13.77
C MET C 32 -15.15 -2.23 -12.31
N ALA C 33 -15.85 -2.99 -11.48
CA ALA C 33 -15.39 -3.16 -10.11
C ALA C 33 -14.08 -3.96 -10.10
N CYS C 34 -13.96 -4.91 -11.02
CA CYS C 34 -12.71 -5.64 -11.17
C CYS C 34 -11.61 -4.65 -11.59
N ALA C 35 -11.94 -3.82 -12.57
CA ALA C 35 -10.99 -2.84 -13.08
C ALA C 35 -10.48 -1.90 -11.98
N ILE C 36 -11.39 -1.35 -11.18
CA ILE C 36 -11.02 -0.37 -10.16
C ILE C 36 -10.16 -1.02 -9.06
N SER C 37 -10.49 -2.25 -8.70
CA SER C 37 -9.78 -2.91 -7.62
C SER C 37 -8.38 -3.31 -8.06
N ILE C 38 -8.27 -3.72 -9.33
CA ILE C 38 -7.00 -4.04 -9.93
C ILE C 38 -6.12 -2.80 -10.05
N LEU C 39 -6.74 -1.67 -10.42
CA LEU C 39 -6.01 -0.41 -10.54
C LEU C 39 -5.45 0.06 -9.20
N MET C 40 -6.27 0.00 -8.16
CA MET C 40 -5.85 0.52 -6.87
C MET C 40 -4.92 -0.45 -6.13
N LYS C 41 -4.65 -1.61 -6.73
CA LYS C 41 -3.74 -2.55 -6.12
C LYS C 41 -2.42 -2.61 -6.87
N ASP C 42 -2.29 -1.79 -7.90
CA ASP C 42 -1.04 -1.67 -8.65
C ASP C 42 -0.56 -3.01 -9.20
N LEU C 43 -1.46 -3.75 -9.82
CA LEU C 43 -1.15 -5.09 -10.28
C LEU C 43 -0.70 -5.12 -11.74
N ALA C 44 -1.07 -4.08 -12.49
CA ALA C 44 -0.81 -4.05 -13.93
C ALA C 44 -0.11 -2.77 -14.36
N ASP C 45 0.67 -2.84 -15.43
CA ASP C 45 1.26 -1.63 -16.00
C ASP C 45 0.48 -1.16 -17.22
N GLU C 46 -0.47 -1.98 -17.64
CA GLU C 46 -1.41 -1.59 -18.68
C GLU C 46 -2.72 -2.31 -18.44
N LEU C 47 -3.83 -1.61 -18.64
CA LEU C 47 -5.15 -2.19 -18.47
C LEU C 47 -5.96 -1.96 -19.75
N ALA C 48 -6.52 -3.03 -20.28
CA ALA C 48 -7.39 -2.92 -21.46
C ALA C 48 -8.81 -3.34 -21.14
N LEU C 49 -9.77 -2.58 -21.66
CA LEU C 49 -11.18 -2.92 -21.52
C LEU C 49 -11.77 -3.24 -22.88
N VAL C 50 -12.64 -4.24 -22.92
CA VAL C 50 -13.35 -4.61 -24.14
C VAL C 50 -14.84 -4.79 -23.82
N ASP C 51 -15.70 -4.31 -24.70
CA ASP C 51 -17.12 -4.59 -24.61
C ASP C 51 -17.68 -4.45 -26.02
N VAL C 52 -18.95 -4.82 -26.22
CA VAL C 52 -19.59 -4.60 -27.52
C VAL C 52 -20.34 -3.28 -27.55
N ILE C 53 -20.65 -2.75 -26.37
CA ILE C 53 -21.36 -1.47 -26.26
C ILE C 53 -20.36 -0.31 -26.30
N GLU C 54 -20.22 0.30 -27.46
CA GLU C 54 -19.09 1.20 -27.72
C GLU C 54 -19.07 2.48 -26.89
N ASP C 55 -20.25 3.08 -26.69
CA ASP C 55 -20.37 4.33 -25.94
C ASP C 55 -19.91 4.16 -24.49
N LYS C 56 -20.57 3.26 -23.77
CA LYS C 56 -20.23 2.96 -22.39
C LYS C 56 -18.75 2.61 -22.22
N LEU C 57 -18.24 1.81 -23.15
CA LEU C 57 -16.84 1.39 -23.13
C LEU C 57 -15.88 2.58 -23.17
N LYS C 58 -16.13 3.53 -24.07
CA LYS C 58 -15.29 4.72 -24.12
C LYS C 58 -15.45 5.52 -22.82
N GLY C 59 -16.68 5.60 -22.33
CA GLY C 59 -16.97 6.38 -21.14
C GLY C 59 -16.19 5.85 -19.96
N GLU C 60 -16.30 4.55 -19.71
CA GLU C 60 -15.60 3.92 -18.59
C GLU C 60 -14.09 4.09 -18.71
N MET C 61 -13.58 3.96 -19.92
CA MET C 61 -12.14 4.09 -20.14
C MET C 61 -11.67 5.48 -19.74
N MET C 62 -12.38 6.49 -20.22
CA MET C 62 -12.05 7.90 -19.95
C MET C 62 -12.11 8.23 -18.46
N ASP C 63 -13.16 7.74 -17.81
CA ASP C 63 -13.34 7.94 -16.38
C ASP C 63 -12.15 7.38 -15.61
N LEU C 64 -11.68 6.20 -16.00
CA LEU C 64 -10.50 5.59 -15.38
C LEU C 64 -9.26 6.41 -15.68
N GLN C 65 -9.07 6.76 -16.95
CA GLN C 65 -7.91 7.54 -17.37
C GLN C 65 -7.82 8.84 -16.58
N HIS C 66 -8.97 9.43 -16.27
CA HIS C 66 -9.00 10.71 -15.59
C HIS C 66 -8.53 10.62 -14.12
N GLY C 67 -8.43 9.39 -13.61
CA GLY C 67 -7.92 9.16 -12.27
C GLY C 67 -6.43 8.85 -12.26
N SER C 68 -5.79 8.93 -13.43
CA SER C 68 -4.36 8.55 -13.58
C SER C 68 -3.42 9.18 -12.55
N LEU C 69 -3.70 10.43 -12.20
CA LEU C 69 -2.89 11.16 -11.24
C LEU C 69 -2.76 10.40 -9.93
N PHE C 70 -3.81 9.69 -9.55
CA PHE C 70 -3.87 9.00 -8.27
C PHE C 70 -3.56 7.50 -8.36
N LEU C 71 -3.11 7.05 -9.53
CA LEU C 71 -2.84 5.64 -9.76
C LEU C 71 -1.41 5.43 -10.17
N ARG C 72 -1.08 4.17 -10.44
CA ARG C 72 0.26 3.81 -10.83
C ARG C 72 0.20 2.80 -11.96
N THR C 73 -0.76 3.00 -12.85
CA THR C 73 -0.91 2.19 -14.06
C THR C 73 -0.90 3.13 -15.27
N PRO C 74 0.24 3.17 -15.98
CA PRO C 74 0.49 4.32 -16.85
C PRO C 74 -0.29 4.31 -18.17
N LYS C 75 -0.89 3.19 -18.54
CA LYS C 75 -1.60 3.07 -19.81
C LYS C 75 -2.90 2.31 -19.67
N ILE C 76 -3.99 2.98 -20.04
CA ILE C 76 -5.32 2.40 -19.99
C ILE C 76 -5.95 2.57 -21.37
N VAL C 77 -6.36 1.45 -21.97
CA VAL C 77 -6.92 1.46 -23.32
C VAL C 77 -8.23 0.72 -23.34
N SER C 78 -8.98 0.87 -24.42
CA SER C 78 -10.24 0.15 -24.54
C SER C 78 -10.57 0.05 -26.01
N GLY C 79 -11.46 -0.88 -26.36
CA GLY C 79 -11.86 -1.03 -27.74
C GLY C 79 -12.79 -2.20 -27.97
N LYS C 80 -13.53 -2.12 -29.07
CA LYS C 80 -14.32 -3.22 -29.58
C LYS C 80 -13.35 -4.26 -30.14
N ASP C 81 -12.27 -3.79 -30.75
CA ASP C 81 -11.30 -4.67 -31.38
C ASP C 81 -10.36 -5.31 -30.35
N TYR C 82 -10.03 -6.59 -30.52
CA TYR C 82 -9.19 -7.28 -29.55
C TYR C 82 -7.70 -6.96 -29.65
N ASN C 83 -7.33 -6.14 -30.63
CA ASN C 83 -5.93 -5.74 -30.76
C ASN C 83 -5.47 -4.88 -29.57
N VAL C 84 -6.43 -4.34 -28.82
CA VAL C 84 -6.13 -3.58 -27.60
C VAL C 84 -5.74 -4.48 -26.45
N THR C 85 -6.05 -5.77 -26.58
CA THR C 85 -5.78 -6.75 -25.53
C THR C 85 -4.44 -7.47 -25.69
N ALA C 86 -3.70 -7.12 -26.74
CA ALA C 86 -2.46 -7.81 -27.10
C ALA C 86 -1.50 -7.96 -25.93
N ASN C 87 -0.98 -9.17 -25.75
CA ASN C 87 0.04 -9.47 -24.73
C ASN C 87 -0.42 -9.29 -23.29
N SER C 88 -1.68 -9.60 -23.02
CA SER C 88 -2.17 -9.68 -21.66
C SER C 88 -1.62 -10.94 -20.96
N LYS C 89 -1.16 -10.79 -19.72
CA LYS C 89 -0.79 -11.92 -18.89
C LYS C 89 -2.06 -12.59 -18.39
N LEU C 90 -3.05 -11.75 -18.10
CA LEU C 90 -4.28 -12.19 -17.46
C LEU C 90 -5.44 -11.57 -18.21
N VAL C 91 -6.34 -12.40 -18.70
CA VAL C 91 -7.57 -11.87 -19.29
C VAL C 91 -8.77 -12.34 -18.50
N ILE C 92 -9.52 -11.38 -17.99
CA ILE C 92 -10.65 -11.66 -17.12
C ILE C 92 -11.94 -11.44 -17.88
N ILE C 93 -12.76 -12.49 -17.98
CA ILE C 93 -14.03 -12.40 -18.70
C ILE C 93 -15.21 -12.23 -17.72
N THR C 94 -15.93 -11.12 -17.87
CA THR C 94 -17.14 -10.87 -17.10
C THR C 94 -18.31 -10.56 -18.01
N ALA C 95 -18.16 -10.83 -19.31
CA ALA C 95 -19.22 -10.56 -20.27
C ALA C 95 -20.30 -11.63 -20.23
N GLY C 96 -21.51 -11.26 -20.62
CA GLY C 96 -22.62 -12.20 -20.60
C GLY C 96 -23.95 -11.53 -20.83
N ALA C 97 -24.99 -12.34 -21.05
CA ALA C 97 -26.32 -11.81 -21.38
C ALA C 97 -27.05 -11.22 -20.17
N LEU C 106 -31.36 -22.45 -18.36
CA LEU C 106 -30.58 -23.22 -19.32
C LEU C 106 -30.32 -22.45 -20.62
N ASN C 107 -31.37 -21.87 -21.20
CA ASN C 107 -31.24 -21.14 -22.45
C ASN C 107 -30.23 -20.02 -22.34
N LEU C 108 -30.13 -19.47 -21.14
CA LEU C 108 -29.15 -18.44 -20.79
C LEU C 108 -27.72 -18.98 -21.01
N VAL C 109 -27.53 -20.28 -20.76
CA VAL C 109 -26.21 -20.88 -20.94
C VAL C 109 -25.79 -20.86 -22.40
N GLN C 110 -26.68 -21.26 -23.30
CA GLN C 110 -26.33 -21.25 -24.71
C GLN C 110 -26.02 -19.84 -25.20
N ARG C 111 -26.77 -18.85 -24.73
CA ARG C 111 -26.48 -17.46 -25.12
C ARG C 111 -25.10 -17.03 -24.63
N ASN C 112 -24.72 -17.42 -23.42
CA ASN C 112 -23.40 -17.07 -22.92
C ASN C 112 -22.32 -17.89 -23.60
N VAL C 113 -22.66 -19.13 -23.97
CA VAL C 113 -21.79 -19.95 -24.77
C VAL C 113 -21.54 -19.30 -26.13
N ASN C 114 -22.61 -18.80 -26.76
CA ASN C 114 -22.47 -18.13 -28.06
C ASN C 114 -21.63 -16.86 -27.96
N ILE C 115 -21.79 -16.14 -26.86
CA ILE C 115 -20.94 -14.99 -26.58
C ILE C 115 -19.47 -15.43 -26.46
N PHE C 116 -19.23 -16.51 -25.71
CA PHE C 116 -17.87 -16.98 -25.53
C PHE C 116 -17.25 -17.45 -26.85
N LYS C 117 -18.10 -17.99 -27.73
CA LYS C 117 -17.64 -18.41 -29.06
C LYS C 117 -17.04 -17.26 -29.84
N PHE C 118 -17.49 -16.04 -29.55
CA PHE C 118 -16.92 -14.87 -30.21
C PHE C 118 -15.70 -14.34 -29.45
N ILE C 119 -15.80 -14.27 -28.13
CA ILE C 119 -14.76 -13.66 -27.31
C ILE C 119 -13.48 -14.49 -27.26
N ILE C 120 -13.60 -15.74 -26.85
CA ILE C 120 -12.43 -16.59 -26.59
C ILE C 120 -11.42 -16.71 -27.75
N PRO C 121 -11.89 -16.99 -28.98
CA PRO C 121 -10.91 -17.04 -30.07
C PRO C 121 -10.19 -15.71 -30.27
N ASN C 122 -10.89 -14.60 -30.07
CA ASN C 122 -10.26 -13.29 -30.18
C ASN C 122 -9.19 -13.03 -29.12
N VAL C 123 -9.51 -13.40 -27.89
CA VAL C 123 -8.56 -13.26 -26.79
C VAL C 123 -7.30 -14.09 -27.07
N VAL C 124 -7.52 -15.35 -27.45
CA VAL C 124 -6.42 -16.29 -27.72
C VAL C 124 -5.55 -15.85 -28.91
N LYS C 125 -6.19 -15.27 -29.93
CA LYS C 125 -5.48 -14.70 -31.06
C LYS C 125 -4.42 -13.69 -30.62
N TYR C 126 -4.78 -12.83 -29.67
CA TYR C 126 -3.91 -11.70 -29.32
C TYR C 126 -3.06 -11.89 -28.05
N SER C 127 -3.46 -12.82 -27.20
CA SER C 127 -2.64 -13.17 -26.04
C SER C 127 -2.63 -14.68 -25.90
N PRO C 128 -1.92 -15.37 -26.80
CA PRO C 128 -1.86 -16.85 -26.79
C PRO C 128 -1.35 -17.45 -25.48
N ASN C 129 -0.51 -16.71 -24.75
CA ASN C 129 0.04 -17.24 -23.50
C ASN C 129 -0.66 -16.74 -22.23
N CYS C 130 -1.76 -16.03 -22.39
CA CYS C 130 -2.45 -15.45 -21.24
C CYS C 130 -3.06 -16.51 -20.32
N LYS C 131 -3.35 -16.12 -19.10
CA LYS C 131 -4.21 -16.92 -18.24
C LYS C 131 -5.60 -16.36 -18.42
N LEU C 132 -6.59 -17.24 -18.34
CA LEU C 132 -7.98 -16.84 -18.44
C LEU C 132 -8.65 -17.01 -17.08
N LEU C 133 -9.30 -15.94 -16.62
CA LEU C 133 -10.04 -15.97 -15.36
C LEU C 133 -11.49 -15.67 -15.67
N ILE C 134 -12.35 -16.67 -15.47
CA ILE C 134 -13.76 -16.60 -15.88
C ILE C 134 -14.68 -16.26 -14.71
N VAL C 135 -15.52 -15.25 -14.90
CA VAL C 135 -16.42 -14.79 -13.85
C VAL C 135 -17.87 -14.96 -14.30
N SER C 136 -18.09 -14.82 -15.60
CA SER C 136 -19.42 -14.94 -16.20
C SER C 136 -20.15 -16.19 -15.73
N ASN C 137 -21.47 -16.06 -15.53
CA ASN C 137 -22.29 -17.15 -15.00
C ASN C 137 -23.01 -17.92 -16.09
N PRO C 138 -23.32 -19.21 -15.84
CA PRO C 138 -22.89 -19.95 -14.65
C PRO C 138 -21.41 -20.31 -14.75
N VAL C 139 -20.65 -19.87 -13.74
CA VAL C 139 -19.20 -19.80 -13.87
C VAL C 139 -18.51 -21.15 -14.11
N ASP C 140 -19.01 -22.22 -13.50
CA ASP C 140 -18.37 -23.52 -13.67
C ASP C 140 -18.56 -24.05 -15.09
N ILE C 141 -19.73 -23.83 -15.67
CA ILE C 141 -19.97 -24.26 -17.05
C ILE C 141 -19.15 -23.39 -18.00
N LEU C 142 -19.15 -22.09 -17.76
CA LEU C 142 -18.45 -21.18 -18.64
C LEU C 142 -16.92 -21.28 -18.55
N THR C 143 -16.41 -21.68 -17.39
CA THR C 143 -14.98 -22.00 -17.32
C THR C 143 -14.69 -23.20 -18.21
N TYR C 144 -15.59 -24.18 -18.21
CA TYR C 144 -15.44 -25.35 -19.10
C TYR C 144 -15.45 -24.93 -20.57
N VAL C 145 -16.42 -24.11 -20.92
CA VAL C 145 -16.56 -23.54 -22.25
C VAL C 145 -15.32 -22.76 -22.67
N ALA C 146 -14.80 -21.93 -21.77
CA ALA C 146 -13.58 -21.17 -22.03
C ALA C 146 -12.41 -22.11 -22.33
N TRP C 147 -12.29 -23.15 -21.53
CA TRP C 147 -11.23 -24.14 -21.65
C TRP C 147 -11.36 -24.90 -22.96
N LYS C 148 -12.59 -25.30 -23.28
CA LYS C 148 -12.87 -26.05 -24.50
C LYS C 148 -12.53 -25.22 -25.75
N ILE C 149 -13.06 -24.01 -25.81
CA ILE C 149 -12.85 -23.16 -26.99
C ILE C 149 -11.39 -22.69 -27.15
N SER C 150 -10.76 -22.31 -26.03
CA SER C 150 -9.40 -21.79 -26.10
C SER C 150 -8.39 -22.85 -26.49
N GLY C 151 -8.64 -24.10 -26.06
CA GLY C 151 -7.66 -25.15 -26.22
C GLY C 151 -6.51 -25.04 -25.23
N PHE C 152 -6.60 -24.12 -24.27
CA PHE C 152 -5.56 -23.94 -23.27
C PHE C 152 -5.46 -25.16 -22.38
N PRO C 153 -4.26 -25.42 -21.83
CA PRO C 153 -4.12 -26.40 -20.74
C PRO C 153 -4.91 -25.97 -19.47
N LYS C 154 -5.36 -26.94 -18.68
CA LYS C 154 -6.26 -26.64 -17.57
CA LYS C 154 -6.20 -26.73 -17.49
C LYS C 154 -5.71 -25.61 -16.58
N ASN C 155 -4.40 -25.55 -16.40
CA ASN C 155 -3.81 -24.61 -15.47
C ASN C 155 -4.01 -23.15 -15.85
N ARG C 156 -4.26 -22.90 -17.12
CA ARG C 156 -4.41 -21.51 -17.55
C ARG C 156 -5.86 -21.04 -17.63
N VAL C 157 -6.80 -21.87 -17.17
CA VAL C 157 -8.21 -21.50 -17.18
C VAL C 157 -8.76 -21.57 -15.76
N ILE C 158 -8.94 -20.40 -15.15
CA ILE C 158 -9.39 -20.30 -13.77
C ILE C 158 -10.81 -19.74 -13.74
N GLY C 159 -11.69 -20.37 -12.99
CA GLY C 159 -13.03 -19.85 -12.83
C GLY C 159 -13.12 -19.25 -11.45
N SER C 160 -13.79 -18.11 -11.31
CA SER C 160 -13.94 -17.46 -10.02
C SER C 160 -14.53 -18.44 -9.01
N GLY C 161 -15.42 -19.31 -9.48
CA GLY C 161 -15.98 -20.39 -8.68
C GLY C 161 -16.56 -19.99 -7.34
N CYS C 162 -16.06 -20.61 -6.28
CA CYS C 162 -16.54 -20.27 -4.94
C CYS C 162 -15.68 -19.24 -4.20
N ASN C 163 -14.91 -18.45 -4.94
CA ASN C 163 -14.11 -17.41 -4.30
C ASN C 163 -15.05 -16.44 -3.59
N LEU C 164 -16.03 -15.91 -4.30
CA LEU C 164 -17.02 -15.05 -3.67
C LEU C 164 -17.82 -15.76 -2.58
N ASP C 165 -18.29 -16.98 -2.86
CA ASP C 165 -19.05 -17.76 -1.87
C ASP C 165 -18.30 -17.86 -0.53
N SER C 166 -17.01 -18.14 -0.62
CA SER C 166 -16.17 -18.30 0.57
C SER C 166 -15.92 -16.97 1.29
N ALA C 167 -15.81 -15.89 0.53
CA ALA C 167 -15.51 -14.59 1.12
C ALA C 167 -16.72 -14.14 1.92
N ARG C 168 -17.91 -14.36 1.36
CA ARG C 168 -19.13 -14.04 2.07
C ARG C 168 -19.29 -14.93 3.29
N PHE C 169 -18.96 -16.20 3.12
CA PHE C 169 -19.03 -17.10 4.25
C PHE C 169 -18.14 -16.62 5.39
N ARG C 170 -16.94 -16.17 5.06
CA ARG C 170 -15.99 -15.76 6.10
C ARG C 170 -16.38 -14.43 6.74
N TYR C 171 -16.97 -13.54 5.95
CA TYR C 171 -17.54 -12.32 6.52
C TYR C 171 -18.60 -12.67 7.57
N LEU C 172 -19.52 -13.56 7.21
CA LEU C 172 -20.60 -13.97 8.10
C LEU C 172 -20.08 -14.72 9.34
N MET C 173 -19.08 -15.55 9.13
CA MET C 173 -18.41 -16.22 10.23
C MET C 173 -17.79 -15.20 11.19
N GLY C 174 -17.06 -14.25 10.62
CA GLY C 174 -16.45 -13.18 11.39
C GLY C 174 -17.45 -12.38 12.20
N GLU C 175 -18.62 -12.12 11.61
CA GLU C 175 -19.71 -11.47 12.33
C GLU C 175 -20.16 -12.27 13.55
N ARG C 176 -20.42 -13.56 13.35
CA ARG C 176 -20.87 -14.39 14.47
C ARG C 176 -19.85 -14.46 15.59
N LEU C 177 -18.57 -14.52 15.25
CA LEU C 177 -17.53 -14.75 16.26
C LEU C 177 -16.89 -13.48 16.85
N GLY C 178 -17.07 -12.34 16.21
CA GLY C 178 -16.44 -11.10 16.66
C GLY C 178 -14.96 -11.01 16.28
N VAL C 179 -14.61 -11.67 15.17
CA VAL C 179 -13.22 -11.77 14.71
C VAL C 179 -13.14 -11.33 13.26
N HIS C 180 -12.05 -10.65 12.89
CA HIS C 180 -11.87 -10.26 11.50
C HIS C 180 -11.93 -11.50 10.59
N PRO C 181 -12.60 -11.39 9.43
CA PRO C 181 -12.66 -12.44 8.41
C PRO C 181 -11.29 -13.04 8.10
N LEU C 182 -10.25 -12.22 8.07
CA LEU C 182 -8.90 -12.70 7.79
C LEU C 182 -8.48 -13.84 8.73
N SER C 183 -8.98 -13.81 9.96
CA SER C 183 -8.58 -14.77 10.96
C SER C 183 -9.63 -15.86 11.13
N CYS C 184 -10.67 -15.79 10.30
CA CYS C 184 -11.73 -16.78 10.32
C CYS C 184 -11.63 -17.63 9.07
N HIS C 185 -11.21 -18.88 9.23
CA HIS C 185 -10.93 -19.71 8.07
C HIS C 185 -12.06 -20.69 7.85
N GLY C 186 -12.45 -20.84 6.59
CA GLY C 186 -13.52 -21.75 6.23
C GLY C 186 -13.65 -21.78 4.73
N TRP C 187 -13.95 -22.96 4.21
CA TRP C 187 -13.96 -23.16 2.77
C TRP C 187 -15.34 -23.55 2.25
N VAL C 188 -15.85 -22.76 1.31
CA VAL C 188 -17.06 -23.12 0.58
C VAL C 188 -16.60 -23.61 -0.79
N LEU C 189 -16.95 -24.84 -1.15
CA LEU C 189 -16.41 -25.46 -2.34
C LEU C 189 -17.50 -26.06 -3.22
N GLY C 190 -17.09 -26.61 -4.36
CA GLY C 190 -18.01 -27.28 -5.26
C GLY C 190 -18.52 -26.33 -6.32
N GLU C 191 -19.83 -26.39 -6.57
CA GLU C 191 -20.48 -25.57 -7.57
C GLU C 191 -20.76 -24.21 -7.00
N HIS C 192 -20.34 -23.17 -7.70
CA HIS C 192 -20.63 -21.81 -7.30
C HIS C 192 -22.13 -21.62 -7.18
N GLY C 193 -22.56 -20.89 -6.15
CA GLY C 193 -23.95 -20.48 -6.05
C GLY C 193 -24.79 -21.35 -5.15
N ASP C 194 -26.04 -21.58 -5.56
CA ASP C 194 -27.04 -22.36 -4.80
C ASP C 194 -26.52 -23.68 -4.23
N SER C 195 -25.75 -24.40 -5.02
CA SER C 195 -25.35 -25.77 -4.70
C SER C 195 -23.96 -25.90 -4.08
N SER C 196 -23.40 -24.80 -3.61
CA SER C 196 -22.07 -24.82 -3.02
C SER C 196 -22.04 -25.66 -1.74
N VAL C 197 -20.85 -26.11 -1.36
CA VAL C 197 -20.71 -26.90 -0.15
C VAL C 197 -19.83 -26.24 0.91
N PRO C 198 -20.39 -26.03 2.12
CA PRO C 198 -19.61 -25.52 3.25
C PRO C 198 -18.88 -26.66 3.97
N VAL C 199 -17.56 -26.68 3.90
CA VAL C 199 -16.78 -27.78 4.47
C VAL C 199 -16.55 -27.56 5.96
N TRP C 200 -17.49 -28.02 6.77
CA TRP C 200 -17.48 -27.75 8.21
C TRP C 200 -16.21 -28.21 8.92
N SER C 201 -15.59 -29.25 8.39
CA SER C 201 -14.39 -29.82 9.02
C SER C 201 -13.21 -28.86 9.04
N GLY C 202 -13.16 -27.96 8.05
CA GLY C 202 -12.04 -27.06 7.88
C GLY C 202 -12.20 -25.72 8.57
N MET C 203 -13.39 -25.45 9.08
CA MET C 203 -13.69 -24.18 9.74
C MET C 203 -12.98 -24.07 11.07
N ASN C 204 -12.23 -22.99 11.23
CA ASN C 204 -11.40 -22.86 12.42
C ASN C 204 -10.95 -21.43 12.64
N VAL C 205 -10.64 -21.12 13.90
CA VAL C 205 -9.93 -19.90 14.22
C VAL C 205 -8.62 -20.32 14.87
N ALA C 206 -7.51 -19.80 14.36
CA ALA C 206 -6.20 -20.09 14.94
C ALA C 206 -5.90 -21.60 15.04
N GLY C 207 -6.37 -22.34 14.03
CA GLY C 207 -6.19 -23.78 13.98
C GLY C 207 -6.97 -24.57 15.02
N VAL C 208 -7.98 -23.95 15.60
CA VAL C 208 -8.89 -24.67 16.48
C VAL C 208 -10.15 -24.99 15.69
N SER C 209 -10.25 -26.25 15.28
CA SER C 209 -11.39 -26.77 14.54
C SER C 209 -12.72 -26.58 15.27
N LEU C 210 -13.66 -25.87 14.65
CA LEU C 210 -14.96 -25.63 15.27
C LEU C 210 -15.77 -26.94 15.36
N LYS C 211 -15.66 -27.76 14.33
CA LYS C 211 -16.31 -29.07 14.29
C LYS C 211 -15.85 -29.94 15.46
N THR C 212 -14.56 -29.90 15.75
CA THR C 212 -14.02 -30.69 16.84
C THR C 212 -14.59 -30.24 18.18
N LEU C 213 -14.70 -28.93 18.38
CA LEU C 213 -15.29 -28.37 19.59
C LEU C 213 -16.78 -28.68 19.67
N HIS C 214 -17.41 -28.74 18.51
CA HIS C 214 -18.85 -28.78 18.41
C HIS C 214 -19.20 -29.75 17.31
N PRO C 215 -19.22 -31.06 17.62
CA PRO C 215 -19.26 -32.08 16.56
C PRO C 215 -20.55 -32.08 15.73
N ASP C 216 -21.62 -31.48 16.24
CA ASP C 216 -22.86 -31.37 15.47
C ASP C 216 -22.84 -30.18 14.49
N LEU C 217 -21.71 -29.46 14.47
CA LEU C 217 -21.55 -28.30 13.61
C LEU C 217 -22.05 -28.53 12.19
N GLY C 218 -22.99 -27.69 11.75
CA GLY C 218 -23.49 -27.73 10.39
C GLY C 218 -24.47 -28.85 10.04
N THR C 219 -24.83 -29.68 11.03
CA THR C 219 -25.85 -30.71 10.84
C THR C 219 -27.20 -30.19 11.29
N ASP C 220 -28.25 -30.97 11.10
CA ASP C 220 -29.56 -30.51 11.53
C ASP C 220 -29.78 -30.76 13.02
N LYS C 221 -28.79 -31.38 13.66
CA LYS C 221 -28.81 -31.54 15.11
C LYS C 221 -27.95 -30.47 15.77
N ASP C 222 -27.53 -29.49 14.99
CA ASP C 222 -26.74 -28.38 15.50
C ASP C 222 -27.66 -27.38 16.19
N LYS C 223 -27.53 -27.29 17.51
CA LYS C 223 -28.32 -26.36 18.33
C LYS C 223 -28.23 -24.89 17.86
N GLU C 224 -27.09 -24.53 17.27
CA GLU C 224 -26.82 -23.14 16.91
C GLU C 224 -27.06 -22.87 15.43
N GLN C 225 -27.35 -23.91 14.66
CA GLN C 225 -27.72 -23.78 13.26
C GLN C 225 -26.70 -23.02 12.43
N TRP C 226 -25.44 -23.42 12.51
CA TRP C 226 -24.41 -22.81 11.68
C TRP C 226 -24.68 -23.02 10.20
N LYS C 227 -25.53 -24.01 9.88
CA LYS C 227 -26.04 -24.20 8.52
C LYS C 227 -26.61 -22.91 7.96
N GLU C 228 -27.22 -22.12 8.84
CA GLU C 228 -27.83 -20.84 8.45
C GLU C 228 -26.82 -19.88 7.85
N VAL C 229 -25.58 -19.95 8.32
CA VAL C 229 -24.51 -19.13 7.78
C VAL C 229 -24.35 -19.39 6.28
N HIS C 230 -24.23 -20.66 5.91
CA HIS C 230 -24.12 -20.99 4.49
C HIS C 230 -25.37 -20.56 3.73
N LYS C 231 -26.53 -20.81 4.31
CA LYS C 231 -27.78 -20.41 3.68
C LYS C 231 -27.85 -18.89 3.51
N GLN C 232 -27.34 -18.16 4.51
CA GLN C 232 -27.28 -16.71 4.43
C GLN C 232 -26.39 -16.24 3.28
N VAL C 233 -25.31 -16.98 3.04
CA VAL C 233 -24.48 -16.72 1.87
C VAL C 233 -25.31 -16.77 0.59
N VAL C 234 -26.18 -17.77 0.43
CA VAL C 234 -26.91 -17.86 -0.83
C VAL C 234 -28.03 -16.84 -0.88
N GLU C 235 -28.75 -16.66 0.24
CA GLU C 235 -29.82 -15.66 0.28
C GLU C 235 -29.26 -14.26 0.01
N SER C 236 -28.07 -14.00 0.55
CA SER C 236 -27.37 -12.72 0.39
C SER C 236 -27.34 -12.27 -1.06
N ALA C 237 -27.05 -13.22 -1.95
CA ALA C 237 -26.92 -12.91 -3.36
C ALA C 237 -28.24 -12.36 -3.89
N TYR C 238 -29.32 -13.08 -3.59
CA TYR C 238 -30.62 -12.69 -4.09
C TYR C 238 -31.01 -11.36 -3.48
N GLU C 239 -30.71 -11.19 -2.20
CA GLU C 239 -31.03 -9.94 -1.51
C GLU C 239 -30.32 -8.72 -2.12
N VAL C 240 -29.02 -8.83 -2.35
CA VAL C 240 -28.25 -7.74 -2.93
C VAL C 240 -28.79 -7.35 -4.30
N ILE C 241 -29.21 -8.34 -5.07
CA ILE C 241 -29.79 -8.08 -6.38
C ILE C 241 -31.13 -7.37 -6.23
N LYS C 242 -31.95 -7.87 -5.32
CA LYS C 242 -33.23 -7.24 -5.01
C LYS C 242 -33.04 -5.80 -4.50
N LEU C 243 -32.04 -5.59 -3.64
CA LEU C 243 -31.84 -4.28 -3.01
C LEU C 243 -31.24 -3.22 -3.92
N LYS C 244 -30.19 -3.57 -4.67
CA LYS C 244 -29.54 -2.59 -5.55
C LYS C 244 -29.49 -2.94 -7.04
N GLY C 245 -29.99 -4.12 -7.42
CA GLY C 245 -30.16 -4.44 -8.83
C GLY C 245 -28.98 -5.14 -9.48
N TYR C 246 -27.89 -5.26 -8.74
CA TYR C 246 -26.70 -5.93 -9.24
C TYR C 246 -25.75 -6.13 -8.08
N THR C 247 -24.65 -6.83 -8.33
CA THR C 247 -23.60 -6.98 -7.34
C THR C 247 -22.30 -6.50 -7.99
N SER C 248 -21.43 -5.85 -7.24
CA SER C 248 -20.22 -5.26 -7.85
C SER C 248 -19.00 -5.26 -6.95
N TRP C 249 -19.08 -4.57 -5.83
CA TRP C 249 -17.89 -4.34 -5.01
C TRP C 249 -17.20 -5.62 -4.51
N ALA C 250 -17.97 -6.53 -3.93
CA ALA C 250 -17.38 -7.76 -3.38
C ALA C 250 -16.77 -8.69 -4.46
N ILE C 251 -17.49 -8.95 -5.55
CA ILE C 251 -16.91 -9.78 -6.61
C ILE C 251 -15.64 -9.10 -7.15
N GLY C 252 -15.69 -7.77 -7.31
CA GLY C 252 -14.55 -7.05 -7.84
C GLY C 252 -13.29 -7.18 -6.99
N LEU C 253 -13.43 -7.01 -5.68
CA LEU C 253 -12.33 -7.23 -4.75
C LEU C 253 -11.85 -8.65 -4.78
N SER C 254 -12.78 -9.60 -4.84
CA SER C 254 -12.40 -10.99 -4.82
C SER C 254 -11.60 -11.33 -6.06
N VAL C 255 -12.00 -10.76 -7.20
CA VAL C 255 -11.30 -11.02 -8.45
C VAL C 255 -9.89 -10.42 -8.43
N ALA C 256 -9.75 -9.23 -7.83
CA ALA C 256 -8.44 -8.59 -7.77
C ALA C 256 -7.47 -9.40 -6.89
N ASP C 257 -8.00 -9.98 -5.83
CA ASP C 257 -7.21 -10.85 -4.96
C ASP C 257 -6.63 -12.04 -5.78
N LEU C 258 -7.43 -12.66 -6.64
CA LEU C 258 -6.91 -13.74 -7.49
C LEU C 258 -5.85 -13.18 -8.44
N ALA C 259 -6.17 -12.06 -9.08
CA ALA C 259 -5.21 -11.40 -9.97
C ALA C 259 -3.88 -11.11 -9.27
N GLU C 260 -3.94 -10.75 -8.00
CA GLU C 260 -2.73 -10.47 -7.25
C GLU C 260 -1.83 -11.70 -7.15
N SER C 261 -2.41 -12.84 -6.77
CA SER C 261 -1.61 -14.05 -6.62
C SER C 261 -0.99 -14.42 -7.95
N ILE C 262 -1.78 -14.24 -9.01
CA ILE C 262 -1.31 -14.62 -10.33
C ILE C 262 -0.22 -13.67 -10.84
N MET C 263 -0.51 -12.36 -10.80
CA MET C 263 0.42 -11.38 -11.36
C MET C 263 1.72 -11.34 -10.57
N LYS C 264 1.65 -11.65 -9.28
CA LYS C 264 2.84 -11.55 -8.44
C LYS C 264 3.41 -12.92 -8.10
N ASN C 265 2.87 -13.96 -8.74
CA ASN C 265 3.29 -15.34 -8.52
C ASN C 265 3.35 -15.73 -7.05
N LEU C 266 2.32 -15.40 -6.28
CA LEU C 266 2.42 -15.54 -4.83
C LEU C 266 2.28 -16.99 -4.34
N ARG C 267 1.66 -17.84 -5.16
CA ARG C 267 1.32 -19.20 -4.75
C ARG C 267 0.50 -19.25 -3.45
N ARG C 268 -0.46 -18.35 -3.32
CA ARG C 268 -1.42 -18.46 -2.22
C ARG C 268 -2.47 -19.49 -2.61
N VAL C 269 -3.27 -19.92 -1.64
CA VAL C 269 -4.35 -20.89 -1.90
C VAL C 269 -5.73 -20.21 -1.88
N HIS C 270 -6.51 -20.41 -2.94
CA HIS C 270 -7.80 -19.76 -3.13
C HIS C 270 -8.84 -20.79 -3.56
N PRO C 271 -10.11 -20.53 -3.21
CA PRO C 271 -11.19 -21.40 -3.73
C PRO C 271 -11.62 -20.94 -5.11
N VAL C 272 -11.14 -21.65 -6.14
CA VAL C 272 -11.53 -21.32 -7.51
C VAL C 272 -11.91 -22.57 -8.29
N SER C 273 -12.56 -22.37 -9.44
CA SER C 273 -13.04 -23.48 -10.25
C SER C 273 -11.92 -24.04 -11.13
N THR C 274 -11.76 -25.36 -11.08
CA THR C 274 -10.74 -26.03 -11.88
C THR C 274 -11.26 -27.40 -12.33
N MET C 275 -10.59 -27.99 -13.32
CA MET C 275 -10.95 -29.31 -13.82
C MET C 275 -10.90 -30.30 -12.68
N ILE C 276 -12.04 -30.85 -12.29
CA ILE C 276 -12.09 -31.73 -11.13
C ILE C 276 -12.16 -33.22 -11.52
N LYS C 277 -12.03 -33.50 -12.82
CA LYS C 277 -12.07 -34.88 -13.29
C LYS C 277 -11.02 -35.73 -12.59
N GLY C 278 -11.45 -36.84 -12.01
CA GLY C 278 -10.53 -37.72 -11.32
C GLY C 278 -10.61 -37.62 -9.80
N LEU C 279 -11.39 -36.66 -9.32
CA LEU C 279 -11.52 -36.42 -7.88
C LEU C 279 -12.94 -36.66 -7.39
N TYR C 280 -13.04 -37.17 -6.17
CA TYR C 280 -14.33 -37.41 -5.52
C TYR C 280 -15.26 -38.32 -6.32
N GLY C 281 -14.66 -39.21 -7.10
CA GLY C 281 -15.43 -40.14 -7.93
C GLY C 281 -16.04 -39.51 -9.16
N ILE C 282 -15.56 -38.33 -9.55
CA ILE C 282 -16.05 -37.63 -10.74
C ILE C 282 -15.23 -38.01 -11.98
N LYS C 283 -15.90 -38.34 -13.08
CA LYS C 283 -15.20 -38.84 -14.28
C LYS C 283 -15.40 -37.97 -15.52
N ASP C 284 -16.27 -36.96 -15.41
CA ASP C 284 -16.58 -36.11 -16.56
C ASP C 284 -15.76 -34.82 -16.57
N ASP C 285 -15.71 -34.16 -17.72
CA ASP C 285 -14.99 -32.89 -17.88
C ASP C 285 -15.75 -31.72 -17.28
N VAL C 286 -15.78 -31.63 -15.95
CA VAL C 286 -16.44 -30.51 -15.31
C VAL C 286 -15.47 -29.73 -14.43
N PHE C 287 -15.78 -28.45 -14.24
CA PHE C 287 -14.96 -27.61 -13.38
C PHE C 287 -15.71 -27.38 -12.08
N LEU C 288 -15.04 -27.60 -10.95
CA LEU C 288 -15.61 -27.28 -9.64
C LEU C 288 -14.56 -26.64 -8.74
N SER C 289 -15.02 -25.97 -7.69
CA SER C 289 -14.08 -25.30 -6.80
C SER C 289 -13.46 -26.20 -5.74
N VAL C 290 -12.13 -26.19 -5.72
CA VAL C 290 -11.35 -26.76 -4.64
C VAL C 290 -10.30 -25.70 -4.30
N PRO C 291 -9.58 -25.87 -3.17
CA PRO C 291 -8.58 -24.84 -2.93
C PRO C 291 -7.41 -25.04 -3.88
N CYS C 292 -7.06 -24.00 -4.65
CA CYS C 292 -5.98 -24.11 -5.62
C CYS C 292 -4.85 -23.14 -5.30
N ILE C 293 -3.64 -23.54 -5.68
CA ILE C 293 -2.47 -22.68 -5.59
C ILE C 293 -2.37 -21.85 -6.87
N LEU C 294 -2.33 -20.53 -6.72
CA LEU C 294 -2.34 -19.59 -7.84
C LEU C 294 -1.00 -18.87 -8.01
N GLY C 295 -0.53 -18.78 -9.24
CA GLY C 295 0.77 -18.19 -9.51
C GLY C 295 0.88 -17.78 -10.96
N GLN C 296 2.10 -17.54 -11.44
CA GLN C 296 2.27 -17.01 -12.79
C GLN C 296 1.83 -17.95 -13.91
N ASN C 297 1.78 -19.25 -13.65
CA ASN C 297 1.24 -20.15 -14.66
C ASN C 297 -0.19 -20.59 -14.31
N GLY C 298 -0.83 -19.83 -13.44
CA GLY C 298 -2.23 -20.07 -13.14
C GLY C 298 -2.39 -21.01 -11.98
N ILE C 299 -3.19 -22.05 -12.19
CA ILE C 299 -3.40 -23.06 -11.17
C ILE C 299 -2.39 -24.17 -11.38
N SER C 300 -1.41 -24.27 -10.49
CA SER C 300 -0.34 -25.24 -10.65
C SER C 300 -0.60 -26.49 -9.80
N ASP C 301 -1.41 -26.32 -8.76
CA ASP C 301 -1.63 -27.37 -7.78
C ASP C 301 -3.01 -27.21 -7.18
N LEU C 302 -3.53 -28.28 -6.62
CA LEU C 302 -4.76 -28.17 -5.85
C LEU C 302 -4.61 -28.93 -4.55
N VAL C 303 -5.39 -28.53 -3.55
CA VAL C 303 -5.36 -29.18 -2.26
C VAL C 303 -6.41 -30.29 -2.21
N LYS C 304 -6.02 -31.45 -1.71
CA LYS C 304 -6.91 -32.59 -1.64
C LYS C 304 -7.70 -32.58 -0.34
N VAL C 305 -8.74 -31.78 -0.28
CA VAL C 305 -9.60 -31.70 0.89
C VAL C 305 -10.26 -33.06 1.17
N THR C 306 -10.21 -33.49 2.42
CA THR C 306 -10.93 -34.68 2.84
C THR C 306 -12.42 -34.34 2.99
N LEU C 307 -13.24 -34.89 2.11
CA LEU C 307 -14.68 -34.65 2.19
C LEU C 307 -15.40 -35.86 2.77
N THR C 308 -16.51 -35.60 3.45
CA THR C 308 -17.39 -36.68 3.92
C THR C 308 -18.18 -37.25 2.75
N SER C 309 -18.85 -38.38 2.99
CA SER C 309 -19.61 -39.05 1.94
C SER C 309 -20.70 -38.11 1.44
N GLU C 310 -21.36 -37.44 2.37
CA GLU C 310 -22.41 -36.48 2.02
C GLU C 310 -21.83 -35.32 1.21
N GLU C 311 -20.64 -34.85 1.57
CA GLU C 311 -20.01 -33.76 0.84
C GLU C 311 -19.58 -34.23 -0.55
N GLU C 312 -19.00 -35.42 -0.62
CA GLU C 312 -18.64 -35.98 -1.93
C GLU C 312 -19.88 -36.12 -2.80
N ALA C 313 -20.97 -36.54 -2.19
CA ALA C 313 -22.19 -36.79 -2.94
C ALA C 313 -22.73 -35.50 -3.56
N ARG C 314 -22.66 -34.39 -2.82
CA ARG C 314 -23.10 -33.10 -3.34
C ARG C 314 -22.27 -32.67 -4.54
N LEU C 315 -20.96 -32.77 -4.38
CA LEU C 315 -20.01 -32.51 -5.47
C LEU C 315 -20.34 -33.37 -6.68
N LYS C 316 -20.51 -34.68 -6.45
CA LYS C 316 -20.84 -35.62 -7.53
C LYS C 316 -22.11 -35.20 -8.26
N LYS C 317 -23.13 -34.84 -7.50
CA LYS C 317 -24.42 -34.42 -8.05
C LYS C 317 -24.29 -33.17 -8.90
N SER C 318 -23.48 -32.21 -8.45
CA SER C 318 -23.23 -31.00 -9.20
C SER C 318 -22.56 -31.33 -10.53
N ALA C 319 -21.55 -32.19 -10.49
CA ALA C 319 -20.83 -32.62 -11.67
C ALA C 319 -21.74 -33.28 -12.71
N ASP C 320 -22.68 -34.09 -12.24
CA ASP C 320 -23.59 -34.81 -13.15
C ASP C 320 -24.49 -33.81 -13.86
N THR C 321 -25.00 -32.84 -13.11
CA THR C 321 -25.86 -31.83 -13.70
C THR C 321 -25.10 -30.93 -14.66
N LEU C 322 -23.87 -30.58 -14.31
CA LEU C 322 -23.07 -29.72 -15.17
C LEU C 322 -22.72 -30.44 -16.47
N TRP C 323 -22.31 -31.69 -16.38
CA TRP C 323 -22.01 -32.46 -17.58
C TRP C 323 -23.28 -32.69 -18.42
N GLY C 324 -24.40 -32.95 -17.76
CA GLY C 324 -25.69 -33.07 -18.42
C GLY C 324 -25.98 -31.90 -19.34
N ILE C 325 -25.77 -30.70 -18.82
CA ILE C 325 -25.93 -29.49 -19.61
C ILE C 325 -24.86 -29.37 -20.69
N GLN C 326 -23.61 -29.54 -20.27
CA GLN C 326 -22.46 -29.36 -21.16
C GLN C 326 -22.49 -30.23 -22.42
N LYS C 327 -22.90 -31.50 -22.28
CA LYS C 327 -22.89 -32.41 -23.42
C LYS C 327 -23.89 -31.98 -24.50
N GLU C 328 -24.91 -31.25 -24.09
CA GLU C 328 -25.95 -30.79 -25.01
C GLU C 328 -25.64 -29.43 -25.64
N LEU C 329 -24.58 -28.77 -25.19
CA LEU C 329 -24.25 -27.44 -25.70
C LEU C 329 -23.74 -27.54 -27.13
N GLN C 330 -24.01 -26.51 -27.92
CA GLN C 330 -23.54 -26.47 -29.30
C GLN C 330 -22.37 -25.50 -29.45
N PHE C 331 -21.23 -26.02 -29.90
CA PHE C 331 -20.02 -25.21 -30.07
C PHE C 331 -19.79 -24.83 -31.52
N ALA D 1 -22.16 -23.83 27.37
CA ALA D 1 -21.77 -22.59 26.71
C ALA D 1 -21.88 -22.75 25.19
N THR D 2 -22.11 -21.65 24.49
CA THR D 2 -22.15 -21.68 23.03
C THR D 2 -20.78 -21.99 22.46
N LEU D 3 -20.73 -22.32 21.18
CA LEU D 3 -19.47 -22.53 20.48
C LEU D 3 -18.58 -21.29 20.54
N LYS D 4 -19.19 -20.11 20.49
CA LYS D 4 -18.42 -18.86 20.61
C LYS D 4 -17.70 -18.77 21.95
N ASP D 5 -18.40 -19.12 23.03
CA ASP D 5 -17.83 -19.04 24.37
C ASP D 5 -16.78 -20.13 24.59
N GLN D 6 -16.95 -21.25 23.92
CA GLN D 6 -15.96 -22.32 24.03
C GLN D 6 -14.67 -21.96 23.31
N LEU D 7 -14.81 -21.23 22.21
CA LEU D 7 -13.67 -20.92 21.36
C LEU D 7 -12.93 -19.73 21.93
N ILE D 8 -13.68 -18.81 22.50
CA ILE D 8 -13.13 -17.51 22.83
C ILE D 8 -13.40 -17.07 24.26
N TYR D 9 -12.32 -16.74 24.97
CA TYR D 9 -12.41 -16.10 26.27
C TYR D 9 -12.33 -14.57 26.14
N ASN D 10 -13.33 -13.87 26.67
CA ASN D 10 -13.38 -12.42 26.60
C ASN D 10 -12.71 -11.75 27.82
N LEU D 11 -11.81 -10.80 27.56
CA LEU D 11 -11.18 -10.03 28.63
C LEU D 11 -12.01 -8.83 29.12
N LEU D 12 -12.62 -8.12 28.19
CA LEU D 12 -13.49 -7.01 28.54
C LEU D 12 -14.41 -6.67 27.39
N LYS D 13 -15.45 -5.89 27.67
CA LYS D 13 -16.42 -5.53 26.64
C LYS D 13 -16.52 -4.02 26.43
N GLU D 14 -15.62 -3.28 27.07
CA GLU D 14 -15.72 -1.82 27.16
C GLU D 14 -15.74 -1.03 25.84
N GLU D 15 -15.91 0.28 25.99
CA GLU D 15 -15.59 1.27 24.96
C GLU D 15 -16.22 1.02 23.59
N GLN D 16 -15.35 0.76 22.62
CA GLN D 16 -15.70 0.65 21.21
C GLN D 16 -16.19 1.99 20.64
N THR D 17 -15.25 2.91 20.49
CA THR D 17 -15.51 4.17 19.80
C THR D 17 -14.45 4.40 18.73
N PRO D 18 -14.89 4.70 17.50
CA PRO D 18 -14.02 4.73 16.31
C PRO D 18 -13.04 5.90 16.34
N GLN D 19 -11.80 5.64 15.91
CA GLN D 19 -10.74 6.64 15.96
C GLN D 19 -10.58 7.37 14.63
N ASN D 20 -10.97 6.72 13.54
CA ASN D 20 -10.71 7.24 12.21
C ASN D 20 -11.87 6.98 11.29
N LYS D 21 -13.05 7.38 11.74
CA LYS D 21 -14.31 7.09 11.05
C LYS D 21 -14.57 8.04 9.90
N ILE D 22 -15.10 7.52 8.80
CA ILE D 22 -15.47 8.36 7.67
C ILE D 22 -16.92 8.06 7.30
N THR D 23 -17.67 9.10 6.96
CA THR D 23 -19.05 8.92 6.55
C THR D 23 -19.22 9.41 5.12
N VAL D 24 -19.88 8.61 4.28
CA VAL D 24 -20.33 9.10 3.00
C VAL D 24 -21.85 9.25 2.95
N VAL D 25 -22.31 10.47 2.66
CA VAL D 25 -23.74 10.75 2.56
C VAL D 25 -24.16 10.90 1.10
N GLY D 26 -24.97 9.94 0.63
CA GLY D 26 -25.42 9.92 -0.75
C GLY D 26 -24.69 8.84 -1.52
N VAL D 27 -25.30 7.67 -1.63
CA VAL D 27 -24.60 6.52 -2.19
C VAL D 27 -24.88 6.30 -3.68
N GLY D 28 -24.86 7.38 -4.43
CA GLY D 28 -24.96 7.27 -5.87
C GLY D 28 -23.64 6.84 -6.45
N ALA D 29 -23.47 7.08 -7.73
CA ALA D 29 -22.27 6.68 -8.43
C ALA D 29 -21.05 7.32 -7.81
N VAL D 30 -21.14 8.63 -7.55
CA VAL D 30 -20.04 9.36 -6.93
C VAL D 30 -19.75 8.87 -5.51
N GLY D 31 -20.78 8.78 -4.68
CA GLY D 31 -20.58 8.34 -3.31
C GLY D 31 -19.93 6.97 -3.20
N MET D 32 -20.42 6.01 -3.98
CA MET D 32 -19.89 4.66 -3.89
C MET D 32 -18.46 4.56 -4.42
N ALA D 33 -18.12 5.37 -5.42
CA ALA D 33 -16.72 5.42 -5.89
C ALA D 33 -15.81 6.00 -4.83
N CYS D 34 -16.31 7.02 -4.12
CA CYS D 34 -15.56 7.60 -3.01
C CYS D 34 -15.36 6.51 -1.96
N ALA D 35 -16.44 5.81 -1.64
CA ALA D 35 -16.38 4.74 -0.66
C ALA D 35 -15.34 3.66 -1.00
N ILE D 36 -15.34 3.15 -2.23
CA ILE D 36 -14.46 2.04 -2.58
C ILE D 36 -13.02 2.53 -2.56
N SER D 37 -12.77 3.71 -3.11
CA SER D 37 -11.42 4.23 -3.16
C SER D 37 -10.89 4.43 -1.75
N ILE D 38 -11.74 4.91 -0.84
CA ILE D 38 -11.35 5.13 0.56
C ILE D 38 -11.07 3.81 1.29
N LEU D 39 -11.88 2.80 0.98
CA LEU D 39 -11.69 1.48 1.58
C LEU D 39 -10.37 0.85 1.10
N MET D 40 -10.09 1.00 -0.19
CA MET D 40 -8.88 0.39 -0.73
C MET D 40 -7.60 1.16 -0.38
N LYS D 41 -7.74 2.37 0.19
CA LYS D 41 -6.58 3.14 0.63
C LYS D 41 -6.34 3.05 2.14
N ASP D 42 -7.17 2.26 2.82
CA ASP D 42 -7.04 2.01 4.26
C ASP D 42 -7.02 3.30 5.08
N LEU D 43 -7.94 4.21 4.78
CA LEU D 43 -7.95 5.51 5.45
C LEU D 43 -8.79 5.52 6.71
N ALA D 44 -9.66 4.52 6.84
CA ALA D 44 -10.67 4.54 7.89
C ALA D 44 -10.70 3.25 8.72
N ASP D 45 -10.99 3.37 10.01
CA ASP D 45 -11.24 2.20 10.83
C ASP D 45 -12.72 1.91 10.86
N GLU D 46 -13.50 2.84 10.31
CA GLU D 46 -14.94 2.65 10.19
C GLU D 46 -15.54 3.51 9.08
N LEU D 47 -16.40 2.91 8.27
CA LEU D 47 -17.09 3.61 7.20
C LEU D 47 -18.61 3.56 7.39
N ALA D 48 -19.26 4.71 7.37
CA ALA D 48 -20.72 4.77 7.44
C ALA D 48 -21.30 5.34 6.16
N LEU D 49 -22.43 4.80 5.73
CA LEU D 49 -23.13 5.28 4.55
C LEU D 49 -24.53 5.75 4.94
N VAL D 50 -24.97 6.86 4.36
CA VAL D 50 -26.33 7.36 4.57
C VAL D 50 -26.96 7.70 3.22
N ASP D 51 -28.27 7.48 3.10
CA ASP D 51 -29.02 7.91 1.92
C ASP D 51 -30.49 7.92 2.32
N VAL D 52 -31.37 8.37 1.44
CA VAL D 52 -32.81 8.35 1.72
C VAL D 52 -33.47 7.14 1.05
N ILE D 53 -32.81 6.57 0.04
CA ILE D 53 -33.33 5.37 -0.61
C ILE D 53 -32.85 4.17 0.17
N GLU D 54 -33.75 3.56 0.94
CA GLU D 54 -33.35 2.59 1.93
C GLU D 54 -32.86 1.26 1.35
N ASP D 55 -33.46 0.81 0.25
CA ASP D 55 -33.08 -0.48 -0.32
C ASP D 55 -31.68 -0.45 -0.95
N LYS D 56 -31.47 0.55 -1.80
CA LYS D 56 -30.16 0.76 -2.41
C LYS D 56 -29.07 0.88 -1.35
N LEU D 57 -29.34 1.67 -0.32
CA LEU D 57 -28.38 1.87 0.76
C LEU D 57 -27.99 0.54 1.41
N LYS D 58 -28.97 -0.29 1.74
CA LYS D 58 -28.66 -1.58 2.36
C LYS D 58 -27.87 -2.49 1.43
N GLY D 59 -28.28 -2.55 0.17
CA GLY D 59 -27.61 -3.36 -0.82
C GLY D 59 -26.16 -2.94 -0.97
N GLU D 60 -25.92 -1.64 -1.05
CA GLU D 60 -24.56 -1.16 -1.19
C GLU D 60 -23.72 -1.49 0.03
N MET D 61 -24.30 -1.35 1.21
CA MET D 61 -23.57 -1.63 2.44
C MET D 61 -23.15 -3.11 2.48
N MET D 62 -24.12 -3.98 2.21
CA MET D 62 -23.88 -5.42 2.20
C MET D 62 -22.78 -5.78 1.22
N ASP D 63 -22.85 -5.19 0.03
CA ASP D 63 -21.88 -5.49 -0.99
C ASP D 63 -20.47 -5.16 -0.52
N LEU D 64 -20.28 -3.97 0.04
CA LEU D 64 -19.00 -3.59 0.63
C LEU D 64 -18.59 -4.53 1.76
N GLN D 65 -19.54 -4.87 2.62
CA GLN D 65 -19.25 -5.78 3.73
C GLN D 65 -18.74 -7.12 3.23
N HIS D 66 -19.34 -7.62 2.15
CA HIS D 66 -18.98 -8.94 1.66
C HIS D 66 -17.55 -8.99 1.16
N GLY D 67 -16.96 -7.82 0.92
CA GLY D 67 -15.56 -7.72 0.54
C GLY D 67 -14.60 -7.50 1.71
N SER D 68 -15.11 -7.61 2.94
CA SER D 68 -14.33 -7.35 4.15
C SER D 68 -13.00 -8.08 4.21
N LEU D 69 -13.01 -9.33 3.75
CA LEU D 69 -11.83 -10.18 3.76
C LEU D 69 -10.68 -9.55 2.98
N PHE D 70 -10.99 -8.69 2.03
CA PHE D 70 -9.95 -8.12 1.19
C PHE D 70 -9.60 -6.71 1.61
N LEU D 71 -10.17 -6.27 2.73
CA LEU D 71 -9.99 -4.91 3.23
C LEU D 71 -9.42 -4.85 4.65
N ARG D 72 -9.07 -3.65 5.09
CA ARG D 72 -8.57 -3.43 6.46
C ARG D 72 -9.40 -2.36 7.14
N THR D 73 -10.69 -2.36 6.86
CA THR D 73 -11.62 -1.44 7.50
C THR D 73 -12.69 -2.31 8.12
N PRO D 74 -12.59 -2.56 9.43
CA PRO D 74 -13.28 -3.72 10.02
C PRO D 74 -14.77 -3.51 10.26
N LYS D 75 -15.27 -2.30 10.03
CA LYS D 75 -16.65 -2.01 10.35
C LYS D 75 -17.28 -1.04 9.33
N ILE D 76 -18.26 -1.56 8.59
CA ILE D 76 -19.01 -0.79 7.61
C ILE D 76 -20.48 -0.86 8.00
N VAL D 77 -21.10 0.30 8.17
CA VAL D 77 -22.48 0.39 8.61
C VAL D 77 -23.26 1.35 7.72
N SER D 78 -24.58 1.35 7.85
CA SER D 78 -25.40 2.26 7.05
C SER D 78 -26.77 2.40 7.67
N GLY D 79 -27.49 3.44 7.28
CA GLY D 79 -28.83 3.67 7.77
C GLY D 79 -29.34 5.02 7.31
N LYS D 80 -30.67 5.16 7.33
CA LYS D 80 -31.33 6.44 7.07
C LYS D 80 -31.05 7.42 8.20
N ASP D 81 -30.92 6.88 9.41
CA ASP D 81 -30.76 7.68 10.62
C ASP D 81 -29.28 8.05 10.80
N TYR D 82 -29.02 9.29 11.21
CA TYR D 82 -27.65 9.77 11.31
C TYR D 82 -26.88 9.25 12.52
N ASN D 83 -27.54 8.48 13.38
CA ASN D 83 -26.82 7.88 14.49
C ASN D 83 -25.69 6.93 14.06
N VAL D 84 -25.79 6.38 12.84
CA VAL D 84 -24.70 5.55 12.31
C VAL D 84 -23.44 6.40 12.01
N THR D 85 -23.59 7.71 11.89
CA THR D 85 -22.45 8.56 11.52
C THR D 85 -21.70 9.17 12.70
N ALA D 86 -22.15 8.91 13.93
CA ALA D 86 -21.57 9.50 15.13
C ALA D 86 -20.04 9.38 15.19
N ASN D 87 -19.40 10.47 15.57
CA ASN D 87 -17.95 10.51 15.80
C ASN D 87 -17.12 10.34 14.55
N SER D 88 -17.61 10.85 13.43
CA SER D 88 -16.85 10.81 12.20
C SER D 88 -15.77 11.88 12.21
N LYS D 89 -14.56 11.54 11.76
CA LYS D 89 -13.52 12.55 11.58
C LYS D 89 -13.76 13.33 10.29
N LEU D 90 -14.33 12.66 9.29
CA LEU D 90 -14.50 13.26 7.97
C LEU D 90 -15.82 12.81 7.40
N VAL D 91 -16.66 13.77 7.01
CA VAL D 91 -17.95 13.44 6.43
C VAL D 91 -18.04 13.99 5.02
N ILE D 92 -18.29 13.10 4.07
CA ILE D 92 -18.26 13.43 2.65
C ILE D 92 -19.68 13.49 2.08
N ILE D 93 -20.04 14.64 1.50
CA ILE D 93 -21.40 14.80 1.00
C ILE D 93 -21.41 14.72 -0.51
N THR D 94 -22.02 13.65 -1.00
CA THR D 94 -22.16 13.37 -2.42
C THR D 94 -23.64 13.23 -2.79
N ALA D 95 -24.51 13.63 -1.88
CA ALA D 95 -25.95 13.61 -2.12
C ALA D 95 -26.38 14.73 -3.06
N GLY D 96 -27.45 14.48 -3.83
CA GLY D 96 -28.02 15.52 -4.68
C GLY D 96 -29.24 15.02 -5.43
N ALA D 97 -29.97 15.96 -5.98
CA ALA D 97 -31.18 15.65 -6.72
C ALA D 97 -30.85 14.93 -8.02
N ARG D 98 -31.81 14.18 -8.54
CA ARG D 98 -31.66 13.52 -9.84
C ARG D 98 -31.43 14.51 -10.99
N GLN D 99 -30.85 14.03 -12.10
CA GLN D 99 -30.56 14.91 -13.25
C GLN D 99 -31.81 15.40 -13.98
N GLN D 100 -32.83 14.55 -14.10
CA GLN D 100 -34.04 14.89 -14.84
C GLN D 100 -34.79 16.05 -14.18
N GLU D 101 -34.71 17.22 -14.80
CA GLU D 101 -35.27 18.43 -14.22
C GLU D 101 -36.75 18.32 -13.85
N GLY D 102 -37.48 17.47 -14.55
CA GLY D 102 -38.90 17.30 -14.32
C GLY D 102 -39.23 16.66 -12.98
N GLU D 103 -38.21 16.14 -12.30
CA GLU D 103 -38.36 15.55 -10.96
C GLU D 103 -38.77 16.58 -9.91
N SER D 104 -38.77 17.84 -10.30
CA SER D 104 -38.97 18.92 -9.35
C SER D 104 -39.28 20.21 -10.09
N ARG D 105 -40.01 21.10 -9.43
CA ARG D 105 -40.31 22.41 -10.01
C ARG D 105 -39.30 23.44 -9.54
N LEU D 106 -38.31 22.98 -8.78
CA LEU D 106 -37.24 23.85 -8.30
C LEU D 106 -36.01 23.60 -9.15
N ASN D 107 -35.14 24.60 -9.22
CA ASN D 107 -33.87 24.43 -9.93
C ASN D 107 -32.87 23.71 -9.01
N LEU D 108 -31.72 23.34 -9.56
CA LEU D 108 -30.80 22.45 -8.84
C LEU D 108 -30.22 23.08 -7.59
N VAL D 109 -29.80 24.34 -7.68
CA VAL D 109 -29.36 25.04 -6.50
C VAL D 109 -30.42 24.92 -5.40
N GLN D 110 -31.67 25.20 -5.73
CA GLN D 110 -32.74 25.15 -4.74
C GLN D 110 -32.97 23.74 -4.18
N ARG D 111 -33.05 22.75 -5.07
CA ARG D 111 -33.25 21.37 -4.64
C ARG D 111 -32.11 20.90 -3.74
N ASN D 112 -30.88 21.16 -4.16
CA ASN D 112 -29.73 20.70 -3.41
C ASN D 112 -29.48 21.49 -2.12
N VAL D 113 -29.94 22.75 -2.09
CA VAL D 113 -29.94 23.51 -0.85
C VAL D 113 -30.94 22.90 0.13
N ASN D 114 -32.14 22.58 -0.33
CA ASN D 114 -33.13 21.93 0.55
C ASN D 114 -32.63 20.59 1.03
N ILE D 115 -31.93 19.85 0.18
CA ILE D 115 -31.28 18.61 0.59
C ILE D 115 -30.23 18.86 1.69
N PHE D 116 -29.34 19.82 1.48
CA PHE D 116 -28.35 20.16 2.51
C PHE D 116 -29.04 20.61 3.81
N LYS D 117 -30.15 21.33 3.67
CA LYS D 117 -30.87 21.81 4.84
C LYS D 117 -31.29 20.66 5.73
N PHE D 118 -31.53 19.50 5.10
CA PHE D 118 -31.87 18.27 5.81
C PHE D 118 -30.63 17.51 6.31
N ILE D 119 -29.61 17.40 5.45
CA ILE D 119 -28.40 16.63 5.79
C ILE D 119 -27.50 17.30 6.84
N ILE D 120 -27.14 18.56 6.60
CA ILE D 120 -26.07 19.20 7.38
C ILE D 120 -26.32 19.28 8.90
N PRO D 121 -27.52 19.75 9.33
CA PRO D 121 -27.72 19.78 10.78
C PRO D 121 -27.64 18.40 11.43
N ASN D 122 -28.00 17.35 10.69
CA ASN D 122 -27.93 16.02 11.24
C ASN D 122 -26.51 15.47 11.32
N VAL D 123 -25.67 15.83 10.35
CA VAL D 123 -24.26 15.49 10.43
C VAL D 123 -23.65 16.20 11.63
N VAL D 124 -23.96 17.48 11.78
CA VAL D 124 -23.33 18.28 12.83
C VAL D 124 -23.70 17.76 14.21
N LYS D 125 -24.97 17.38 14.38
CA LYS D 125 -25.45 16.81 15.63
C LYS D 125 -24.56 15.66 16.09
N TYR D 126 -24.23 14.76 15.15
CA TYR D 126 -23.57 13.53 15.52
C TYR D 126 -22.06 13.56 15.39
N SER D 127 -21.53 14.46 14.57
CA SER D 127 -20.08 14.61 14.46
C SER D 127 -19.69 16.08 14.50
N PRO D 128 -19.95 16.75 15.63
CA PRO D 128 -19.73 18.21 15.73
C PRO D 128 -18.31 18.64 15.35
N ASN D 129 -17.34 17.74 15.53
CA ASN D 129 -15.95 18.06 15.28
C ASN D 129 -15.37 17.57 13.95
N CYS D 130 -16.24 17.03 13.10
CA CYS D 130 -15.79 16.49 11.83
C CYS D 130 -15.36 17.61 10.88
N LYS D 131 -14.55 17.22 9.90
CA LYS D 131 -14.35 18.02 8.70
C LYS D 131 -15.41 17.64 7.66
N LEU D 132 -15.96 18.65 6.97
CA LEU D 132 -16.99 18.44 5.96
C LEU D 132 -16.39 18.56 4.58
N LEU D 133 -16.57 17.54 3.74
CA LEU D 133 -16.06 17.60 2.37
C LEU D 133 -17.22 17.54 1.40
N ILE D 134 -17.43 18.62 0.67
CA ILE D 134 -18.61 18.77 -0.17
C ILE D 134 -18.28 18.48 -1.61
N VAL D 135 -19.00 17.52 -2.20
CA VAL D 135 -18.83 17.16 -3.60
C VAL D 135 -20.00 17.67 -4.46
N SER D 136 -21.20 17.66 -3.89
CA SER D 136 -22.43 17.95 -4.64
C SER D 136 -22.42 19.29 -5.37
N ASN D 137 -23.07 19.32 -6.53
CA ASN D 137 -23.04 20.49 -7.41
C ASN D 137 -24.24 21.42 -7.26
N PRO D 138 -24.06 22.71 -7.60
CA PRO D 138 -22.78 23.34 -7.95
C PRO D 138 -21.90 23.45 -6.72
N VAL D 139 -20.72 22.85 -6.80
CA VAL D 139 -19.95 22.56 -5.60
C VAL D 139 -19.54 23.82 -4.83
N ASP D 140 -19.24 24.90 -5.52
CA ASP D 140 -18.84 26.13 -4.81
C ASP D 140 -20.02 26.75 -4.02
N ILE D 141 -21.19 26.79 -4.63
CA ILE D 141 -22.36 27.31 -3.94
C ILE D 141 -22.68 26.42 -2.76
N LEU D 142 -22.66 25.12 -3.00
CA LEU D 142 -23.02 24.14 -1.97
C LEU D 142 -21.99 24.03 -0.84
N THR D 143 -20.74 24.35 -1.11
CA THR D 143 -19.76 24.39 -0.03
C THR D 143 -20.11 25.56 0.91
N TYR D 144 -20.45 26.70 0.33
CA TYR D 144 -20.93 27.88 1.07
C TYR D 144 -22.18 27.54 1.89
N VAL D 145 -23.10 26.82 1.25
CA VAL D 145 -24.34 26.42 1.92
C VAL D 145 -24.02 25.50 3.10
N ALA D 146 -23.08 24.56 2.90
CA ALA D 146 -22.66 23.69 4.01
C ALA D 146 -22.01 24.51 5.11
N TRP D 147 -21.22 25.49 4.74
CA TRP D 147 -20.59 26.37 5.72
C TRP D 147 -21.63 27.20 6.51
N LYS D 148 -22.56 27.85 5.81
CA LYS D 148 -23.62 28.61 6.45
C LYS D 148 -24.46 27.77 7.42
N ILE D 149 -24.94 26.62 6.96
CA ILE D 149 -25.82 25.80 7.78
C ILE D 149 -25.08 25.13 8.95
N SER D 150 -23.86 24.67 8.73
CA SER D 150 -23.16 23.93 9.78
C SER D 150 -22.72 24.82 10.94
N GLY D 151 -22.43 26.08 10.64
CA GLY D 151 -21.80 26.95 11.63
C GLY D 151 -20.33 26.64 11.83
N PHE D 152 -19.78 25.71 11.06
CA PHE D 152 -18.39 25.29 11.23
C PHE D 152 -17.39 26.42 10.95
N PRO D 153 -16.21 26.38 11.59
CA PRO D 153 -15.16 27.31 11.18
C PRO D 153 -14.72 27.04 9.73
N LYS D 154 -14.18 28.05 9.06
CA LYS D 154 -13.84 27.95 7.65
C LYS D 154 -12.96 26.76 7.32
N ASN D 155 -12.04 26.44 8.24
CA ASN D 155 -11.05 25.39 7.96
C ASN D 155 -11.69 24.01 7.87
N ARG D 156 -12.88 23.86 8.45
CA ARG D 156 -13.51 22.55 8.50
C ARG D 156 -14.57 22.30 7.44
N VAL D 157 -14.69 23.20 6.47
CA VAL D 157 -15.59 22.99 5.34
C VAL D 157 -14.81 23.11 4.05
N ILE D 158 -14.69 21.99 3.35
CA ILE D 158 -13.81 21.87 2.21
C ILE D 158 -14.65 21.48 1.02
N GLY D 159 -14.54 22.25 -0.07
CA GLY D 159 -15.24 21.89 -1.28
C GLY D 159 -14.30 21.18 -2.23
N SER D 160 -14.75 20.06 -2.80
CA SER D 160 -13.99 19.36 -3.83
C SER D 160 -13.50 20.31 -4.92
N GLY D 161 -14.34 21.26 -5.30
CA GLY D 161 -13.91 22.36 -6.14
C GLY D 161 -13.19 21.96 -7.41
N CYS D 162 -12.01 22.50 -7.62
CA CYS D 162 -11.30 22.26 -8.87
C CYS D 162 -10.34 21.08 -8.79
N ASN D 163 -10.56 20.20 -7.82
CA ASN D 163 -9.70 19.04 -7.66
C ASN D 163 -9.83 18.09 -8.86
N LEU D 164 -11.06 17.82 -9.29
CA LEU D 164 -11.26 16.97 -10.47
C LEU D 164 -10.77 17.67 -11.74
N ASP D 165 -11.00 18.98 -11.82
CA ASP D 165 -10.59 19.73 -13.00
C ASP D 165 -9.10 19.61 -13.16
N SER D 166 -8.39 19.81 -12.06
CA SER D 166 -6.94 19.79 -12.10
C SER D 166 -6.42 18.40 -12.45
N ALA D 167 -7.03 17.38 -11.86
CA ALA D 167 -6.64 15.99 -12.10
C ALA D 167 -6.80 15.65 -13.59
N ARG D 168 -7.89 16.13 -14.19
CA ARG D 168 -8.11 15.92 -15.61
C ARG D 168 -7.08 16.69 -16.44
N PHE D 169 -6.77 17.90 -16.00
CA PHE D 169 -5.85 18.74 -16.75
C PHE D 169 -4.46 18.13 -16.80
N ARG D 170 -3.99 17.64 -15.66
CA ARG D 170 -2.69 17.00 -15.56
C ARG D 170 -2.65 15.69 -16.35
N TYR D 171 -3.77 14.97 -16.38
CA TYR D 171 -3.84 13.76 -17.21
C TYR D 171 -3.57 14.08 -18.66
N LEU D 172 -4.25 15.12 -19.17
CA LEU D 172 -4.15 15.50 -20.57
C LEU D 172 -2.78 16.06 -20.86
N MET D 173 -2.23 16.77 -19.88
CA MET D 173 -0.90 17.35 -19.97
C MET D 173 0.17 16.25 -20.05
N GLY D 174 0.02 15.26 -19.16
CA GLY D 174 0.90 14.12 -19.17
C GLY D 174 0.86 13.36 -20.48
N GLU D 175 -0.30 13.38 -21.14
CA GLU D 175 -0.46 12.71 -22.43
C GLU D 175 0.29 13.44 -23.54
N ARG D 176 0.22 14.77 -23.54
CA ARG D 176 0.93 15.56 -24.55
C ARG D 176 2.44 15.49 -24.42
N LEU D 177 2.91 15.37 -23.17
CA LEU D 177 4.34 15.47 -22.89
C LEU D 177 5.02 14.12 -22.80
N GLY D 178 4.22 13.06 -22.59
CA GLY D 178 4.77 11.73 -22.44
C GLY D 178 5.38 11.54 -21.07
N VAL D 179 4.74 12.14 -20.08
CA VAL D 179 5.24 12.13 -18.71
C VAL D 179 4.07 11.77 -17.78
N HIS D 180 4.34 10.99 -16.73
CA HIS D 180 3.28 10.67 -15.78
C HIS D 180 2.67 11.96 -15.22
N PRO D 181 1.34 11.97 -15.01
CA PRO D 181 0.67 13.16 -14.47
C PRO D 181 1.23 13.61 -13.13
N LEU D 182 1.83 12.70 -12.36
CA LEU D 182 2.45 13.06 -11.09
C LEU D 182 3.58 14.08 -11.25
N SER D 183 4.23 14.06 -12.42
CA SER D 183 5.39 14.92 -12.64
C SER D 183 5.02 16.09 -13.56
N CYS D 184 3.76 16.13 -13.97
CA CYS D 184 3.22 17.23 -14.77
C CYS D 184 2.38 18.14 -13.90
N HIS D 185 2.97 19.26 -13.48
CA HIS D 185 2.32 20.14 -12.51
C HIS D 185 1.60 21.28 -13.21
N GLY D 186 0.39 21.53 -12.78
CA GLY D 186 -0.44 22.57 -13.37
C GLY D 186 -1.66 22.68 -12.51
N TRP D 187 -2.17 23.90 -12.43
CA TRP D 187 -3.25 24.21 -11.51
C TRP D 187 -4.46 24.79 -12.21
N VAL D 188 -5.62 24.19 -11.97
CA VAL D 188 -6.88 24.78 -12.43
C VAL D 188 -7.65 25.27 -11.21
N LEU D 189 -8.03 26.55 -11.22
CA LEU D 189 -8.50 27.21 -10.01
C LEU D 189 -9.79 27.99 -10.26
N GLY D 190 -10.33 28.57 -9.20
CA GLY D 190 -11.54 29.37 -9.33
C GLY D 190 -12.78 28.52 -9.21
N GLU D 191 -13.75 28.78 -10.08
CA GLU D 191 -15.05 28.13 -10.01
C GLU D 191 -15.00 26.77 -10.69
N HIS D 192 -15.51 25.75 -10.02
CA HIS D 192 -15.49 24.40 -10.58
C HIS D 192 -16.27 24.32 -11.87
N GLY D 193 -15.71 23.65 -12.87
CA GLY D 193 -16.43 23.37 -14.11
C GLY D 193 -16.16 24.28 -15.28
N ASP D 194 -17.24 24.70 -15.97
CA ASP D 194 -17.16 25.51 -17.18
C ASP D 194 -16.23 26.71 -17.04
N SER D 195 -16.34 27.41 -15.92
CA SER D 195 -15.69 28.70 -15.74
C SER D 195 -14.36 28.63 -15.01
N SER D 196 -13.78 27.44 -14.93
CA SER D 196 -12.53 27.25 -14.20
C SER D 196 -11.38 27.95 -14.92
N VAL D 197 -10.28 28.16 -14.21
CA VAL D 197 -9.18 28.92 -14.77
C VAL D 197 -7.89 28.12 -14.77
N PRO D 198 -7.38 27.78 -15.96
CA PRO D 198 -6.06 27.13 -16.00
C PRO D 198 -4.97 28.18 -15.76
N VAL D 199 -4.17 28.03 -14.71
CA VAL D 199 -3.13 29.02 -14.42
C VAL D 199 -1.87 28.68 -15.19
N TRP D 200 -1.71 29.27 -16.37
CA TRP D 200 -0.60 28.92 -17.27
C TRP D 200 0.78 29.10 -16.66
N SER D 201 0.95 30.14 -15.87
CA SER D 201 2.25 30.48 -15.31
C SER D 201 2.84 29.37 -14.43
N GLY D 202 1.99 28.51 -13.88
CA GLY D 202 2.45 27.52 -12.93
C GLY D 202 2.68 26.14 -13.52
N MET D 203 2.33 26.00 -14.79
CA MET D 203 2.47 24.73 -15.48
CA MET D 203 2.49 24.72 -15.45
C MET D 203 3.94 24.40 -15.72
N ASN D 204 4.39 23.25 -15.20
CA ASN D 204 5.82 22.94 -15.28
C ASN D 204 6.13 21.47 -15.13
N VAL D 205 7.31 21.09 -15.62
CA VAL D 205 7.88 19.79 -15.32
C VAL D 205 9.24 20.03 -14.71
N ALA D 206 9.47 19.46 -13.53
CA ALA D 206 10.76 19.60 -12.86
C ALA D 206 11.16 21.06 -12.62
N GLY D 207 10.19 21.93 -12.40
CA GLY D 207 10.47 23.32 -12.10
C GLY D 207 10.80 24.17 -13.32
N VAL D 208 10.71 23.55 -14.50
CA VAL D 208 10.89 24.27 -15.76
C VAL D 208 9.53 24.76 -16.28
N SER D 209 9.34 26.07 -16.31
CA SER D 209 8.09 26.67 -16.74
C SER D 209 7.82 26.55 -18.24
N LEU D 210 6.71 25.92 -18.59
CA LEU D 210 6.29 25.77 -19.98
C LEU D 210 6.02 27.13 -20.64
N LYS D 211 5.46 28.05 -19.87
CA LYS D 211 5.17 29.41 -20.35
C LYS D 211 6.46 30.16 -20.68
N THR D 212 7.50 29.90 -19.91
CA THR D 212 8.80 30.50 -20.16
C THR D 212 9.39 29.97 -21.47
N LEU D 213 9.40 28.65 -21.65
CA LEU D 213 9.92 28.06 -22.89
C LEU D 213 9.11 28.50 -24.11
N HIS D 214 7.82 28.72 -23.90
CA HIS D 214 6.88 28.83 -24.99
C HIS D 214 5.89 29.93 -24.60
N PRO D 215 6.25 31.19 -24.84
CA PRO D 215 5.49 32.32 -24.28
C PRO D 215 4.07 32.46 -24.85
N ASP D 216 3.79 31.81 -25.96
CA ASP D 216 2.44 31.87 -26.54
C ASP D 216 1.49 30.91 -25.85
N LEU D 217 2.03 30.07 -24.98
CA LEU D 217 1.25 29.07 -24.25
C LEU D 217 -0.02 29.66 -23.63
N GLY D 218 -1.16 29.04 -23.97
CA GLY D 218 -2.44 29.45 -23.42
C GLY D 218 -3.11 30.60 -24.17
N THR D 219 -2.36 31.27 -25.04
CA THR D 219 -2.93 32.36 -25.83
C THR D 219 -3.49 31.81 -27.13
N ASP D 220 -4.25 32.64 -27.84
CA ASP D 220 -4.82 32.25 -29.13
C ASP D 220 -3.76 32.25 -30.23
N LYS D 221 -2.62 32.87 -29.95
CA LYS D 221 -1.47 32.85 -30.85
C LYS D 221 -0.76 31.50 -30.86
N ASP D 222 -0.94 30.73 -29.79
CA ASP D 222 -0.27 29.43 -29.64
C ASP D 222 -0.57 28.48 -30.78
N LYS D 223 0.47 28.02 -31.47
CA LYS D 223 0.34 27.14 -32.62
C LYS D 223 0.13 25.67 -32.22
N GLU D 224 0.48 25.34 -30.98
CA GLU D 224 0.22 24.00 -30.49
C GLU D 224 -1.13 23.96 -29.80
N GLN D 225 -1.77 25.12 -29.69
CA GLN D 225 -3.13 25.23 -29.17
C GLN D 225 -3.29 24.60 -27.79
N TRP D 226 -2.42 25.00 -26.86
CA TRP D 226 -2.46 24.46 -25.51
C TRP D 226 -3.72 24.84 -24.74
N LYS D 227 -4.36 25.94 -25.14
CA LYS D 227 -5.64 26.35 -24.58
C LYS D 227 -6.66 25.23 -24.71
N GLU D 228 -6.53 24.43 -25.76
CA GLU D 228 -7.44 23.32 -26.01
C GLU D 228 -7.36 22.26 -24.92
N VAL D 229 -6.24 22.21 -24.21
CA VAL D 229 -6.12 21.24 -23.12
C VAL D 229 -7.17 21.55 -22.06
N HIS D 230 -7.29 22.81 -21.69
CA HIS D 230 -8.31 23.21 -20.72
C HIS D 230 -9.71 23.05 -21.31
N LYS D 231 -9.85 23.34 -22.60
CA LYS D 231 -11.12 23.18 -23.28
C LYS D 231 -11.55 21.71 -23.26
N GLN D 232 -10.57 20.83 -23.41
CA GLN D 232 -10.82 19.38 -23.35
C GLN D 232 -11.22 18.91 -21.96
N VAL D 233 -10.75 19.57 -20.92
CA VAL D 233 -11.21 19.23 -19.56
C VAL D 233 -12.72 19.47 -19.47
N VAL D 234 -13.17 20.57 -20.04
CA VAL D 234 -14.58 20.92 -19.95
C VAL D 234 -15.40 19.97 -20.82
N GLU D 235 -14.93 19.73 -22.04
CA GLU D 235 -15.65 18.86 -22.95
C GLU D 235 -15.73 17.42 -22.43
N SER D 236 -14.65 16.97 -21.78
CA SER D 236 -14.58 15.64 -21.16
C SER D 236 -15.77 15.39 -20.26
N ALA D 237 -16.09 16.38 -19.43
CA ALA D 237 -17.18 16.25 -18.48
C ALA D 237 -18.47 15.88 -19.21
N TYR D 238 -18.82 16.68 -20.22
CA TYR D 238 -20.05 16.43 -20.94
C TYR D 238 -20.00 15.14 -21.76
N GLU D 239 -18.82 14.81 -22.26
CA GLU D 239 -18.69 13.60 -23.05
C GLU D 239 -18.89 12.35 -22.20
N VAL D 240 -18.19 12.26 -21.07
CA VAL D 240 -18.37 11.13 -20.16
C VAL D 240 -19.83 10.96 -19.73
N ILE D 241 -20.55 12.08 -19.52
CA ILE D 241 -21.97 12.01 -19.22
C ILE D 241 -22.76 11.42 -20.38
N LYS D 242 -22.47 11.87 -21.59
CA LYS D 242 -23.14 11.33 -22.76
C LYS D 242 -22.83 9.82 -22.93
N LEU D 243 -21.55 9.46 -22.79
CA LEU D 243 -21.11 8.08 -22.97
C LEU D 243 -21.61 7.09 -21.92
N LYS D 244 -21.59 7.45 -20.63
CA LYS D 244 -21.98 6.50 -19.58
C LYS D 244 -23.06 6.98 -18.61
N GLY D 245 -23.51 8.22 -18.75
CA GLY D 245 -24.61 8.72 -17.93
C GLY D 245 -24.22 9.42 -16.63
N TYR D 246 -22.93 9.34 -16.26
CA TYR D 246 -22.45 9.88 -15.01
C TYR D 246 -20.92 9.73 -14.99
N THR D 247 -20.26 10.33 -14.01
CA THR D 247 -18.83 10.10 -13.77
C THR D 247 -18.69 9.57 -12.35
N SER D 248 -17.75 8.66 -12.14
CA SER D 248 -17.57 8.09 -10.81
C SER D 248 -16.12 7.79 -10.46
N TRP D 249 -15.40 7.11 -11.34
CA TRP D 249 -14.06 6.60 -10.98
C TRP D 249 -13.07 7.73 -10.68
N ALA D 250 -13.01 8.73 -11.56
CA ALA D 250 -12.05 9.82 -11.38
C ALA D 250 -12.40 10.67 -10.15
N ILE D 251 -13.65 11.06 -10.02
CA ILE D 251 -14.05 11.88 -8.89
C ILE D 251 -13.82 11.14 -7.58
N GLY D 252 -14.16 9.87 -7.55
CA GLY D 252 -13.97 9.06 -6.36
C GLY D 252 -12.51 8.89 -6.00
N LEU D 253 -11.65 8.75 -7.00
CA LEU D 253 -10.22 8.66 -6.73
C LEU D 253 -9.68 9.99 -6.20
N SER D 254 -10.25 11.08 -6.68
CA SER D 254 -9.80 12.41 -6.31
CA SER D 254 -9.83 12.42 -6.32
C SER D 254 -10.24 12.74 -4.89
N VAL D 255 -11.43 12.29 -4.51
CA VAL D 255 -11.92 12.52 -3.16
C VAL D 255 -11.08 11.75 -2.15
N ALA D 256 -10.73 10.50 -2.46
CA ALA D 256 -9.91 9.69 -1.56
C ALA D 256 -8.52 10.30 -1.30
N ASP D 257 -7.99 11.00 -2.30
CA ASP D 257 -6.68 11.65 -2.19
C ASP D 257 -6.76 12.82 -1.19
N LEU D 258 -7.84 13.60 -1.25
CA LEU D 258 -8.09 14.63 -0.25
C LEU D 258 -8.26 14.00 1.14
N ALA D 259 -9.08 12.95 1.22
CA ALA D 259 -9.30 12.25 2.49
C ALA D 259 -7.98 11.73 3.06
N GLU D 260 -7.11 11.26 2.17
CA GLU D 260 -5.79 10.81 2.62
C GLU D 260 -5.03 11.93 3.32
N SER D 261 -4.93 13.11 2.69
CA SER D 261 -4.21 14.20 3.31
C SER D 261 -4.85 14.60 4.63
N ILE D 262 -6.18 14.65 4.66
CA ILE D 262 -6.90 15.00 5.89
C ILE D 262 -6.71 13.98 7.02
N MET D 263 -6.95 12.70 6.73
CA MET D 263 -6.92 11.65 7.76
C MET D 263 -5.51 11.43 8.30
N LYS D 264 -4.52 11.57 7.43
CA LYS D 264 -3.14 11.38 7.82
C LYS D 264 -2.41 12.68 8.21
N ASN D 265 -3.13 13.81 8.18
CA ASN D 265 -2.54 15.11 8.51
C ASN D 265 -1.28 15.42 7.68
N LEU D 266 -1.36 15.22 6.37
CA LEU D 266 -0.17 15.29 5.52
C LEU D 266 0.32 16.71 5.24
N ARG D 267 -0.60 17.67 5.27
CA ARG D 267 -0.29 19.04 4.88
C ARG D 267 0.27 19.09 3.45
N ARG D 268 -0.30 18.28 2.57
CA ARG D 268 -0.09 18.43 1.14
C ARG D 268 -0.96 19.56 0.62
N VAL D 269 -0.65 20.05 -0.57
CA VAL D 269 -1.44 21.13 -1.17
C VAL D 269 -2.32 20.62 -2.31
N HIS D 270 -3.62 20.91 -2.21
CA HIS D 270 -4.61 20.46 -3.20
C HIS D 270 -5.43 21.65 -3.66
N PRO D 271 -5.89 21.62 -4.94
CA PRO D 271 -6.82 22.64 -5.44
C PRO D 271 -8.24 22.32 -5.00
N VAL D 272 -8.71 22.97 -3.95
CA VAL D 272 -10.04 22.75 -3.41
C VAL D 272 -10.70 24.08 -3.11
N SER D 273 -12.00 24.04 -2.90
CA SER D 273 -12.79 25.26 -2.71
C SER D 273 -12.82 25.67 -1.25
N THR D 274 -12.47 26.93 -0.99
CA THR D 274 -12.43 27.46 0.36
C THR D 274 -12.95 28.90 0.37
N MET D 275 -13.31 29.40 1.54
CA MET D 275 -13.83 30.77 1.66
C MET D 275 -12.73 31.73 1.24
N ILE D 276 -12.97 32.45 0.15
CA ILE D 276 -11.91 33.18 -0.53
C ILE D 276 -11.94 34.70 -0.26
N LYS D 277 -12.88 35.15 0.57
CA LYS D 277 -12.98 36.56 0.91
C LYS D 277 -11.65 37.09 1.40
N GLY D 278 -11.23 38.23 0.86
CA GLY D 278 -9.96 38.83 1.24
C GLY D 278 -8.93 38.73 0.14
N LEU D 279 -9.17 37.88 -0.85
CA LEU D 279 -8.23 37.72 -1.96
C LEU D 279 -8.83 38.16 -3.28
N TYR D 280 -7.95 38.56 -4.19
CA TYR D 280 -8.32 38.88 -5.55
C TYR D 280 -9.40 39.96 -5.65
N GLY D 281 -9.43 40.83 -4.66
CA GLY D 281 -10.38 41.92 -4.65
C GLY D 281 -11.77 41.40 -4.37
N ILE D 282 -11.86 40.13 -3.97
CA ILE D 282 -13.14 39.55 -3.65
C ILE D 282 -13.49 39.86 -2.22
N LYS D 283 -14.64 40.51 -2.04
CA LYS D 283 -15.07 40.97 -0.72
C LYS D 283 -16.37 40.31 -0.25
N ASP D 284 -16.87 39.33 -0.99
CA ASP D 284 -18.07 38.61 -0.57
C ASP D 284 -17.77 37.24 0.03
N ASP D 285 -18.74 36.69 0.77
CA ASP D 285 -18.63 35.34 1.32
C ASP D 285 -18.76 34.29 0.23
N VAL D 286 -17.73 34.10 -0.57
CA VAL D 286 -17.78 33.06 -1.58
C VAL D 286 -16.67 32.04 -1.44
N PHE D 287 -16.93 30.85 -1.94
CA PHE D 287 -15.96 29.78 -1.95
C PHE D 287 -15.50 29.57 -3.39
N LEU D 288 -14.19 29.54 -3.60
CA LEU D 288 -13.59 29.25 -4.89
C LEU D 288 -12.33 28.44 -4.63
N SER D 289 -11.82 27.80 -5.67
CA SER D 289 -10.65 26.95 -5.50
C SER D 289 -9.35 27.73 -5.63
N VAL D 290 -8.49 27.54 -4.63
CA VAL D 290 -7.09 27.96 -4.67
C VAL D 290 -6.30 26.80 -4.07
N PRO D 291 -4.97 26.82 -4.17
CA PRO D 291 -4.26 25.68 -3.57
C PRO D 291 -4.30 25.75 -2.05
N CYS D 292 -4.80 24.70 -1.40
CA CYS D 292 -4.95 24.69 0.06
C CYS D 292 -4.13 23.60 0.73
N ILE D 293 -3.61 23.91 1.92
CA ILE D 293 -2.89 22.93 2.71
CA ILE D 293 -2.88 22.93 2.70
C ILE D 293 -3.88 22.13 3.53
N LEU D 294 -3.98 20.82 3.24
CA LEU D 294 -4.97 19.97 3.92
C LEU D 294 -4.34 19.05 4.98
N GLY D 295 -4.94 19.02 6.16
CA GLY D 295 -4.47 18.18 7.24
C GLY D 295 -5.63 17.85 8.16
N GLN D 296 -5.31 17.41 9.38
CA GLN D 296 -6.33 16.98 10.35
C GLN D 296 -7.30 18.06 10.82
N ASN D 297 -6.98 19.32 10.52
CA ASN D 297 -7.85 20.44 10.84
C ASN D 297 -8.58 20.94 9.61
N GLY D 298 -8.45 20.22 8.51
CA GLY D 298 -9.06 20.64 7.26
C GLY D 298 -8.11 21.56 6.48
N ILE D 299 -8.63 22.68 6.02
CA ILE D 299 -7.80 23.68 5.35
C ILE D 299 -7.16 24.62 6.40
N SER D 300 -5.89 24.40 6.72
CA SER D 300 -5.21 25.22 7.73
C SER D 300 -4.55 26.46 7.15
N ASP D 301 -4.36 26.46 5.84
CA ASP D 301 -3.58 27.48 5.16
C ASP D 301 -3.96 27.43 3.70
N LEU D 302 -3.82 28.54 3.00
CA LEU D 302 -3.97 28.51 1.55
C LEU D 302 -2.79 29.22 0.88
N VAL D 303 -2.49 28.82 -0.35
CA VAL D 303 -1.38 29.40 -1.08
C VAL D 303 -1.86 30.59 -1.92
N LYS D 304 -1.15 31.70 -1.81
CA LYS D 304 -1.51 32.92 -2.51
C LYS D 304 -0.89 32.91 -3.89
N VAL D 305 -1.68 32.51 -4.87
CA VAL D 305 -1.17 32.40 -6.23
C VAL D 305 -1.20 33.74 -6.95
N THR D 306 -0.09 34.10 -7.56
CA THR D 306 -0.03 35.31 -8.37
C THR D 306 -0.71 35.07 -9.70
N LEU D 307 -1.80 35.79 -9.92
CA LEU D 307 -2.57 35.66 -11.14
C LEU D 307 -2.34 36.82 -12.10
N THR D 308 -2.50 36.55 -13.39
CA THR D 308 -2.50 37.63 -14.38
C THR D 308 -3.78 38.43 -14.23
N SER D 309 -3.84 39.60 -14.86
CA SER D 309 -5.04 40.43 -14.78
C SER D 309 -6.26 39.69 -15.30
N GLU D 310 -6.08 38.96 -16.40
CA GLU D 310 -7.17 38.16 -16.93
C GLU D 310 -7.65 37.09 -15.93
N GLU D 311 -6.72 36.30 -15.41
CA GLU D 311 -7.04 35.22 -14.48
C GLU D 311 -7.79 35.79 -13.28
N GLU D 312 -7.29 36.91 -12.77
CA GLU D 312 -7.90 37.57 -11.63
C GLU D 312 -9.32 38.03 -11.96
N ALA D 313 -9.52 38.53 -13.17
CA ALA D 313 -10.84 39.02 -13.58
C ALA D 313 -11.83 37.86 -13.66
N ARG D 314 -11.35 36.71 -14.12
CA ARG D 314 -12.19 35.53 -14.22
C ARG D 314 -12.66 35.05 -12.85
N LEU D 315 -11.75 35.00 -11.89
CA LEU D 315 -12.11 34.61 -10.54
C LEU D 315 -13.11 35.59 -9.96
N LYS D 316 -12.88 36.87 -10.24
CA LYS D 316 -13.74 37.94 -9.73
C LYS D 316 -15.13 37.83 -10.34
N LYS D 317 -15.20 37.54 -11.63
CA LYS D 317 -16.48 37.36 -12.29
C LYS D 317 -17.26 36.18 -11.69
N SER D 318 -16.55 35.11 -11.36
CA SER D 318 -17.19 33.96 -10.75
C SER D 318 -17.70 34.32 -9.36
N ALA D 319 -16.89 35.01 -8.58
CA ALA D 319 -17.31 35.47 -7.25
C ALA D 319 -18.55 36.35 -7.34
N ASP D 320 -18.56 37.29 -8.28
CA ASP D 320 -19.73 38.14 -8.50
C ASP D 320 -20.97 37.30 -8.77
N THR D 321 -20.89 36.38 -9.74
CA THR D 321 -22.00 35.50 -10.06
C THR D 321 -22.44 34.66 -8.85
N LEU D 322 -21.49 34.00 -8.20
CA LEU D 322 -21.82 33.17 -7.06
C LEU D 322 -22.53 33.96 -5.96
N TRP D 323 -21.93 35.07 -5.57
CA TRP D 323 -22.54 35.87 -4.51
C TRP D 323 -23.90 36.41 -4.95
N GLY D 324 -24.02 36.79 -6.21
CA GLY D 324 -25.29 37.20 -6.79
C GLY D 324 -26.42 36.20 -6.52
N ILE D 325 -26.09 34.91 -6.64
CA ILE D 325 -27.03 33.83 -6.36
C ILE D 325 -27.21 33.60 -4.85
N GLN D 326 -26.10 33.58 -4.13
CA GLN D 326 -26.09 33.22 -2.73
C GLN D 326 -26.81 34.23 -1.85
N LYS D 327 -26.73 35.51 -2.22
CA LYS D 327 -27.32 36.57 -1.41
C LYS D 327 -28.84 36.44 -1.34
N GLU D 328 -29.43 35.78 -2.32
CA GLU D 328 -30.87 35.58 -2.37
C GLU D 328 -31.35 34.29 -1.70
N LEU D 329 -30.43 33.52 -1.14
CA LEU D 329 -30.79 32.26 -0.50
C LEU D 329 -31.44 32.49 0.86
N GLN D 330 -32.41 31.65 1.22
CA GLN D 330 -33.11 31.74 2.49
C GLN D 330 -32.80 30.58 3.42
N PHE D 331 -32.16 30.89 4.54
CA PHE D 331 -31.92 29.91 5.60
C PHE D 331 -32.83 30.19 6.78
#